data_6VP4
#
_entry.id   6VP4
#
_cell.length_a   49.730
_cell.length_b   78.807
_cell.length_c   195.905
_cell.angle_alpha   90.000
_cell.angle_beta   92.665
_cell.angle_gamma   90.000
#
_symmetry.space_group_name_H-M   'P 1 21 1'
#
loop_
_entity.id
_entity.type
_entity.pdbx_description
1 polymer '2-oxoglutarate-dependent ethylene/succinate-forming enzyme'
2 non-polymer 'FE (III) ION'
3 non-polymer '2-OXOGLUTARIC ACID'
4 non-polymer ARGININE
5 non-polymer 2-[3-(2-HYDROXY-1,1-DIHYDROXYMETHYL-ETHYLAMINO)-PROPYLAMINO]-2-HYDROXYMETHYL-PROPANE-1,3-DIOL
6 water water
#
_entity_poly.entity_id   1
_entity_poly.type   'polypeptide(L)'
_entity_poly.pdbx_seq_one_letter_code
;MTNLQTFELPTEVTGCAADISLGRALIQAWQKDGIFQIKTDSEQDRKTQEAMAASKQFCKEPLTFKSSCVSDLTYSGYVA
SGEEVTAGKPDFPEIFTVCKDLSVGDQRVKAGWPCHGPVPWPNNTYQKSMKTFMEELGLAGERLLKLTALGFELPINTFT
DLTRDGWHHMRVLRFPPQTSTLSRGIGAHTDYGLLVIAAQDDVGGLYIRPPVEGEKRNRNWLPGESSAGMFEHDEPWTFV
TPTPGVWTVFPGDILQFMTGGQLLSTPHKVKLNTRERFACAYFHEPNFEASAYPLFEPSANERIHYGEHFTNMFMRCYPD
RITTQRINKENRLAHLEDLKKYSDTRATGS
;
_entity_poly.pdbx_strand_id   A,B,C,D
#
loop_
_chem_comp.id
_chem_comp.type
_chem_comp.name
_chem_comp.formula
AKG non-polymer '2-OXOGLUTARIC ACID' 'C5 H6 O5'
B3P non-polymer 2-[3-(2-HYDROXY-1,1-DIHYDROXYMETHYL-ETHYLAMINO)-PROPYLAMINO]-2-HYDROXYMETHYL-PROPANE-1,3-DIOL 'C11 H26 N2 O6'
FE non-polymer 'FE (III) ION' 'Fe 3'
#
# COMPACT_ATOMS: atom_id res chain seq x y z
N MET A 1 -36.09 23.87 -9.84
CA MET A 1 -34.77 24.46 -9.60
C MET A 1 -34.45 25.50 -10.65
N THR A 2 -33.55 26.40 -10.34
CA THR A 2 -33.16 27.41 -11.28
C THR A 2 -31.86 27.07 -11.94
N ASN A 3 -31.14 26.07 -11.44
CA ASN A 3 -29.92 25.63 -12.09
C ASN A 3 -29.70 24.12 -11.91
N LEU A 4 -29.76 23.37 -13.00
CA LEU A 4 -29.59 21.94 -12.94
C LEU A 4 -28.15 21.54 -12.67
N GLN A 5 -27.96 20.38 -12.14
CA GLN A 5 -26.63 19.86 -11.91
C GLN A 5 -26.09 19.19 -13.17
N THR A 6 -24.80 19.37 -13.42
CA THR A 6 -24.15 18.84 -14.60
C THR A 6 -22.99 17.95 -14.17
N PHE A 7 -22.92 16.75 -14.74
CA PHE A 7 -21.90 15.77 -14.40
C PHE A 7 -21.10 15.37 -15.63
N GLU A 8 -19.89 14.89 -15.38
CA GLU A 8 -19.02 14.32 -16.39
C GLU A 8 -18.94 12.82 -16.17
N LEU A 9 -19.31 12.03 -17.20
CA LEU A 9 -19.23 10.61 -16.94
C LEU A 9 -17.88 10.05 -17.37
N PRO A 10 -17.34 9.06 -16.67
CA PRO A 10 -16.13 8.39 -17.14
C PRO A 10 -16.44 7.46 -18.30
N THR A 11 -15.42 7.22 -19.14
CA THR A 11 -15.61 6.34 -20.29
C THR A 11 -15.99 4.93 -19.85
N GLU A 12 -15.33 4.41 -18.82
CA GLU A 12 -15.65 3.11 -18.27
C GLU A 12 -16.08 3.25 -16.82
N VAL A 13 -17.09 2.47 -16.44
CA VAL A 13 -17.55 2.38 -15.05
C VAL A 13 -17.13 1.02 -14.53
N THR A 14 -16.26 1.01 -13.52
CA THR A 14 -15.69 -0.24 -13.00
C THR A 14 -16.08 -0.53 -11.56
N GLY A 15 -16.62 0.43 -10.83
CA GLY A 15 -16.88 0.27 -9.42
C GLY A 15 -15.87 0.92 -8.50
N CYS A 16 -15.00 1.79 -9.02
CA CYS A 16 -14.01 2.43 -8.17
C CYS A 16 -14.72 3.39 -7.21
N ALA A 17 -13.92 4.00 -6.32
CA ALA A 17 -14.46 4.92 -5.34
C ALA A 17 -15.12 6.13 -6.01
N ALA A 18 -14.46 6.70 -7.02
CA ALA A 18 -15.03 7.85 -7.71
C ALA A 18 -16.34 7.48 -8.40
N ASP A 19 -16.43 6.25 -8.92
CA ASP A 19 -17.68 5.78 -9.54
C ASP A 19 -18.82 5.79 -8.53
N ILE A 20 -18.56 5.29 -7.32
CA ILE A 20 -19.62 5.21 -6.32
C ILE A 20 -20.05 6.60 -5.89
N SER A 21 -19.08 7.50 -5.68
CA SER A 21 -19.41 8.88 -5.34
C SER A 21 -20.27 9.54 -6.41
N LEU A 22 -19.91 9.32 -7.68
CA LEU A 22 -20.69 9.89 -8.77
C LEU A 22 -22.08 9.28 -8.83
N GLY A 23 -22.18 7.95 -8.71
CA GLY A 23 -23.48 7.30 -8.75
C GLY A 23 -24.40 7.80 -7.66
N ARG A 24 -23.88 7.96 -6.45
CA ARG A 24 -24.69 8.53 -5.36
C ARG A 24 -25.13 9.95 -5.70
N ALA A 25 -24.24 10.74 -6.30
CA ALA A 25 -24.57 12.12 -6.66
C ALA A 25 -25.65 12.17 -7.74
N LEU A 26 -25.60 11.26 -8.71
CA LEU A 26 -26.64 11.22 -9.74
C LEU A 26 -27.99 10.89 -9.13
N ILE A 27 -28.04 9.91 -8.23
CA ILE A 27 -29.30 9.54 -7.60
C ILE A 27 -29.86 10.70 -6.79
N GLN A 28 -29.01 11.37 -6.00
CA GLN A 28 -29.46 12.50 -5.21
C GLN A 28 -30.00 13.62 -6.10
N ALA A 29 -29.39 13.82 -7.27
CA ALA A 29 -29.88 14.86 -8.17
C ALA A 29 -31.26 14.50 -8.73
N TRP A 30 -31.46 13.22 -9.06
CA TRP A 30 -32.79 12.78 -9.48
C TRP A 30 -33.79 12.95 -8.35
N GLN A 31 -33.39 12.64 -7.12
CA GLN A 31 -34.32 12.71 -6.01
C GLN A 31 -34.65 14.15 -5.62
N LYS A 32 -33.77 15.09 -5.92
CA LYS A 32 -34.03 16.49 -5.63
C LYS A 32 -34.69 17.22 -6.79
N ASP A 33 -34.15 17.06 -8.00
CA ASP A 33 -34.56 17.86 -9.16
C ASP A 33 -35.33 17.08 -10.21
N GLY A 34 -35.31 15.76 -10.18
CA GLY A 34 -35.99 14.96 -11.19
C GLY A 34 -35.21 14.78 -12.48
N ILE A 35 -34.01 15.34 -12.58
CA ILE A 35 -33.29 15.42 -13.84
C ILE A 35 -31.88 15.93 -13.53
N PHE A 36 -30.94 15.62 -14.42
CA PHE A 36 -29.63 16.28 -14.39
C PHE A 36 -29.08 16.31 -15.81
N GLN A 37 -27.98 17.04 -15.98
CA GLN A 37 -27.30 17.14 -17.25
C GLN A 37 -25.99 16.38 -17.20
N ILE A 38 -25.57 15.86 -18.36
CA ILE A 38 -24.25 15.25 -18.50
C ILE A 38 -23.54 15.95 -19.65
N LYS A 39 -22.28 16.32 -19.41
CA LYS A 39 -21.48 16.97 -20.44
C LYS A 39 -21.18 16.00 -21.58
N THR A 40 -21.28 16.49 -22.80
CA THR A 40 -20.91 15.72 -23.99
C THR A 40 -19.48 16.06 -24.40
N ASP A 41 -18.76 15.06 -24.90
CA ASP A 41 -17.45 15.31 -25.48
C ASP A 41 -17.62 15.71 -26.96
N SER A 42 -16.51 15.87 -27.67
CA SER A 42 -16.58 16.37 -29.05
C SER A 42 -17.33 15.39 -29.95
N GLU A 43 -17.11 14.09 -29.78
CA GLU A 43 -17.77 13.12 -30.63
C GLU A 43 -19.27 13.07 -30.36
N GLN A 44 -19.65 13.02 -29.08
CA GLN A 44 -21.07 13.00 -28.73
C GLN A 44 -21.79 14.25 -29.21
N ASP A 45 -21.16 15.39 -29.07
CA ASP A 45 -21.73 16.63 -29.52
C ASP A 45 -21.95 16.61 -31.04
N ARG A 46 -20.93 16.27 -31.78
CA ARG A 46 -21.04 16.20 -33.22
C ARG A 46 -22.15 15.27 -33.70
N LYS A 47 -22.25 14.13 -33.10
CA LYS A 47 -23.25 13.15 -33.48
C LYS A 47 -24.64 13.74 -33.20
N THR A 48 -24.74 14.43 -32.09
CA THR A 48 -26.00 15.09 -31.77
C THR A 48 -26.37 16.11 -32.83
N GLN A 49 -25.43 16.99 -33.19
CA GLN A 49 -25.74 18.02 -34.18
C GLN A 49 -26.01 17.39 -35.54
N GLU A 50 -25.32 16.32 -35.89
CA GLU A 50 -25.59 15.64 -37.15
C GLU A 50 -27.01 15.08 -37.19
N ALA A 51 -27.46 14.51 -36.07
CA ALA A 51 -28.82 13.99 -36.01
C ALA A 51 -29.84 15.11 -36.17
N MET A 52 -29.61 16.25 -35.52
CA MET A 52 -30.52 17.38 -35.67
C MET A 52 -30.58 17.87 -37.10
N ALA A 53 -29.42 17.94 -37.76
CA ALA A 53 -29.39 18.41 -39.15
CA ALA A 53 -29.39 18.41 -39.15
C ALA A 53 -30.15 17.46 -40.07
C ALA A 53 -30.15 17.46 -40.07
N ALA A 54 -29.95 16.15 -39.88
CA ALA A 54 -30.67 15.18 -40.70
C ALA A 54 -32.17 15.28 -40.46
N SER A 55 -32.58 15.53 -39.21
CA SER A 55 -33.99 15.73 -38.89
C SER A 55 -34.56 16.94 -39.63
N LYS A 56 -33.84 18.07 -39.60
CA LYS A 56 -34.33 19.26 -40.29
C LYS A 56 -34.44 19.01 -41.79
N GLN A 57 -33.45 18.35 -42.39
CA GLN A 57 -33.50 18.07 -43.81
C GLN A 57 -34.68 17.15 -44.15
N PHE A 58 -34.91 16.12 -43.33
CA PHE A 58 -36.04 15.22 -43.56
C PHE A 58 -37.36 15.96 -43.48
N CYS A 59 -37.50 16.86 -42.51
CA CYS A 59 -38.74 17.60 -42.36
C CYS A 59 -39.04 18.51 -43.55
N LYS A 60 -38.02 18.88 -44.32
CA LYS A 60 -38.24 19.67 -45.53
C LYS A 60 -38.83 18.83 -46.67
N GLU A 61 -38.79 17.51 -46.55
CA GLU A 61 -39.35 16.65 -47.58
C GLU A 61 -40.87 16.85 -47.67
N PRO A 62 -41.46 16.60 -48.83
CA PRO A 62 -42.92 16.73 -48.95
C PRO A 62 -43.64 15.77 -48.03
N LEU A 63 -44.80 16.22 -47.53
CA LEU A 63 -45.56 15.43 -46.58
C LEU A 63 -45.96 14.08 -47.15
N THR A 64 -46.23 14.02 -48.46
CA THR A 64 -46.61 12.75 -49.06
C THR A 64 -45.47 11.73 -48.96
N PHE A 65 -44.22 12.18 -49.04
CA PHE A 65 -43.09 11.27 -48.89
C PHE A 65 -42.91 10.85 -47.42
N LYS A 66 -42.93 11.83 -46.51
CA LYS A 66 -42.78 11.53 -45.09
C LYS A 66 -43.84 10.53 -44.63
N SER A 67 -45.08 10.70 -45.10
CA SER A 67 -46.17 9.81 -44.71
C SER A 67 -45.98 8.38 -45.21
N SER A 68 -45.12 8.16 -46.21
CA SER A 68 -44.87 6.81 -46.70
C SER A 68 -43.86 6.04 -45.85
N CYS A 69 -43.21 6.72 -44.91
CA CYS A 69 -42.19 6.09 -44.07
C CYS A 69 -42.88 5.48 -42.84
N VAL A 70 -43.72 4.46 -43.11
N VAL A 70 -43.71 4.47 -43.13
CA VAL A 70 -44.53 3.83 -42.10
CA VAL A 70 -44.51 3.82 -42.09
C VAL A 70 -44.46 2.32 -42.29
C VAL A 70 -44.41 2.30 -42.27
N SER A 71 -44.73 1.60 -41.19
CA SER A 71 -44.68 0.15 -41.15
C SER A 71 -45.89 -0.40 -40.42
N ASP A 72 -46.38 -1.55 -40.87
CA ASP A 72 -47.40 -2.25 -40.11
C ASP A 72 -46.82 -3.35 -39.23
N LEU A 73 -45.50 -3.49 -39.19
CA LEU A 73 -44.82 -4.45 -38.32
C LEU A 73 -44.18 -3.80 -37.10
N THR A 74 -43.63 -2.60 -37.27
CA THR A 74 -42.94 -1.88 -36.20
C THR A 74 -43.53 -0.47 -36.13
N TYR A 75 -43.42 0.15 -34.95
CA TYR A 75 -43.81 1.55 -34.79
C TYR A 75 -42.76 2.53 -35.29
N SER A 76 -41.62 2.03 -35.79
CA SER A 76 -40.62 2.90 -36.39
C SER A 76 -41.21 3.65 -37.58
N GLY A 77 -40.82 4.92 -37.73
CA GLY A 77 -41.22 5.70 -38.88
C GLY A 77 -41.91 6.98 -38.48
N TYR A 78 -42.62 7.56 -39.45
CA TYR A 78 -43.10 8.93 -39.34
C TYR A 78 -44.39 9.03 -38.55
N VAL A 79 -44.49 10.10 -37.77
CA VAL A 79 -45.71 10.46 -37.06
C VAL A 79 -46.03 11.91 -37.44
N ALA A 80 -47.20 12.12 -38.03
CA ALA A 80 -47.55 13.47 -38.44
C ALA A 80 -47.94 14.31 -37.23
N SER A 81 -47.74 15.62 -37.35
CA SER A 81 -48.17 16.54 -36.29
C SER A 81 -49.68 16.38 -36.08
N GLY A 82 -50.06 16.06 -34.85
CA GLY A 82 -51.46 15.84 -34.50
C GLY A 82 -51.88 14.38 -34.50
N GLU A 83 -51.01 13.46 -34.94
CA GLU A 83 -51.38 12.06 -34.99
C GLU A 83 -51.29 11.39 -33.62
N GLU A 84 -50.19 11.61 -32.91
CA GLU A 84 -50.06 10.99 -31.60
C GLU A 84 -51.00 11.65 -30.60
N VAL A 85 -51.49 10.87 -29.66
CA VAL A 85 -52.36 11.36 -28.62
C VAL A 85 -51.74 11.08 -27.26
N THR A 86 -51.86 12.02 -26.34
CA THR A 86 -51.41 11.86 -24.96
C THR A 86 -52.59 12.32 -24.15
N ALA A 87 -53.14 11.42 -23.36
CA ALA A 87 -54.32 11.59 -22.54
C ALA A 87 -55.53 11.89 -23.40
N GLY A 88 -55.57 11.25 -24.57
CA GLY A 88 -56.55 11.42 -25.60
C GLY A 88 -56.47 12.68 -26.39
N LYS A 89 -55.50 13.55 -26.15
CA LYS A 89 -55.41 14.77 -26.84
C LYS A 89 -54.22 14.75 -27.77
N PRO A 90 -54.38 15.25 -28.96
CA PRO A 90 -53.30 15.23 -29.93
C PRO A 90 -52.06 16.04 -29.60
N ASP A 91 -50.90 15.44 -29.75
CA ASP A 91 -49.64 16.11 -29.59
C ASP A 91 -49.25 16.64 -30.95
N PHE A 92 -48.55 17.73 -30.97
CA PHE A 92 -48.36 18.34 -32.27
C PHE A 92 -46.94 18.37 -32.85
N PRO A 93 -45.95 17.63 -32.34
CA PRO A 93 -44.71 17.51 -33.13
C PRO A 93 -44.90 16.52 -34.26
N GLU A 94 -44.10 16.69 -35.30
CA GLU A 94 -43.88 15.59 -36.23
C GLU A 94 -42.68 14.80 -35.73
N ILE A 95 -42.75 13.48 -35.89
CA ILE A 95 -41.79 12.59 -35.25
C ILE A 95 -41.31 11.56 -36.26
N PHE A 96 -40.06 11.15 -36.10
CA PHE A 96 -39.59 9.90 -36.69
C PHE A 96 -39.10 9.02 -35.54
N THR A 97 -39.73 7.86 -35.38
CA THR A 97 -39.39 6.93 -34.31
C THR A 97 -38.44 5.88 -34.87
N VAL A 98 -37.33 5.64 -34.15
CA VAL A 98 -36.37 4.61 -34.52
C VAL A 98 -36.39 3.55 -33.42
N CYS A 99 -37.05 2.41 -33.66
CA CYS A 99 -36.91 1.22 -32.83
C CYS A 99 -35.87 0.29 -33.43
N LYS A 100 -35.62 -0.81 -32.72
CA LYS A 100 -34.64 -1.82 -33.17
C LYS A 100 -34.90 -2.19 -34.62
N ASP A 101 -33.86 -2.09 -35.44
CA ASP A 101 -33.96 -2.23 -36.90
C ASP A 101 -33.73 -3.69 -37.24
N LEU A 102 -34.81 -4.46 -37.39
CA LEU A 102 -34.76 -5.89 -37.58
C LEU A 102 -35.24 -6.27 -38.97
N SER A 103 -34.42 -7.03 -39.70
CA SER A 103 -34.80 -7.45 -41.04
C SER A 103 -35.99 -8.42 -40.98
N VAL A 104 -36.67 -8.56 -42.12
CA VAL A 104 -37.76 -9.54 -42.20
C VAL A 104 -37.22 -10.96 -42.05
N GLY A 105 -35.91 -11.15 -42.22
CA GLY A 105 -35.27 -12.43 -41.98
C GLY A 105 -34.94 -12.71 -40.53
N ASP A 106 -35.13 -11.73 -39.65
CA ASP A 106 -34.88 -11.94 -38.23
C ASP A 106 -35.91 -12.92 -37.67
N GLN A 107 -35.46 -13.83 -36.82
CA GLN A 107 -36.35 -14.88 -36.34
C GLN A 107 -37.54 -14.32 -35.59
N ARG A 108 -37.37 -13.18 -34.90
CA ARG A 108 -38.49 -12.59 -34.16
C ARG A 108 -39.53 -12.01 -35.10
N VAL A 109 -39.08 -11.43 -36.22
CA VAL A 109 -40.02 -10.91 -37.20
C VAL A 109 -40.74 -12.05 -37.90
N LYS A 110 -40.01 -13.11 -38.26
CA LYS A 110 -40.64 -14.27 -38.87
C LYS A 110 -41.66 -14.91 -37.95
N ALA A 111 -41.42 -14.87 -36.64
CA ALA A 111 -42.35 -15.42 -35.66
C ALA A 111 -43.51 -14.48 -35.34
N GLY A 112 -43.55 -13.29 -35.93
CA GLY A 112 -44.66 -12.37 -35.72
C GLY A 112 -44.69 -11.68 -34.38
N TRP A 113 -43.54 -11.48 -33.74
CA TRP A 113 -43.52 -10.80 -32.46
C TRP A 113 -44.03 -9.38 -32.63
N PRO A 114 -44.89 -8.89 -31.73
CA PRO A 114 -45.40 -7.53 -31.87
C PRO A 114 -44.26 -6.52 -31.78
N CYS A 115 -44.33 -5.53 -32.67
CA CYS A 115 -43.49 -4.34 -32.68
C CYS A 115 -42.14 -4.59 -33.34
N HIS A 116 -41.90 -5.80 -33.83
CA HIS A 116 -40.61 -6.21 -34.40
C HIS A 116 -40.65 -6.11 -35.92
N GLY A 117 -39.73 -5.34 -36.49
CA GLY A 117 -39.68 -5.15 -37.92
C GLY A 117 -38.64 -4.13 -38.34
N PRO A 118 -38.46 -3.95 -39.64
CA PRO A 118 -37.42 -3.03 -40.12
C PRO A 118 -37.88 -1.58 -40.16
N VAL A 119 -36.96 -0.69 -39.85
CA VAL A 119 -37.27 0.74 -39.87
C VAL A 119 -37.53 1.20 -41.31
N PRO A 120 -38.60 1.93 -41.58
CA PRO A 120 -38.80 2.51 -42.92
C PRO A 120 -37.98 3.78 -43.13
N TRP A 121 -36.68 3.59 -43.31
CA TRP A 121 -35.75 4.72 -43.40
C TRP A 121 -36.09 5.59 -44.62
N PRO A 122 -35.98 6.91 -44.50
CA PRO A 122 -36.17 7.75 -45.69
C PRO A 122 -35.02 7.63 -46.67
N ASN A 123 -33.80 7.37 -46.20
CA ASN A 123 -32.62 7.17 -47.02
C ASN A 123 -31.51 6.64 -46.11
N ASN A 124 -30.38 6.28 -46.72
CA ASN A 124 -29.32 5.64 -45.95
C ASN A 124 -28.46 6.64 -45.20
N THR A 125 -28.37 7.89 -45.68
CA THR A 125 -27.64 8.91 -44.95
C THR A 125 -28.33 9.22 -43.63
N TYR A 126 -29.65 9.38 -43.66
CA TYR A 126 -30.44 9.52 -42.45
C TYR A 126 -30.25 8.31 -41.54
N GLN A 127 -30.31 7.11 -42.10
CA GLN A 127 -30.15 5.90 -41.29
C GLN A 127 -28.81 5.90 -40.56
N LYS A 128 -27.72 6.21 -41.28
CA LYS A 128 -26.41 6.17 -40.66
C LYS A 128 -26.31 7.22 -39.54
N SER A 129 -26.85 8.42 -39.77
CA SER A 129 -26.77 9.47 -38.76
C SER A 129 -27.49 9.06 -37.48
N MET A 130 -28.66 8.44 -37.59
CA MET A 130 -29.41 8.08 -36.39
C MET A 130 -28.82 6.86 -35.70
N LYS A 131 -28.35 5.87 -36.45
CA LYS A 131 -27.77 4.69 -35.82
C LYS A 131 -26.47 5.06 -35.09
N THR A 132 -25.65 5.92 -35.67
N THR A 132 -25.65 5.91 -35.70
CA THR A 132 -24.42 6.31 -34.99
CA THR A 132 -24.43 6.36 -35.05
C THR A 132 -24.72 7.13 -33.74
C THR A 132 -24.73 7.12 -33.76
N PHE A 133 -25.74 7.99 -33.79
CA PHE A 133 -26.16 8.72 -32.60
C PHE A 133 -26.62 7.75 -31.52
N MET A 134 -27.46 6.78 -31.87
CA MET A 134 -28.00 5.85 -30.88
C MET A 134 -26.94 4.94 -30.30
N GLU A 135 -25.88 4.63 -31.07
CA GLU A 135 -24.77 3.86 -30.50
C GLU A 135 -24.10 4.63 -29.37
N GLU A 136 -23.82 5.93 -29.63
CA GLU A 136 -23.26 6.80 -28.61
C GLU A 136 -24.17 6.91 -27.41
N LEU A 137 -25.46 7.11 -27.64
CA LEU A 137 -26.42 7.23 -26.55
C LEU A 137 -26.48 5.94 -25.73
N GLY A 138 -26.38 4.79 -26.41
CA GLY A 138 -26.38 3.52 -25.69
C GLY A 138 -25.21 3.37 -24.76
N LEU A 139 -24.02 3.83 -25.20
CA LEU A 139 -22.85 3.76 -24.32
C LEU A 139 -23.05 4.62 -23.08
N ALA A 140 -23.69 5.77 -23.23
CA ALA A 140 -23.97 6.62 -22.07
C ALA A 140 -25.01 5.98 -21.17
N GLY A 141 -26.03 5.35 -21.75
CA GLY A 141 -27.05 4.70 -20.93
C GLY A 141 -26.48 3.56 -20.10
N GLU A 142 -25.57 2.77 -20.69
CA GLU A 142 -24.95 1.69 -19.93
C GLU A 142 -24.11 2.23 -18.77
N ARG A 143 -23.36 3.31 -19.00
CA ARG A 143 -22.61 3.95 -17.93
C ARG A 143 -23.54 4.43 -16.83
N LEU A 144 -24.63 5.11 -17.21
CA LEU A 144 -25.57 5.63 -16.21
C LEU A 144 -26.18 4.51 -15.39
N LEU A 145 -26.47 3.37 -16.02
CA LEU A 145 -27.12 2.29 -15.29
C LEU A 145 -26.16 1.62 -14.32
N LYS A 146 -24.88 1.47 -14.71
CA LYS A 146 -23.91 0.96 -13.76
C LYS A 146 -23.72 1.92 -12.59
N LEU A 147 -23.64 3.22 -12.87
CA LEU A 147 -23.49 4.20 -11.80
C LEU A 147 -24.71 4.21 -10.88
N THR A 148 -25.90 4.03 -11.45
CA THR A 148 -27.12 3.99 -10.63
C THR A 148 -27.11 2.81 -9.68
N ALA A 149 -26.76 1.63 -10.19
CA ALA A 149 -26.64 0.46 -9.33
C ALA A 149 -25.63 0.68 -8.21
N LEU A 150 -24.47 1.28 -8.52
CA LEU A 150 -23.46 1.53 -7.50
C LEU A 150 -23.96 2.52 -6.45
N GLY A 151 -24.67 3.56 -6.90
CA GLY A 151 -25.19 4.55 -5.96
C GLY A 151 -26.17 3.97 -4.97
N PHE A 152 -26.87 2.90 -5.35
CA PHE A 152 -27.79 2.21 -4.46
C PHE A 152 -27.12 1.09 -3.69
N GLU A 153 -25.81 0.92 -3.84
CA GLU A 153 -25.05 -0.17 -3.21
C GLU A 153 -25.55 -1.53 -3.69
N LEU A 154 -25.91 -1.61 -4.95
CA LEU A 154 -26.34 -2.82 -5.62
C LEU A 154 -25.23 -3.37 -6.50
N PRO A 155 -25.28 -4.64 -6.89
CA PRO A 155 -24.28 -5.17 -7.82
C PRO A 155 -24.25 -4.35 -9.10
N ILE A 156 -23.04 -4.12 -9.62
CA ILE A 156 -22.82 -3.12 -10.67
C ILE A 156 -23.63 -3.44 -11.92
N ASN A 157 -23.89 -4.72 -12.20
CA ASN A 157 -24.59 -5.12 -13.41
C ASN A 157 -26.08 -5.35 -13.18
N THR A 158 -26.64 -4.83 -12.08
CA THR A 158 -28.04 -5.07 -11.76
C THR A 158 -28.96 -4.68 -12.90
N PHE A 159 -28.78 -3.47 -13.43
CA PHE A 159 -29.66 -2.97 -14.49
C PHE A 159 -29.18 -3.38 -15.88
N THR A 160 -27.87 -3.38 -16.11
CA THR A 160 -27.34 -3.77 -17.42
C THR A 160 -27.60 -5.25 -17.74
N ASP A 161 -27.81 -6.09 -16.73
CA ASP A 161 -28.21 -7.47 -16.99
C ASP A 161 -29.58 -7.55 -17.67
N LEU A 162 -30.40 -6.49 -17.55
CA LEU A 162 -31.70 -6.45 -18.18
C LEU A 162 -31.67 -5.82 -19.57
N THR A 163 -30.57 -5.19 -19.96
CA THR A 163 -30.50 -4.42 -21.20
C THR A 163 -29.65 -5.06 -22.28
N ARG A 164 -29.28 -6.33 -22.14
CA ARG A 164 -28.64 -7.02 -23.25
C ARG A 164 -29.62 -7.11 -24.41
N ASP A 165 -29.18 -6.66 -25.59
CA ASP A 165 -30.06 -6.49 -26.75
C ASP A 165 -31.30 -5.68 -26.36
N GLY A 166 -31.08 -4.65 -25.53
CA GLY A 166 -32.19 -3.87 -25.01
C GLY A 166 -33.02 -3.22 -26.11
N TRP A 167 -34.29 -2.99 -25.79
CA TRP A 167 -35.23 -2.42 -26.76
C TRP A 167 -35.07 -0.91 -26.88
N HIS A 168 -33.83 -0.44 -27.03
CA HIS A 168 -33.56 0.99 -27.09
C HIS A 168 -34.22 1.60 -28.32
N HIS A 169 -34.75 2.82 -28.15
CA HIS A 169 -35.38 3.50 -29.27
C HIS A 169 -35.26 5.00 -29.09
N MET A 170 -35.66 5.74 -30.12
CA MET A 170 -35.45 7.19 -30.14
C MET A 170 -36.60 7.86 -30.87
N ARG A 171 -37.02 9.01 -30.35
CA ARG A 171 -37.98 9.87 -31.02
C ARG A 171 -37.24 11.12 -31.52
N VAL A 172 -37.24 11.32 -32.82
CA VAL A 172 -36.62 12.48 -33.46
C VAL A 172 -37.74 13.47 -33.75
N LEU A 173 -37.72 14.64 -33.08
CA LEU A 173 -38.89 15.51 -32.97
C LEU A 173 -38.66 16.88 -33.61
N ARG A 174 -39.69 17.39 -34.28
CA ARG A 174 -39.74 18.80 -34.66
C ARG A 174 -41.07 19.38 -34.19
N PHE A 175 -40.99 20.41 -33.33
CA PHE A 175 -42.22 21.05 -32.85
C PHE A 175 -42.53 22.28 -33.68
N PRO A 176 -43.75 22.42 -34.18
CA PRO A 176 -44.10 23.60 -34.97
C PRO A 176 -44.20 24.83 -34.10
N PRO A 177 -44.30 26.02 -34.71
CA PRO A 177 -44.52 27.23 -33.91
C PRO A 177 -45.93 27.27 -33.33
N GLN A 178 -46.07 27.98 -32.22
CA GLN A 178 -47.36 28.15 -31.58
C GLN A 178 -48.24 29.10 -32.39
N THR A 179 -49.53 29.10 -32.06
CA THR A 179 -50.47 30.13 -32.49
C THR A 179 -50.92 30.92 -31.26
N SER A 180 -51.82 31.87 -31.48
CA SER A 180 -52.39 32.63 -30.37
C SER A 180 -53.27 31.77 -29.47
N THR A 181 -53.82 30.68 -30.00
CA THR A 181 -54.73 29.83 -29.24
C THR A 181 -54.16 28.47 -28.88
N LEU A 182 -53.04 28.06 -29.49
CA LEU A 182 -52.50 26.72 -29.28
C LEU A 182 -51.03 26.81 -28.93
N SER A 183 -50.64 26.24 -27.80
CA SER A 183 -49.24 26.12 -27.45
C SER A 183 -48.87 24.75 -26.92
N ARG A 184 -49.79 23.78 -26.94
CA ARG A 184 -49.48 22.44 -26.48
C ARG A 184 -48.60 21.71 -27.48
N GLY A 185 -47.44 21.25 -27.03
CA GLY A 185 -46.60 20.42 -27.86
C GLY A 185 -46.87 18.96 -27.58
N ILE A 186 -46.47 18.52 -26.38
CA ILE A 186 -46.80 17.20 -25.86
C ILE A 186 -47.35 17.40 -24.45
N GLY A 187 -48.45 16.70 -24.14
CA GLY A 187 -49.01 16.78 -22.81
C GLY A 187 -48.12 16.13 -21.77
N ALA A 188 -48.43 16.38 -20.50
CA ALA A 188 -47.66 15.80 -19.42
C ALA A 188 -47.71 14.28 -19.48
N HIS A 189 -46.57 13.64 -19.27
CA HIS A 189 -46.49 12.20 -19.37
C HIS A 189 -45.19 11.74 -18.72
N THR A 190 -45.06 10.45 -18.59
CA THR A 190 -43.84 9.84 -18.14
C THR A 190 -43.47 8.78 -19.20
N ASP A 191 -42.19 8.57 -19.41
CA ASP A 191 -41.75 7.57 -20.34
C ASP A 191 -41.58 6.18 -19.69
N TYR A 192 -41.34 5.19 -20.54
CA TYR A 192 -41.54 3.82 -20.15
C TYR A 192 -40.47 2.86 -19.71
N GLY A 193 -39.26 3.19 -20.01
CA GLY A 193 -38.16 2.29 -19.78
C GLY A 193 -37.35 2.64 -18.56
N LEU A 194 -36.04 2.43 -18.67
CA LEU A 194 -35.17 2.71 -17.54
C LEU A 194 -34.74 4.17 -17.52
N LEU A 195 -34.22 4.67 -18.64
CA LEU A 195 -33.64 6.01 -18.72
C LEU A 195 -34.17 6.72 -19.95
N VAL A 196 -34.28 8.04 -19.84
CA VAL A 196 -34.49 8.91 -21.00
C VAL A 196 -33.29 9.84 -21.09
N ILE A 197 -32.61 9.82 -22.24
CA ILE A 197 -31.51 10.74 -22.52
C ILE A 197 -31.99 11.64 -23.65
N ALA A 198 -31.97 12.96 -23.42
CA ALA A 198 -32.59 13.88 -24.37
C ALA A 198 -31.63 15.00 -24.77
N ALA A 199 -31.83 15.49 -25.98
CA ALA A 199 -31.05 16.59 -26.54
C ALA A 199 -32.00 17.55 -27.24
N GLN A 200 -31.61 18.82 -27.30
CA GLN A 200 -32.49 19.83 -27.87
C GLN A 200 -31.65 20.94 -28.50
N ASP A 201 -32.26 21.67 -29.44
CA ASP A 201 -31.60 22.85 -29.99
C ASP A 201 -31.73 24.02 -29.01
N ASP A 202 -31.53 25.24 -29.49
CA ASP A 202 -31.46 26.41 -28.62
C ASP A 202 -32.82 27.10 -28.41
N VAL A 203 -33.91 26.53 -28.92
CA VAL A 203 -35.18 27.26 -28.92
C VAL A 203 -35.85 27.21 -27.55
N GLY A 204 -36.02 26.02 -26.98
CA GLY A 204 -36.63 25.90 -25.67
C GLY A 204 -38.08 25.48 -25.68
N GLY A 205 -38.46 24.59 -24.76
CA GLY A 205 -39.84 24.15 -24.68
C GLY A 205 -40.12 23.00 -23.72
N LEU A 206 -39.06 22.37 -23.20
CA LEU A 206 -39.23 21.21 -22.35
C LEU A 206 -39.36 21.62 -20.89
N TYR A 207 -40.37 21.08 -20.20
CA TYR A 207 -40.56 21.27 -18.77
C TYR A 207 -40.63 19.92 -18.09
N ILE A 208 -40.07 19.83 -16.88
CA ILE A 208 -40.11 18.59 -16.11
C ILE A 208 -40.61 18.90 -14.70
N ARG A 209 -41.14 17.88 -14.04
CA ARG A 209 -41.66 18.02 -12.69
C ARG A 209 -40.75 17.31 -11.71
N PRO A 210 -40.17 18.02 -10.74
CA PRO A 210 -39.32 17.37 -9.74
C PRO A 210 -40.16 16.56 -8.78
N PRO A 211 -39.55 15.67 -8.00
CA PRO A 211 -40.30 15.04 -6.91
C PRO A 211 -40.85 16.11 -5.97
N VAL A 212 -42.07 15.89 -5.49
CA VAL A 212 -42.75 16.85 -4.62
C VAL A 212 -43.11 16.15 -3.33
N GLU A 213 -42.69 16.71 -2.20
CA GLU A 213 -42.91 16.09 -0.90
C GLU A 213 -44.41 15.93 -0.66
N GLY A 214 -44.83 14.70 -0.37
CA GLY A 214 -46.22 14.39 -0.08
C GLY A 214 -47.10 14.19 -1.29
N GLU A 215 -46.55 14.23 -2.51
CA GLU A 215 -47.35 14.10 -3.73
C GLU A 215 -47.27 12.66 -4.20
N LYS A 216 -48.40 11.96 -4.14
CA LYS A 216 -48.44 10.59 -4.65
C LYS A 216 -48.35 10.58 -6.17
N ARG A 217 -47.67 9.58 -6.72
CA ARG A 217 -47.43 9.49 -8.16
C ARG A 217 -48.12 8.25 -8.69
N ASN A 218 -48.87 8.42 -9.77
CA ASN A 218 -49.46 7.27 -10.46
C ASN A 218 -48.38 6.33 -10.95
N ARG A 219 -48.72 5.04 -11.01
CA ARG A 219 -47.82 4.01 -11.53
C ARG A 219 -48.27 3.70 -12.95
N ASN A 220 -47.61 4.33 -13.92
CA ASN A 220 -48.07 4.35 -15.31
C ASN A 220 -48.09 2.97 -15.95
N TRP A 221 -47.49 1.97 -15.32
CA TRP A 221 -47.53 0.60 -15.84
C TRP A 221 -48.78 -0.16 -15.40
N LEU A 222 -49.65 0.45 -14.60
CA LEU A 222 -50.84 -0.23 -14.14
C LEU A 222 -52.09 0.29 -14.86
N PRO A 223 -53.11 -0.55 -15.06
CA PRO A 223 -54.27 -0.17 -15.88
C PRO A 223 -54.90 1.17 -15.53
N GLY A 224 -55.30 1.36 -14.27
CA GLY A 224 -56.02 2.56 -13.91
C GLY A 224 -55.17 3.65 -13.30
N GLU A 225 -53.90 3.75 -13.71
CA GLU A 225 -52.98 4.72 -13.13
C GLU A 225 -52.05 5.29 -14.20
N SER A 226 -52.61 5.74 -15.31
CA SER A 226 -51.77 6.35 -16.34
C SER A 226 -51.28 7.71 -15.85
N SER A 227 -50.02 8.02 -16.17
CA SER A 227 -49.47 9.32 -15.80
C SER A 227 -49.75 10.41 -16.82
N ALA A 228 -50.35 10.07 -17.95
CA ALA A 228 -50.60 11.07 -18.99
C ALA A 228 -51.56 12.14 -18.51
N GLY A 229 -51.17 13.40 -18.66
CA GLY A 229 -51.99 14.53 -18.27
C GLY A 229 -51.92 14.93 -16.81
N MET A 230 -51.32 14.13 -15.95
CA MET A 230 -51.33 14.41 -14.52
CA MET A 230 -51.33 14.41 -14.52
C MET A 230 -50.46 15.62 -14.20
N PHE A 231 -50.98 16.51 -13.36
CA PHE A 231 -50.30 17.72 -12.88
C PHE A 231 -50.05 18.74 -13.96
N GLU A 232 -50.67 18.60 -15.13
CA GLU A 232 -50.26 19.37 -16.31
C GLU A 232 -50.30 20.88 -16.07
N HIS A 233 -51.28 21.38 -15.30
CA HIS A 233 -51.43 22.82 -15.10
C HIS A 233 -51.20 23.23 -13.65
N ASP A 234 -50.47 22.43 -12.88
CA ASP A 234 -50.13 22.76 -11.49
C ASP A 234 -48.62 22.80 -11.34
N GLU A 235 -48.13 23.83 -10.63
CA GLU A 235 -46.71 23.90 -10.31
C GLU A 235 -46.34 22.76 -9.35
N PRO A 236 -45.05 22.39 -9.28
CA PRO A 236 -43.90 22.97 -10.00
C PRO A 236 -43.60 22.29 -11.33
N TRP A 237 -43.26 23.11 -12.32
CA TRP A 237 -42.74 22.65 -13.60
C TRP A 237 -41.43 23.38 -13.84
N THR A 238 -40.33 22.63 -13.90
CA THR A 238 -39.01 23.20 -14.12
C THR A 238 -38.73 23.29 -15.62
N PHE A 239 -38.38 24.50 -16.08
CA PHE A 239 -38.01 24.69 -17.48
C PHE A 239 -36.60 24.19 -17.71
N VAL A 240 -36.43 23.33 -18.71
CA VAL A 240 -35.12 22.73 -19.01
C VAL A 240 -34.45 23.67 -20.01
N THR A 241 -33.74 24.67 -19.48
CA THR A 241 -33.18 25.72 -20.32
C THR A 241 -32.19 25.12 -21.31
N PRO A 242 -32.31 25.42 -22.62
CA PRO A 242 -31.30 24.97 -23.58
C PRO A 242 -29.90 25.38 -23.11
N THR A 243 -29.00 24.40 -23.03
CA THR A 243 -27.65 24.59 -22.54
C THR A 243 -26.70 23.92 -23.52
N PRO A 244 -25.70 24.62 -24.05
CA PRO A 244 -24.79 23.99 -25.02
C PRO A 244 -23.97 22.89 -24.38
N GLY A 245 -23.77 21.80 -25.11
CA GLY A 245 -22.81 20.79 -24.71
C GLY A 245 -23.25 19.84 -23.62
N VAL A 246 -24.55 19.58 -23.50
CA VAL A 246 -25.05 18.63 -22.51
C VAL A 246 -26.18 17.82 -23.12
N TRP A 247 -26.40 16.64 -22.53
CA TRP A 247 -27.65 15.90 -22.65
C TRP A 247 -28.34 15.91 -21.29
N THR A 248 -29.67 15.80 -21.30
CA THR A 248 -30.39 15.63 -20.03
C THR A 248 -30.73 14.16 -19.83
N VAL A 249 -30.89 13.77 -18.56
CA VAL A 249 -31.18 12.39 -18.19
C VAL A 249 -32.22 12.38 -17.06
N PHE A 250 -33.27 11.58 -17.21
CA PHE A 250 -34.21 11.37 -16.11
C PHE A 250 -34.75 9.95 -16.16
N PRO A 251 -35.29 9.45 -15.06
CA PRO A 251 -35.75 8.05 -15.03
C PRO A 251 -37.09 7.85 -15.73
N GLY A 252 -37.29 6.62 -16.20
CA GLY A 252 -38.55 6.18 -16.75
C GLY A 252 -39.27 5.21 -15.82
N ASP A 253 -40.42 4.72 -16.32
CA ASP A 253 -41.33 3.91 -15.50
C ASP A 253 -40.64 2.72 -14.83
N ILE A 254 -39.77 2.03 -15.56
CA ILE A 254 -39.18 0.80 -15.04
C ILE A 254 -38.30 1.10 -13.84
N LEU A 255 -37.58 2.23 -13.87
CA LEU A 255 -36.75 2.57 -12.71
C LEU A 255 -37.61 2.91 -11.50
N GLN A 256 -38.73 3.59 -11.70
CA GLN A 256 -39.64 3.87 -10.59
C GLN A 256 -40.13 2.57 -9.97
N PHE A 257 -40.58 1.63 -10.80
CA PHE A 257 -41.06 0.35 -10.29
C PHE A 257 -39.95 -0.42 -9.58
N MET A 258 -38.79 -0.57 -10.23
CA MET A 258 -37.74 -1.41 -9.64
C MET A 258 -37.23 -0.85 -8.32
N THR A 259 -37.18 0.47 -8.16
CA THR A 259 -36.68 1.10 -6.94
C THR A 259 -37.79 1.36 -5.92
N GLY A 260 -39.00 0.85 -6.16
CA GLY A 260 -40.11 1.08 -5.26
C GLY A 260 -40.43 2.54 -5.03
N GLY A 261 -40.21 3.39 -6.02
CA GLY A 261 -40.47 4.81 -5.87
C GLY A 261 -39.34 5.63 -5.29
N GLN A 262 -38.22 5.01 -4.92
CA GLN A 262 -37.08 5.81 -4.47
C GLN A 262 -36.57 6.69 -5.60
N LEU A 263 -36.70 6.22 -6.84
CA LEU A 263 -36.66 7.07 -8.02
C LEU A 263 -38.06 7.16 -8.59
N LEU A 264 -38.39 8.31 -9.17
CA LEU A 264 -39.69 8.53 -9.79
C LEU A 264 -39.50 8.75 -11.28
N SER A 265 -40.36 8.12 -12.08
CA SER A 265 -40.45 8.42 -13.50
C SER A 265 -40.84 9.88 -13.66
N THR A 266 -39.96 10.68 -14.26
CA THR A 266 -40.10 12.13 -14.21
C THR A 266 -41.20 12.58 -15.17
N PRO A 267 -42.27 13.19 -14.68
CA PRO A 267 -43.28 13.75 -15.60
C PRO A 267 -42.69 14.91 -16.37
N HIS A 268 -43.04 15.01 -17.65
CA HIS A 268 -42.52 16.09 -18.46
C HIS A 268 -43.52 16.43 -19.55
N LYS A 269 -43.33 17.60 -20.17
CA LYS A 269 -44.24 18.11 -21.18
C LYS A 269 -43.46 19.09 -22.04
N VAL A 270 -44.03 19.43 -23.20
CA VAL A 270 -43.38 20.36 -24.12
C VAL A 270 -44.40 21.41 -24.55
N LYS A 271 -43.99 22.68 -24.50
CA LYS A 271 -44.79 23.79 -24.96
C LYS A 271 -44.23 24.31 -26.28
N LEU A 272 -45.12 24.59 -27.23
CA LEU A 272 -44.69 25.20 -28.47
C LEU A 272 -44.14 26.60 -28.22
N ASN A 273 -43.08 26.95 -28.92
CA ASN A 273 -42.44 28.25 -28.81
C ASN A 273 -42.79 29.10 -30.03
N THR A 274 -42.22 30.31 -30.09
CA THR A 274 -42.47 31.20 -31.23
C THR A 274 -41.78 30.72 -32.49
N ARG A 275 -40.76 29.88 -32.36
CA ARG A 275 -40.09 29.26 -33.47
C ARG A 275 -40.25 27.75 -33.38
N GLU A 276 -40.02 27.07 -34.51
CA GLU A 276 -39.98 25.62 -34.49
C GLU A 276 -38.81 25.14 -33.64
N ARG A 277 -38.99 23.99 -33.01
CA ARG A 277 -38.02 23.44 -32.06
C ARG A 277 -37.70 22.00 -32.44
N PHE A 278 -36.40 21.70 -32.55
CA PHE A 278 -35.92 20.36 -32.82
C PHE A 278 -35.39 19.75 -31.53
N ALA A 279 -35.71 18.46 -31.32
CA ALA A 279 -35.26 17.73 -30.14
C ALA A 279 -35.17 16.26 -30.48
N CYS A 280 -34.36 15.53 -29.71
CA CYS A 280 -34.29 14.08 -29.80
C CYS A 280 -34.40 13.49 -28.40
N ALA A 281 -35.30 12.53 -28.22
CA ALA A 281 -35.42 11.80 -26.95
C ALA A 281 -35.01 10.35 -27.17
N TYR A 282 -34.04 9.88 -26.39
CA TYR A 282 -33.54 8.52 -26.48
C TYR A 282 -33.96 7.73 -25.25
N PHE A 283 -34.38 6.49 -25.48
CA PHE A 283 -34.93 5.65 -24.43
C PHE A 283 -34.05 4.41 -24.28
N HIS A 284 -33.41 4.28 -23.12
CA HIS A 284 -32.55 3.15 -22.81
C HIS A 284 -33.38 2.14 -22.05
N GLU A 285 -33.71 1.04 -22.70
CA GLU A 285 -34.79 0.14 -22.28
C GLU A 285 -34.27 -1.25 -21.95
N PRO A 286 -35.02 -2.01 -21.15
CA PRO A 286 -34.73 -3.45 -21.02
C PRO A 286 -34.94 -4.16 -22.35
N ASN A 287 -34.42 -5.39 -22.40
CA ASN A 287 -34.77 -6.32 -23.46
C ASN A 287 -36.29 -6.46 -23.55
N PHE A 288 -36.79 -6.63 -24.77
CA PHE A 288 -38.23 -6.77 -24.97
C PHE A 288 -38.80 -7.91 -24.13
N GLU A 289 -38.02 -8.96 -23.90
CA GLU A 289 -38.46 -10.13 -23.17
C GLU A 289 -38.15 -10.04 -21.67
N ALA A 290 -37.57 -8.94 -21.22
CA ALA A 290 -37.11 -8.85 -19.84
C ALA A 290 -38.28 -8.59 -18.89
N SER A 291 -38.17 -9.16 -17.69
CA SER A 291 -39.14 -8.96 -16.63
C SER A 291 -38.45 -8.19 -15.52
N ALA A 292 -38.85 -6.92 -15.34
CA ALA A 292 -38.32 -6.12 -14.25
C ALA A 292 -38.94 -6.55 -12.92
N TYR A 293 -38.19 -6.40 -11.84
CA TYR A 293 -38.56 -6.92 -10.54
C TYR A 293 -38.25 -5.88 -9.47
N PRO A 294 -38.94 -5.93 -8.32
CA PRO A 294 -38.62 -4.99 -7.23
C PRO A 294 -37.27 -5.31 -6.60
N LEU A 295 -36.45 -4.28 -6.43
CA LEU A 295 -35.11 -4.46 -5.89
C LEU A 295 -35.06 -4.41 -4.38
N PHE A 296 -35.96 -3.66 -3.75
CA PHE A 296 -35.88 -3.39 -2.31
C PHE A 296 -37.03 -3.99 -1.53
N GLU A 297 -37.98 -4.65 -2.18
CA GLU A 297 -39.08 -5.29 -1.48
C GLU A 297 -38.94 -6.81 -1.64
N PRO A 298 -38.13 -7.46 -0.81
CA PRO A 298 -37.94 -8.91 -0.96
C PRO A 298 -39.23 -9.66 -0.69
N SER A 299 -39.37 -10.79 -1.38
CA SER A 299 -40.56 -11.64 -1.41
C SER A 299 -41.69 -11.03 -2.24
N ALA A 300 -41.38 -10.07 -3.10
CA ALA A 300 -42.37 -9.49 -4.00
C ALA A 300 -42.46 -10.33 -5.27
N ASN A 301 -43.67 -10.74 -5.62
CA ASN A 301 -43.91 -11.54 -6.82
C ASN A 301 -44.23 -10.70 -8.04
N GLU A 302 -44.46 -9.40 -7.87
CA GLU A 302 -44.85 -8.55 -8.99
C GLU A 302 -43.71 -8.40 -9.99
N ARG A 303 -44.07 -8.29 -11.25
CA ARG A 303 -43.13 -8.12 -12.34
C ARG A 303 -43.73 -7.20 -13.39
N ILE A 304 -42.86 -6.51 -14.13
CA ILE A 304 -43.26 -5.82 -15.35
C ILE A 304 -42.57 -6.53 -16.51
N HIS A 305 -43.36 -7.11 -17.40
CA HIS A 305 -42.83 -7.59 -18.68
C HIS A 305 -42.65 -6.37 -19.56
N TYR A 306 -41.39 -5.99 -19.85
CA TYR A 306 -41.16 -4.70 -20.49
C TYR A 306 -41.82 -4.64 -21.86
N GLY A 307 -41.65 -5.70 -22.68
CA GLY A 307 -42.24 -5.69 -24.00
C GLY A 307 -43.75 -5.50 -23.97
N GLU A 308 -44.41 -6.05 -22.96
CA GLU A 308 -45.84 -5.82 -22.81
C GLU A 308 -46.14 -4.35 -22.53
N HIS A 309 -45.34 -3.73 -21.65
CA HIS A 309 -45.55 -2.33 -21.34
C HIS A 309 -45.32 -1.45 -22.57
N PHE A 310 -44.22 -1.68 -23.29
CA PHE A 310 -43.97 -0.93 -24.52
C PHE A 310 -45.13 -1.08 -25.50
N THR A 311 -45.57 -2.32 -25.74
CA THR A 311 -46.63 -2.55 -26.72
C THR A 311 -47.93 -1.89 -26.28
N ASN A 312 -48.29 -2.01 -25.00
CA ASN A 312 -49.49 -1.35 -24.50
C ASN A 312 -49.40 0.16 -24.65
N MET A 313 -48.22 0.74 -24.39
CA MET A 313 -48.07 2.18 -24.45
C MET A 313 -48.17 2.69 -25.88
N PHE A 314 -47.48 2.03 -26.83
CA PHE A 314 -47.49 2.55 -28.19
C PHE A 314 -48.84 2.35 -28.87
N MET A 315 -49.59 1.31 -28.49
CA MET A 315 -50.95 1.18 -29.01
C MET A 315 -51.83 2.32 -28.50
N ARG A 316 -51.60 2.77 -27.28
CA ARG A 316 -52.37 3.89 -26.76
C ARG A 316 -51.92 5.21 -27.37
N CYS A 317 -50.65 5.29 -27.80
CA CYS A 317 -50.17 6.49 -28.50
C CYS A 317 -50.78 6.60 -29.89
N TYR A 318 -50.97 5.47 -30.57
CA TYR A 318 -51.33 5.42 -31.98
C TYR A 318 -52.44 4.40 -32.20
N PRO A 319 -53.64 4.67 -31.67
CA PRO A 319 -54.71 3.66 -31.76
C PRO A 319 -55.14 3.32 -33.17
N ASP A 320 -54.96 4.23 -34.14
CA ASP A 320 -55.42 4.02 -35.51
C ASP A 320 -54.30 3.70 -36.49
N ARG A 321 -53.04 3.71 -36.04
CA ARG A 321 -51.93 3.43 -36.93
C ARG A 321 -52.02 2.00 -37.47
N ILE A 322 -51.51 1.80 -38.69
CA ILE A 322 -51.55 0.47 -39.29
C ILE A 322 -50.83 -0.55 -38.41
N THR A 323 -49.78 -0.10 -37.69
CA THR A 323 -49.09 -1.00 -36.77
C THR A 323 -50.05 -1.54 -35.71
N THR A 324 -50.90 -0.66 -35.17
CA THR A 324 -51.86 -1.08 -34.17
C THR A 324 -52.94 -1.96 -34.77
N GLN A 325 -53.36 -1.65 -36.01
CA GLN A 325 -54.40 -2.45 -36.67
C GLN A 325 -53.94 -3.88 -36.86
N ARG A 326 -52.70 -4.08 -37.30
CA ARG A 326 -52.21 -5.44 -37.55
C ARG A 326 -52.03 -6.21 -36.25
N ILE A 327 -51.62 -5.55 -35.18
CA ILE A 327 -51.55 -6.21 -33.89
C ILE A 327 -52.94 -6.69 -33.47
N ASN A 328 -53.95 -5.85 -33.64
CA ASN A 328 -55.32 -6.23 -33.29
C ASN A 328 -55.82 -7.35 -34.19
N LYS A 329 -55.67 -7.19 -35.50
CA LYS A 329 -56.21 -8.16 -36.44
C LYS A 329 -55.57 -9.53 -36.27
N GLU A 330 -54.27 -9.58 -35.98
CA GLU A 330 -53.54 -10.82 -35.82
C GLU A 330 -53.38 -11.22 -34.37
N ASN A 331 -54.00 -10.50 -33.43
CA ASN A 331 -53.94 -10.80 -32.00
C ASN A 331 -52.51 -11.01 -31.54
N ARG A 332 -51.62 -10.10 -31.97
CA ARG A 332 -50.22 -10.21 -31.62
C ARG A 332 -49.96 -9.95 -30.15
N LEU A 333 -50.81 -9.14 -29.51
CA LEU A 333 -50.64 -8.81 -28.11
C LEU A 333 -51.31 -9.86 -27.22
N MET B 1 25.83 -25.17 16.07
CA MET B 1 26.33 -25.20 14.69
C MET B 1 27.59 -26.06 14.56
N THR B 2 27.67 -26.82 13.47
CA THR B 2 28.78 -27.74 13.25
C THR B 2 29.92 -27.12 12.45
N ASN B 3 29.65 -26.10 11.64
CA ASN B 3 30.68 -25.47 10.83
C ASN B 3 30.43 -23.96 10.81
N LEU B 4 31.33 -23.21 11.46
CA LEU B 4 31.24 -21.75 11.46
C LEU B 4 31.51 -21.21 10.05
N GLN B 5 30.93 -20.06 9.76
CA GLN B 5 31.15 -19.42 8.46
C GLN B 5 32.45 -18.64 8.49
N THR B 6 33.17 -18.67 7.37
CA THR B 6 34.44 -17.96 7.26
C THR B 6 34.37 -16.97 6.10
N PHE B 7 34.84 -15.76 6.34
CA PHE B 7 34.82 -14.69 5.35
C PHE B 7 36.23 -14.13 5.19
N GLU B 8 36.48 -13.58 4.01
CA GLU B 8 37.71 -12.86 3.71
C GLU B 8 37.36 -11.39 3.57
N LEU B 9 37.96 -10.54 4.40
CA LEU B 9 37.56 -9.14 4.30
C LEU B 9 38.43 -8.42 3.28
N PRO B 10 37.87 -7.47 2.53
CA PRO B 10 38.71 -6.66 1.65
C PRO B 10 39.62 -5.75 2.45
N THR B 11 40.78 -5.43 1.88
CA THR B 11 41.71 -4.55 2.58
C THR B 11 41.09 -3.19 2.82
N GLU B 12 40.34 -2.67 1.84
CA GLU B 12 39.65 -1.40 1.96
C GLU B 12 38.16 -1.63 1.74
N VAL B 13 37.34 -1.04 2.61
CA VAL B 13 35.88 -1.06 2.47
C VAL B 13 35.47 0.27 1.87
N THR B 14 34.97 0.24 0.64
CA THR B 14 34.65 1.46 -0.09
C THR B 14 33.16 1.78 -0.12
N GLY B 15 32.31 0.81 0.17
CA GLY B 15 30.89 0.99 -0.05
C GLY B 15 30.39 0.54 -1.41
N CYS B 16 31.23 -0.14 -2.20
CA CYS B 16 30.74 -0.69 -3.45
C CYS B 16 29.63 -1.69 -3.20
N ALA B 17 28.91 -2.03 -4.27
CA ALA B 17 27.75 -2.91 -4.14
C ALA B 17 28.12 -4.25 -3.54
N ALA B 18 29.31 -4.79 -3.87
CA ALA B 18 29.74 -6.05 -3.27
C ALA B 18 29.97 -5.92 -1.77
N ASP B 19 30.44 -4.75 -1.31
CA ASP B 19 30.58 -4.51 0.12
C ASP B 19 29.24 -4.58 0.82
N ILE B 20 28.18 -4.11 0.16
CA ILE B 20 26.85 -4.17 0.75
C ILE B 20 26.41 -5.62 0.92
N SER B 21 26.60 -6.44 -0.11
CA SER B 21 26.23 -7.84 0.01
C SER B 21 27.08 -8.55 1.05
N LEU B 22 28.37 -8.22 1.15
CA LEU B 22 29.19 -8.83 2.19
C LEU B 22 28.72 -8.39 3.58
N GLY B 23 28.40 -7.12 3.75
CA GLY B 23 27.89 -6.65 5.03
C GLY B 23 26.62 -7.36 5.44
N ARG B 24 25.70 -7.55 4.49
CA ARG B 24 24.49 -8.32 4.77
C ARG B 24 24.82 -9.74 5.23
N ALA B 25 25.78 -10.39 4.54
CA ALA B 25 26.14 -11.76 4.90
C ALA B 25 26.77 -11.82 6.29
N LEU B 26 27.59 -10.83 6.64
CA LEU B 26 28.20 -10.81 7.97
C LEU B 26 27.14 -10.66 9.05
N ILE B 27 26.22 -9.71 8.86
CA ILE B 27 25.16 -9.51 9.85
C ILE B 27 24.33 -10.78 10.00
N GLN B 28 23.94 -11.37 8.88
CA GLN B 28 23.09 -12.55 8.98
C GLN B 28 23.84 -13.76 9.55
N ALA B 29 25.16 -13.84 9.36
CA ALA B 29 25.94 -14.86 10.05
C ALA B 29 25.87 -14.65 11.56
N TRP B 30 25.97 -13.39 12.02
CA TRP B 30 25.78 -13.11 13.44
C TRP B 30 24.37 -13.46 13.88
N GLN B 31 23.37 -13.14 13.05
CA GLN B 31 21.99 -13.37 13.45
C GLN B 31 21.65 -14.86 13.49
N LYS B 32 22.37 -15.67 12.70
CA LYS B 32 22.11 -17.10 12.71
C LYS B 32 22.99 -17.84 13.71
N ASP B 33 24.29 -17.53 13.70
CA ASP B 33 25.28 -18.28 14.46
C ASP B 33 25.84 -17.56 15.67
N GLY B 34 25.69 -16.24 15.76
CA GLY B 34 26.27 -15.49 16.84
C GLY B 34 27.75 -15.17 16.70
N ILE B 35 28.37 -15.61 15.60
CA ILE B 35 29.81 -15.52 15.43
C ILE B 35 30.15 -15.86 13.98
N PHE B 36 31.28 -15.35 13.49
CA PHE B 36 31.87 -15.88 12.28
C PHE B 36 33.38 -15.77 12.38
N GLN B 37 34.06 -16.37 11.41
CA GLN B 37 35.51 -16.34 11.33
C GLN B 37 35.94 -15.46 10.16
N ILE B 38 37.07 -14.79 10.33
CA ILE B 38 37.68 -14.04 9.24
C ILE B 38 39.08 -14.62 9.00
N LYS B 39 39.41 -14.84 7.73
CA LYS B 39 40.70 -15.41 7.39
C LYS B 39 41.79 -14.38 7.61
N THR B 40 42.91 -14.81 8.17
CA THR B 40 44.03 -13.93 8.42
C THR B 40 45.08 -14.11 7.33
N ASP B 41 45.79 -13.04 7.03
CA ASP B 41 46.87 -13.11 6.05
C ASP B 41 48.18 -13.39 6.78
N SER B 42 49.28 -13.35 6.02
CA SER B 42 50.60 -13.65 6.55
C SER B 42 50.94 -12.75 7.74
N GLU B 43 50.71 -11.46 7.61
CA GLU B 43 51.11 -10.52 8.66
C GLU B 43 50.20 -10.63 9.87
N GLN B 44 48.88 -10.73 9.65
CA GLN B 44 47.95 -10.88 10.77
C GLN B 44 48.28 -12.13 11.59
N ASP B 45 48.57 -13.23 10.91
CA ASP B 45 48.88 -14.47 11.61
C ASP B 45 50.20 -14.36 12.38
N ARG B 46 51.23 -13.76 11.75
CA ARG B 46 52.53 -13.64 12.43
C ARG B 46 52.42 -12.80 13.69
N LYS B 47 51.67 -11.69 13.62
CA LYS B 47 51.50 -10.86 14.81
C LYS B 47 50.70 -11.58 15.88
N THR B 48 49.72 -12.41 15.49
CA THR B 48 49.01 -13.25 16.46
C THR B 48 49.97 -14.20 17.17
N GLN B 49 50.82 -14.89 16.39
CA GLN B 49 51.71 -15.87 17.00
C GLN B 49 52.73 -15.20 17.92
N GLU B 50 53.19 -14.00 17.56
CA GLU B 50 54.16 -13.32 18.42
C GLU B 50 53.53 -12.92 19.74
N ALA B 51 52.28 -12.45 19.72
CA ALA B 51 51.60 -12.11 20.96
C ALA B 51 51.41 -13.35 21.84
N MET B 52 51.04 -14.49 21.23
CA MET B 52 50.90 -15.73 21.99
C MET B 52 52.23 -16.16 22.59
N ALA B 53 53.32 -16.01 21.83
CA ALA B 53 54.62 -16.35 22.37
C ALA B 53 55.02 -15.43 23.52
N ALA B 54 54.76 -14.13 23.38
CA ALA B 54 55.08 -13.21 24.48
C ALA B 54 54.26 -13.55 25.72
N SER B 55 53.01 -13.93 25.53
CA SER B 55 52.17 -14.32 26.65
C SER B 55 52.75 -15.53 27.38
N LYS B 56 53.18 -16.53 26.62
CA LYS B 56 53.73 -17.74 27.24
C LYS B 56 55.03 -17.43 27.98
N GLN B 57 55.84 -16.53 27.44
CA GLN B 57 57.08 -16.15 28.12
C GLN B 57 56.78 -15.43 29.43
N PHE B 58 55.79 -14.54 29.40
CA PHE B 58 55.44 -13.77 30.60
C PHE B 58 54.92 -14.67 31.72
N CYS B 59 54.16 -15.71 31.37
N CYS B 59 54.15 -15.71 31.37
CA CYS B 59 53.57 -16.59 32.38
CA CYS B 59 53.57 -16.56 32.39
C CYS B 59 54.63 -17.35 33.16
C CYS B 59 54.61 -17.40 33.12
N LYS B 60 55.84 -17.45 32.62
CA LYS B 60 56.93 -18.10 33.34
C LYS B 60 57.53 -17.23 34.43
N GLU B 61 57.19 -15.94 34.47
CA GLU B 61 57.71 -15.07 35.51
C GLU B 61 57.15 -15.45 36.87
N PRO B 62 57.91 -15.23 37.94
CA PRO B 62 57.38 -15.52 39.28
C PRO B 62 56.19 -14.64 39.63
N LEU B 63 55.33 -15.18 40.49
CA LEU B 63 54.11 -14.47 40.87
C LEU B 63 54.42 -13.11 41.48
N THR B 64 55.50 -13.00 42.26
CA THR B 64 55.87 -11.72 42.85
C THR B 64 56.06 -10.65 41.77
N PHE B 65 56.65 -11.01 40.64
CA PHE B 65 56.84 -10.05 39.57
C PHE B 65 55.53 -9.78 38.83
N LYS B 66 54.80 -10.83 38.48
CA LYS B 66 53.55 -10.63 37.76
C LYS B 66 52.60 -9.77 38.57
N SER B 67 52.53 -10.00 39.88
CA SER B 67 51.67 -9.21 40.76
C SER B 67 52.11 -7.76 40.84
N SER B 68 53.37 -7.47 40.53
CA SER B 68 53.85 -6.09 40.48
C SER B 68 53.35 -5.33 39.25
N CYS B 69 52.84 -6.02 38.23
CA CYS B 69 52.34 -5.34 37.02
C CYS B 69 50.89 -4.92 37.21
N VAL B 70 50.71 -3.95 38.10
N VAL B 70 50.69 -3.97 38.11
CA VAL B 70 49.40 -3.47 38.49
CA VAL B 70 49.36 -3.49 38.49
C VAL B 70 49.47 -1.96 38.60
C VAL B 70 49.44 -1.98 38.69
N SER B 71 48.32 -1.30 38.44
CA SER B 71 48.26 0.14 38.54
C SER B 71 46.98 0.56 39.24
N ASP B 72 47.06 1.61 40.03
CA ASP B 72 45.85 2.16 40.65
C ASP B 72 45.20 3.23 39.79
N LEU B 73 45.72 3.51 38.60
CA LEU B 73 45.13 4.47 37.67
C LEU B 73 44.37 3.81 36.53
N THR B 74 44.87 2.66 36.05
CA THR B 74 44.27 1.94 34.94
C THR B 74 44.10 0.48 35.33
N TYR B 75 43.12 -0.18 34.70
CA TYR B 75 42.94 -1.61 34.91
C TYR B 75 43.94 -2.44 34.12
N SER B 76 44.79 -1.83 33.32
CA SER B 76 45.81 -2.58 32.59
C SER B 76 46.72 -3.31 33.57
N GLY B 77 47.15 -4.53 33.19
CA GLY B 77 48.10 -5.25 33.99
C GLY B 77 47.61 -6.63 34.33
N TYR B 78 48.28 -7.23 35.30
CA TYR B 78 48.13 -8.66 35.58
C TYR B 78 46.91 -8.95 36.43
N VAL B 79 46.26 -10.08 36.12
CA VAL B 79 45.15 -10.62 36.89
C VAL B 79 45.53 -12.05 37.26
N ALA B 80 45.58 -12.34 38.56
CA ALA B 80 45.92 -13.69 39.01
C ALA B 80 44.73 -14.63 38.82
N SER B 81 45.02 -15.92 38.75
CA SER B 81 43.96 -16.93 38.76
C SER B 81 43.11 -16.74 40.01
N GLY B 82 41.79 -16.63 39.83
CA GLY B 82 40.88 -16.41 40.93
C GLY B 82 40.66 -14.97 41.32
N GLU B 83 41.33 -14.02 40.67
CA GLU B 83 41.12 -12.62 41.01
C GLU B 83 39.89 -12.05 40.33
N GLU B 84 39.64 -12.41 39.07
CA GLU B 84 38.45 -11.92 38.39
C GLU B 84 37.22 -12.74 38.79
N VAL B 85 36.10 -12.06 39.01
CA VAL B 85 34.84 -12.71 39.33
C VAL B 85 33.85 -12.45 38.20
N THR B 86 33.13 -13.50 37.80
CA THR B 86 32.02 -13.40 36.86
C THR B 86 30.79 -13.93 37.57
N ALA B 87 29.76 -13.10 37.68
CA ALA B 87 28.57 -13.45 38.46
C ALA B 87 28.96 -13.86 39.88
N GLY B 88 29.96 -13.18 40.44
CA GLY B 88 30.42 -13.45 41.79
C GLY B 88 31.33 -14.64 41.95
N LYS B 89 31.47 -15.51 40.92
CA LYS B 89 32.29 -16.71 41.04
C LYS B 89 33.66 -16.49 40.40
N PRO B 90 34.76 -16.74 41.11
CA PRO B 90 36.09 -16.46 40.55
C PRO B 90 36.42 -17.32 39.34
N ASP B 91 36.96 -16.67 38.30
CA ASP B 91 37.41 -17.33 37.08
C ASP B 91 38.85 -17.84 37.23
N PHE B 92 39.20 -18.82 36.41
CA PHE B 92 40.50 -19.49 36.49
C PHE B 92 41.69 -18.87 35.73
N PRO B 93 41.51 -18.06 34.68
CA PRO B 93 42.70 -17.69 33.90
C PRO B 93 43.55 -16.64 34.58
N GLU B 94 44.85 -16.68 34.28
CA GLU B 94 45.69 -15.50 34.41
C GLU B 94 45.44 -14.61 33.21
N ILE B 95 45.47 -13.30 33.43
CA ILE B 95 45.21 -12.34 32.35
C ILE B 95 46.24 -11.23 32.44
N PHE B 96 46.63 -10.71 31.28
CA PHE B 96 47.21 -9.38 31.20
C PHE B 96 46.29 -8.52 30.36
N THR B 97 45.77 -7.44 30.95
CA THR B 97 44.86 -6.51 30.29
C THR B 97 45.67 -5.35 29.73
N VAL B 98 45.43 -5.02 28.45
CA VAL B 98 46.10 -3.90 27.80
C VAL B 98 45.01 -2.88 27.43
N CYS B 99 44.86 -1.84 28.24
CA CYS B 99 44.05 -0.69 27.84
C CYS B 99 44.93 0.40 27.22
N LYS B 100 44.27 1.47 26.76
CA LYS B 100 44.97 2.56 26.11
C LYS B 100 46.14 3.01 26.97
N ASP B 101 47.34 3.05 26.37
CA ASP B 101 48.59 3.26 27.10
C ASP B 101 48.86 4.76 27.15
N LEU B 102 48.44 5.41 28.23
CA LEU B 102 48.50 6.86 28.36
C LEU B 102 49.54 7.26 29.39
N SER B 103 50.47 8.12 28.98
CA SER B 103 51.49 8.59 29.91
C SER B 103 50.86 9.48 30.99
N VAL B 104 51.57 9.62 32.10
CA VAL B 104 51.11 10.51 33.17
C VAL B 104 51.04 11.96 32.71
N GLY B 105 51.67 12.29 31.58
CA GLY B 105 51.59 13.62 31.01
C GLY B 105 50.41 13.87 30.11
N ASP B 106 49.65 12.83 29.79
CA ASP B 106 48.45 12.98 28.97
C ASP B 106 47.41 13.78 29.75
N GLN B 107 46.72 14.68 29.06
CA GLN B 107 45.80 15.59 29.74
C GLN B 107 44.70 14.85 30.50
N ARG B 108 44.25 13.71 29.98
CA ARG B 108 43.18 12.96 30.66
C ARG B 108 43.68 12.36 31.96
N VAL B 109 44.93 11.89 31.99
CA VAL B 109 45.49 11.35 33.22
C VAL B 109 45.73 12.46 34.22
N LYS B 110 46.29 13.59 33.77
CA LYS B 110 46.45 14.74 34.66
C LYS B 110 45.09 15.19 35.21
N ALA B 111 44.04 15.12 34.39
CA ALA B 111 42.71 15.50 34.83
C ALA B 111 42.04 14.44 35.70
N GLY B 112 42.66 13.28 35.89
CA GLY B 112 42.12 12.26 36.76
C GLY B 112 40.94 11.47 36.23
N TRP B 113 40.83 11.31 34.91
CA TRP B 113 39.73 10.52 34.37
C TRP B 113 39.85 9.06 34.83
N PRO B 114 38.75 8.42 35.22
CA PRO B 114 38.85 7.04 35.70
C PRO B 114 39.31 6.11 34.59
N CYS B 115 40.16 5.16 34.97
CA CYS B 115 40.66 4.08 34.12
C CYS B 115 41.75 4.54 33.16
N HIS B 116 42.17 5.80 33.20
CA HIS B 116 43.16 6.36 32.28
C HIS B 116 44.54 6.38 32.95
N GLY B 117 45.52 5.77 32.29
CA GLY B 117 46.84 5.70 32.86
C GLY B 117 47.78 4.82 32.06
N PRO B 118 49.05 4.77 32.47
CA PRO B 118 50.04 3.99 31.72
C PRO B 118 49.97 2.51 32.04
N VAL B 119 50.11 1.67 31.01
CA VAL B 119 50.13 0.21 31.21
C VAL B 119 51.37 -0.16 32.01
N PRO B 120 51.24 -0.98 33.06
CA PRO B 120 52.42 -1.47 33.79
C PRO B 120 53.04 -2.67 33.08
N TRP B 121 53.72 -2.37 31.97
CA TRP B 121 54.28 -3.39 31.10
C TRP B 121 55.30 -4.24 31.85
N PRO B 122 55.36 -5.55 31.60
CA PRO B 122 56.46 -6.34 32.18
C PRO B 122 57.81 -5.98 31.59
N ASN B 123 57.83 -5.58 30.32
CA ASN B 123 59.05 -5.15 29.64
C ASN B 123 58.64 -4.56 28.29
N ASN B 124 59.63 -3.98 27.59
CA ASN B 124 59.31 -3.27 26.35
C ASN B 124 59.09 -4.21 25.17
N THR B 125 59.65 -5.42 25.22
CA THR B 125 59.47 -6.38 24.14
C THR B 125 58.04 -6.90 24.14
N TYR B 126 57.54 -7.27 25.32
CA TYR B 126 56.13 -7.58 25.49
C TYR B 126 55.24 -6.44 24.99
N GLN B 127 55.58 -5.21 25.37
CA GLN B 127 54.79 -4.05 24.95
C GLN B 127 54.73 -3.95 23.43
N LYS B 128 55.87 -4.10 22.76
CA LYS B 128 55.89 -3.96 21.31
C LYS B 128 55.06 -5.07 20.65
N SER B 129 55.17 -6.30 21.13
CA SER B 129 54.39 -7.39 20.55
C SER B 129 52.90 -7.13 20.68
N MET B 130 52.45 -6.65 21.85
CA MET B 130 51.03 -6.44 22.05
C MET B 130 50.53 -5.22 21.29
N LYS B 131 51.31 -4.14 21.26
CA LYS B 131 50.85 -2.96 20.53
C LYS B 131 50.76 -3.23 19.02
N THR B 132 51.76 -3.93 18.46
CA THR B 132 51.70 -4.28 17.04
C THR B 132 50.47 -5.13 16.73
N PHE B 133 50.20 -6.11 17.60
CA PHE B 133 49.03 -6.97 17.43
C PHE B 133 47.74 -6.14 17.46
N MET B 134 47.62 -5.25 18.45
CA MET B 134 46.40 -4.47 18.58
C MET B 134 46.24 -3.47 17.44
N GLU B 135 47.35 -3.00 16.85
CA GLU B 135 47.22 -2.13 15.67
C GLU B 135 46.58 -2.88 14.52
N GLU B 136 47.02 -4.11 14.27
CA GLU B 136 46.44 -4.93 13.22
C GLU B 136 44.99 -5.28 13.52
N LEU B 137 44.71 -5.67 14.77
CA LEU B 137 43.33 -5.97 15.16
C LEU B 137 42.43 -4.76 14.95
N GLY B 138 42.94 -3.56 15.25
CA GLY B 138 42.14 -2.35 15.06
C GLY B 138 41.80 -2.09 13.60
N LEU B 139 42.73 -2.40 12.69
CA LEU B 139 42.42 -2.21 11.27
C LEU B 139 41.29 -3.12 10.83
N ALA B 140 41.30 -4.38 11.31
CA ALA B 140 40.20 -5.29 11.05
C ALA B 140 38.90 -4.78 11.66
N GLY B 141 38.96 -4.31 12.91
CA GLY B 141 37.76 -3.78 13.55
C GLY B 141 37.13 -2.66 12.76
N GLU B 142 37.95 -1.79 12.16
CA GLU B 142 37.41 -0.70 11.37
C GLU B 142 36.77 -1.22 10.09
N ARG B 143 37.40 -2.18 9.42
CA ARG B 143 36.77 -2.81 8.24
C ARG B 143 35.43 -3.42 8.63
N LEU B 144 35.41 -4.17 9.73
CA LEU B 144 34.18 -4.82 10.17
C LEU B 144 33.08 -3.81 10.49
N LEU B 145 33.44 -2.68 11.10
CA LEU B 145 32.41 -1.70 11.46
C LEU B 145 31.86 -1.00 10.23
N LYS B 146 32.71 -0.74 9.23
CA LYS B 146 32.20 -0.18 7.98
C LYS B 146 31.27 -1.15 7.28
N LEU B 147 31.64 -2.44 7.24
CA LEU B 147 30.78 -3.45 6.62
C LEU B 147 29.48 -3.63 7.40
N THR B 148 29.53 -3.53 8.73
CA THR B 148 28.30 -3.65 9.51
C THR B 148 27.34 -2.49 9.21
N ALA B 149 27.86 -1.26 9.14
CA ALA B 149 27.02 -0.14 8.77
C ALA B 149 26.40 -0.34 7.40
N LEU B 150 27.21 -0.75 6.42
CA LEU B 150 26.71 -0.94 5.06
C LEU B 150 25.65 -2.03 5.00
N GLY B 151 25.85 -3.10 5.78
CA GLY B 151 24.86 -4.18 5.80
C GLY B 151 23.53 -3.74 6.37
N PHE B 152 23.53 -2.77 7.29
CA PHE B 152 22.31 -2.17 7.79
C PHE B 152 21.84 -0.99 6.96
N GLU B 153 22.49 -0.75 5.81
CA GLU B 153 22.14 0.34 4.90
C GLU B 153 22.21 1.69 5.61
N LEU B 154 23.23 1.85 6.43
CA LEU B 154 23.56 3.09 7.13
C LEU B 154 24.77 3.74 6.48
N PRO B 155 24.96 5.04 6.70
CA PRO B 155 26.20 5.68 6.21
C PRO B 155 27.43 4.91 6.64
N ILE B 156 28.40 4.79 5.73
CA ILE B 156 29.52 3.86 5.90
C ILE B 156 30.31 4.15 7.18
N ASN B 157 30.33 5.39 7.64
CA ASN B 157 31.11 5.75 8.81
C ASN B 157 30.28 5.92 10.07
N THR B 158 29.08 5.35 10.10
CA THR B 158 28.22 5.49 11.28
C THR B 158 28.91 5.00 12.55
N PHE B 159 29.52 3.81 12.49
CA PHE B 159 30.18 3.27 13.68
C PHE B 159 31.59 3.80 13.86
N THR B 160 32.33 3.96 12.76
CA THR B 160 33.71 4.43 12.87
C THR B 160 33.78 5.86 13.38
N ASP B 161 32.73 6.65 13.17
CA ASP B 161 32.65 7.98 13.79
C ASP B 161 32.72 7.88 15.32
N LEU B 162 32.29 6.75 15.89
CA LEU B 162 32.30 6.59 17.34
C LEU B 162 33.61 6.02 17.86
N THR B 163 34.46 5.50 16.98
CA THR B 163 35.68 4.82 17.40
C THR B 163 36.95 5.62 17.16
N ARG B 164 36.82 6.90 16.81
CA ARG B 164 38.00 7.76 16.76
C ARG B 164 38.62 7.81 18.15
N ASP B 165 39.93 7.51 18.22
CA ASP B 165 40.61 7.32 19.50
C ASP B 165 39.83 6.39 20.43
N GLY B 166 39.29 5.31 19.85
CA GLY B 166 38.45 4.42 20.61
C GLY B 166 39.17 3.76 21.77
N TRP B 167 38.37 3.33 22.75
CA TRP B 167 38.89 2.74 23.98
C TRP B 167 39.21 1.27 23.77
N HIS B 168 39.96 0.95 22.71
CA HIS B 168 40.26 -0.44 22.39
C HIS B 168 41.14 -1.05 23.47
N HIS B 169 40.86 -2.29 23.82
CA HIS B 169 41.69 -2.97 24.82
C HIS B 169 41.71 -4.45 24.50
N MET B 170 42.56 -5.17 25.21
CA MET B 170 42.77 -6.58 24.91
C MET B 170 43.06 -7.33 26.20
N ARG B 171 42.52 -8.55 26.30
CA ARG B 171 42.80 -9.45 27.41
C ARG B 171 43.65 -10.60 26.87
N VAL B 172 44.84 -10.76 27.44
CA VAL B 172 45.78 -11.80 27.04
C VAL B 172 45.71 -12.88 28.12
N LEU B 173 45.19 -14.07 27.77
CA LEU B 173 44.74 -15.06 28.74
C LEU B 173 45.56 -16.34 28.70
N ARG B 174 45.79 -16.94 29.87
CA ARG B 174 46.30 -18.30 29.99
C ARG B 174 45.44 -19.05 30.98
N PHE B 175 44.77 -20.09 30.49
CA PHE B 175 43.97 -20.95 31.38
C PHE B 175 44.81 -22.13 31.83
N PRO B 176 44.76 -22.51 33.11
CA PRO B 176 45.40 -23.75 33.51
C PRO B 176 44.66 -24.93 32.91
N PRO B 177 45.29 -26.11 32.85
CA PRO B 177 44.53 -27.32 32.56
C PRO B 177 43.57 -27.60 33.71
N GLN B 178 42.55 -28.40 33.41
CA GLN B 178 41.67 -28.89 34.46
C GLN B 178 42.46 -29.74 35.45
N THR B 179 42.24 -29.51 36.75
CA THR B 179 42.98 -30.21 37.80
C THR B 179 42.07 -30.89 38.83
N SER B 180 40.76 -30.80 38.66
CA SER B 180 39.79 -31.46 39.54
C SER B 180 38.51 -31.63 38.71
N THR B 181 37.38 -31.86 39.40
CA THR B 181 36.12 -31.89 38.66
C THR B 181 35.67 -30.50 38.22
N LEU B 182 36.30 -29.44 38.71
CA LEU B 182 35.91 -28.08 38.34
C LEU B 182 36.41 -27.76 36.95
N SER B 183 35.53 -27.23 36.10
CA SER B 183 35.90 -26.96 34.71
C SER B 183 35.45 -25.59 34.21
N ARG B 184 34.85 -24.75 35.05
CA ARG B 184 34.37 -23.42 34.66
C ARG B 184 35.55 -22.47 34.58
N GLY B 185 36.13 -22.33 33.38
CA GLY B 185 37.24 -21.42 33.18
C GLY B 185 36.83 -19.97 33.32
N ILE B 186 35.86 -19.54 32.49
CA ILE B 186 35.17 -18.27 32.67
C ILE B 186 33.68 -18.55 32.56
N GLY B 187 32.90 -17.95 33.45
CA GLY B 187 31.45 -18.11 33.38
C GLY B 187 30.86 -17.45 32.15
N ALA B 188 29.60 -17.79 31.89
CA ALA B 188 28.89 -17.18 30.76
C ALA B 188 28.81 -15.66 30.95
N HIS B 189 29.03 -14.92 29.88
CA HIS B 189 29.00 -13.46 29.95
C HIS B 189 28.90 -12.90 28.55
N THR B 190 28.67 -11.60 28.47
CA THR B 190 28.75 -10.84 27.23
C THR B 190 29.77 -9.70 27.43
N ASP B 191 30.51 -9.36 26.42
CA ASP B 191 31.41 -8.26 26.51
C ASP B 191 30.75 -6.94 26.15
N TYR B 192 31.51 -5.89 26.35
CA TYR B 192 30.96 -4.58 26.46
C TYR B 192 30.95 -3.51 25.39
N GLY B 193 31.68 -3.74 24.34
CA GLY B 193 31.89 -2.69 23.35
C GLY B 193 31.15 -2.97 22.05
N LEU B 194 31.79 -2.61 20.93
CA LEU B 194 31.16 -2.84 19.64
C LEU B 194 31.44 -4.25 19.14
N LEU B 195 32.72 -4.63 19.04
CA LEU B 195 33.13 -5.91 18.49
C LEU B 195 34.08 -6.61 19.43
N VAL B 196 34.05 -7.94 19.40
CA VAL B 196 35.08 -8.78 20.01
C VAL B 196 35.77 -9.53 18.89
N ILE B 197 37.08 -9.38 18.76
CA ILE B 197 37.90 -10.15 17.83
C ILE B 197 38.82 -11.01 18.67
N ALA B 198 38.77 -12.34 18.47
CA ALA B 198 39.48 -13.25 19.35
C ALA B 198 40.35 -14.22 18.56
N ALA B 199 41.46 -14.62 19.18
CA ALA B 199 42.37 -15.62 18.66
C ALA B 199 42.64 -16.63 19.77
N GLN B 200 43.00 -17.85 19.38
CA GLN B 200 43.27 -18.90 20.35
C GLN B 200 44.31 -19.86 19.80
N ASP B 201 44.95 -20.61 20.71
CA ASP B 201 45.86 -21.65 20.28
C ASP B 201 45.06 -22.90 19.93
N ASP B 202 45.72 -24.06 19.82
CA ASP B 202 45.07 -25.24 19.27
C ASP B 202 44.37 -26.09 20.33
N VAL B 203 44.30 -25.62 21.58
CA VAL B 203 43.81 -26.47 22.66
C VAL B 203 42.28 -26.55 22.66
N GLY B 204 41.60 -25.41 22.64
CA GLY B 204 40.15 -25.41 22.63
C GLY B 204 39.51 -25.24 23.99
N GLY B 205 38.42 -24.48 24.04
CA GLY B 205 37.70 -24.27 25.28
C GLY B 205 36.63 -23.19 25.24
N LEU B 206 36.56 -22.43 24.14
CA LEU B 206 35.60 -21.33 24.03
C LEU B 206 34.28 -21.84 23.45
N TYR B 207 33.18 -21.53 24.13
CA TYR B 207 31.83 -21.82 23.66
C TYR B 207 31.06 -20.52 23.52
N ILE B 208 30.21 -20.43 22.49
CA ILE B 208 29.38 -19.25 22.27
C ILE B 208 27.93 -19.69 22.09
N ARG B 209 27.02 -18.76 22.38
CA ARG B 209 25.58 -19.05 22.27
C ARG B 209 24.98 -18.28 21.09
N PRO B 210 24.43 -18.98 20.11
CA PRO B 210 23.79 -18.28 18.98
C PRO B 210 22.49 -17.66 19.43
N PRO B 211 21.90 -16.76 18.63
CA PRO B 211 20.56 -16.29 18.93
C PRO B 211 19.59 -17.47 18.95
N VAL B 212 18.62 -17.42 19.86
CA VAL B 212 17.66 -18.50 20.03
C VAL B 212 16.26 -17.94 19.83
N GLU B 213 15.47 -18.59 18.97
CA GLU B 213 14.13 -18.12 18.65
C GLU B 213 13.29 -17.98 19.91
N GLY B 214 12.79 -16.78 20.16
CA GLY B 214 11.96 -16.53 21.32
C GLY B 214 12.67 -16.42 22.64
N GLU B 215 14.00 -16.41 22.64
CA GLU B 215 14.78 -16.29 23.87
C GLU B 215 15.11 -14.81 24.10
N LYS B 216 14.50 -14.22 25.13
CA LYS B 216 14.83 -12.86 25.51
C LYS B 216 16.25 -12.80 26.06
N ARG B 217 16.91 -11.66 25.83
CA ARG B 217 18.29 -11.46 26.27
C ARG B 217 18.37 -10.22 27.16
N ASN B 218 19.12 -10.33 28.25
CA ASN B 218 19.33 -9.21 29.15
C ASN B 218 20.12 -8.10 28.47
N ARG B 219 19.91 -6.88 28.95
CA ARG B 219 20.62 -5.69 28.46
C ARG B 219 21.69 -5.39 29.51
N ASN B 220 22.89 -5.93 29.28
CA ASN B 220 23.94 -5.93 30.28
C ASN B 220 24.41 -4.53 30.67
N TRP B 221 24.04 -3.51 29.91
CA TRP B 221 24.39 -2.15 30.26
C TRP B 221 23.47 -1.55 31.30
N LEU B 222 22.40 -2.24 31.65
CA LEU B 222 21.47 -1.72 32.65
C LEU B 222 21.73 -2.38 34.00
N PRO B 223 21.60 -1.63 35.09
CA PRO B 223 21.65 -2.27 36.41
C PRO B 223 20.39 -3.08 36.62
N GLY B 224 20.56 -4.30 37.13
CA GLY B 224 19.47 -5.24 37.27
C GLY B 224 19.33 -6.23 36.14
N GLU B 225 20.06 -6.03 35.04
CA GLU B 225 19.97 -6.93 33.88
C GLU B 225 21.35 -7.41 33.47
N SER B 226 22.19 -7.79 34.43
CA SER B 226 23.49 -8.34 34.08
C SER B 226 23.32 -9.62 33.27
N SER B 227 24.13 -9.77 32.22
CA SER B 227 24.15 -10.99 31.44
C SER B 227 25.11 -12.04 32.01
N ALA B 228 25.86 -11.71 33.06
CA ALA B 228 26.79 -12.67 33.64
C ALA B 228 26.05 -13.89 34.20
N GLY B 229 26.51 -15.08 33.80
CA GLY B 229 25.96 -16.34 34.26
C GLY B 229 24.70 -16.83 33.57
N MET B 230 24.07 -16.00 32.73
N MET B 230 24.07 -16.00 32.74
CA MET B 230 22.82 -16.40 32.12
CA MET B 230 22.82 -16.39 32.11
C MET B 230 23.05 -17.46 31.05
C MET B 230 23.07 -17.49 31.06
N PHE B 231 22.18 -18.48 31.04
CA PHE B 231 22.19 -19.60 30.11
C PHE B 231 23.37 -20.54 30.27
N GLU B 232 24.20 -20.36 31.31
CA GLU B 232 25.46 -21.08 31.40
C GLU B 232 25.28 -22.60 31.30
N HIS B 233 24.17 -23.15 31.82
CA HIS B 233 24.00 -24.60 31.85
C HIS B 233 22.90 -25.11 30.93
N ASP B 234 22.47 -24.31 29.96
CA ASP B 234 21.44 -24.69 29.00
C ASP B 234 21.96 -24.61 27.58
N GLU B 235 21.69 -25.66 26.79
CA GLU B 235 21.94 -25.59 25.36
C GLU B 235 21.12 -24.46 24.72
N PRO B 236 21.54 -23.96 23.54
CA PRO B 236 22.70 -24.36 22.75
C PRO B 236 23.96 -23.59 23.10
N TRP B 237 25.07 -24.31 23.15
CA TRP B 237 26.40 -23.73 23.26
C TRP B 237 27.23 -24.28 22.10
N THR B 238 27.68 -23.40 21.22
CA THR B 238 28.49 -23.80 20.08
C THR B 238 29.96 -23.80 20.46
N PHE B 239 30.65 -24.91 20.21
CA PHE B 239 32.08 -24.98 20.47
C PHE B 239 32.83 -24.29 19.34
N VAL B 240 33.71 -23.34 19.70
CA VAL B 240 34.50 -22.61 18.69
C VAL B 240 35.76 -23.43 18.47
N THR B 241 35.67 -24.41 17.57
CA THR B 241 36.77 -25.34 17.34
C THR B 241 38.02 -24.59 16.91
N PRO B 242 39.17 -24.82 17.53
CA PRO B 242 40.41 -24.17 17.06
C PRO B 242 40.67 -24.48 15.60
N THR B 243 40.93 -23.42 14.82
CA THR B 243 41.05 -23.49 13.38
C THR B 243 42.22 -22.62 12.96
N PRO B 244 43.21 -23.16 12.25
CA PRO B 244 44.36 -22.35 11.86
C PRO B 244 43.95 -21.21 10.94
N GLY B 245 44.63 -20.09 11.08
CA GLY B 245 44.53 -19.02 10.09
C GLY B 245 43.24 -18.22 10.11
N VAL B 246 42.57 -18.12 11.27
CA VAL B 246 41.38 -17.29 11.38
C VAL B 246 41.37 -16.57 12.72
N TRP B 247 40.63 -15.46 12.75
CA TRP B 247 40.15 -14.85 13.98
C TRP B 247 38.64 -15.01 14.03
N THR B 248 38.07 -15.04 15.23
CA THR B 248 36.61 -15.01 15.36
C THR B 248 36.14 -13.60 15.69
N VAL B 249 34.89 -13.30 15.32
CA VAL B 249 34.30 -11.98 15.56
C VAL B 249 32.87 -12.17 16.04
N PHE B 250 32.48 -11.46 17.11
CA PHE B 250 31.08 -11.42 17.51
C PHE B 250 30.77 -10.08 18.16
N PRO B 251 29.49 -9.69 18.22
CA PRO B 251 29.12 -8.37 18.74
C PRO B 251 29.20 -8.28 20.26
N GLY B 252 29.41 -7.06 20.75
CA GLY B 252 29.31 -6.74 22.15
C GLY B 252 28.07 -5.91 22.49
N ASP B 253 28.01 -5.48 23.76
CA ASP B 253 26.81 -4.84 24.29
C ASP B 253 26.40 -3.61 23.47
N ILE B 254 27.38 -2.80 23.04
CA ILE B 254 27.04 -1.55 22.37
C ILE B 254 26.34 -1.81 21.04
N LEU B 255 26.78 -2.84 20.30
CA LEU B 255 26.08 -3.17 19.06
C LEU B 255 24.67 -3.67 19.33
N GLN B 256 24.48 -4.44 20.40
CA GLN B 256 23.13 -4.88 20.74
C GLN B 256 22.23 -3.68 21.01
N PHE B 257 22.72 -2.71 21.79
CA PHE B 257 21.91 -1.54 22.12
C PHE B 257 21.65 -0.69 20.88
N MET B 258 22.69 -0.39 20.10
CA MET B 258 22.52 0.52 18.97
C MET B 258 21.62 -0.08 17.90
N THR B 259 21.63 -1.39 17.72
CA THR B 259 20.77 -2.01 16.71
C THR B 259 19.41 -2.41 17.26
N GLY B 260 19.10 -2.06 18.51
CA GLY B 260 17.83 -2.42 19.09
C GLY B 260 17.57 -3.90 19.17
N GLY B 261 18.62 -4.70 19.27
CA GLY B 261 18.48 -6.14 19.36
C GLY B 261 18.55 -6.90 18.05
N GLN B 262 18.64 -6.21 16.91
N GLN B 262 18.62 -6.20 16.91
CA GLN B 262 18.81 -6.94 15.65
CA GLN B 262 18.84 -6.87 15.64
C GLN B 262 20.15 -7.67 15.60
C GLN B 262 20.11 -7.71 15.69
N LEU B 263 21.13 -7.20 16.36
CA LEU B 263 22.30 -7.96 16.72
C LEU B 263 22.26 -8.15 18.23
N LEU B 264 22.74 -9.29 18.69
CA LEU B 264 22.79 -9.59 20.11
C LEU B 264 24.24 -9.70 20.55
N SER B 265 24.54 -9.16 21.73
CA SER B 265 25.85 -9.37 22.33
C SER B 265 26.00 -10.86 22.62
N THR B 266 26.98 -11.49 22.01
CA THR B 266 27.04 -12.95 22.02
C THR B 266 27.45 -13.46 23.39
N PRO B 267 26.62 -14.26 24.07
CA PRO B 267 27.08 -14.88 25.32
C PRO B 267 28.15 -15.92 25.03
N HIS B 268 29.13 -16.01 25.92
CA HIS B 268 30.21 -16.96 25.72
C HIS B 268 30.85 -17.31 27.06
N LYS B 269 31.53 -18.44 27.08
CA LYS B 269 32.13 -18.99 28.29
C LYS B 269 33.33 -19.84 27.88
N VAL B 270 34.20 -20.15 28.86
CA VAL B 270 35.37 -20.97 28.59
C VAL B 270 35.39 -22.16 29.54
N LYS B 271 35.59 -23.35 29.00
CA LYS B 271 35.74 -24.56 29.78
C LYS B 271 37.21 -24.96 29.81
N LEU B 272 37.69 -25.37 30.98
CA LEU B 272 39.08 -25.82 31.09
C LEU B 272 39.27 -27.12 30.32
N ASN B 273 40.47 -27.31 29.78
CA ASN B 273 40.80 -28.48 28.97
C ASN B 273 41.92 -29.28 29.65
N THR B 274 42.37 -30.35 28.97
CA THR B 274 43.39 -31.22 29.54
C THR B 274 44.78 -30.60 29.49
N ARG B 275 44.95 -29.51 28.75
CA ARG B 275 46.19 -28.76 28.69
C ARG B 275 45.92 -27.30 28.97
N GLU B 276 46.97 -26.57 29.34
CA GLU B 276 46.84 -25.13 29.46
C GLU B 276 46.47 -24.53 28.11
N ARG B 277 45.78 -23.39 28.14
CA ARG B 277 45.22 -22.80 26.92
C ARG B 277 45.53 -21.32 26.89
N PHE B 278 46.10 -20.85 25.78
CA PHE B 278 46.37 -19.44 25.55
C PHE B 278 45.35 -18.87 24.57
N ALA B 279 44.86 -17.68 24.88
CA ALA B 279 43.93 -16.98 24.00
C ALA B 279 44.11 -15.48 24.16
N CYS B 280 43.64 -14.74 23.17
CA CYS B 280 43.62 -13.28 23.22
C CYS B 280 42.24 -12.82 22.76
N ALA B 281 41.61 -11.94 23.54
CA ALA B 281 40.33 -11.36 23.18
C ALA B 281 40.52 -9.87 23.02
N TYR B 282 40.23 -9.35 21.83
CA TYR B 282 40.41 -7.95 21.52
C TYR B 282 39.05 -7.27 21.44
N PHE B 283 38.96 -6.08 22.01
CA PHE B 283 37.70 -5.36 22.09
C PHE B 283 37.83 -4.05 21.33
N HIS B 284 37.07 -3.93 20.24
CA HIS B 284 37.02 -2.73 19.43
C HIS B 284 35.88 -1.87 19.95
N GLU B 285 36.22 -0.77 20.63
CA GLU B 285 35.31 -0.02 21.49
C GLU B 285 35.07 1.40 20.98
N PRO B 286 33.95 2.00 21.34
CA PRO B 286 33.77 3.44 21.13
C PRO B 286 34.81 4.22 21.92
N ASN B 287 34.99 5.49 21.53
CA ASN B 287 35.72 6.43 22.37
C ASN B 287 35.15 6.42 23.79
N PHE B 288 36.03 6.61 24.78
CA PHE B 288 35.62 6.61 26.18
C PHE B 288 34.52 7.64 26.44
N GLU B 289 34.51 8.74 25.69
CA GLU B 289 33.52 9.78 25.85
C GLU B 289 32.33 9.62 24.92
N ALA B 290 32.28 8.58 24.12
CA ALA B 290 31.22 8.42 23.14
C ALA B 290 29.91 8.07 23.83
N SER B 291 28.81 8.58 23.27
CA SER B 291 27.48 8.23 23.74
C SER B 291 26.78 7.46 22.62
N ALA B 292 26.70 6.14 22.77
CA ALA B 292 25.98 5.33 21.80
C ALA B 292 24.48 5.64 21.86
N TYR B 293 23.82 5.53 20.72
CA TYR B 293 22.42 5.92 20.56
C TYR B 293 21.69 4.88 19.73
N PRO B 294 20.37 4.78 19.87
CA PRO B 294 19.60 3.83 19.03
C PRO B 294 19.61 4.27 17.57
N LEU B 295 20.02 3.35 16.69
CA LEU B 295 20.14 3.70 15.28
C LEU B 295 18.79 3.72 14.57
N PHE B 296 17.87 2.85 14.97
CA PHE B 296 16.59 2.68 14.28
C PHE B 296 15.43 3.28 15.05
N GLU B 297 15.74 4.15 16.02
CA GLU B 297 14.74 4.97 16.71
C GLU B 297 15.37 6.32 16.99
N PRO B 298 15.53 7.15 15.95
CA PRO B 298 16.31 8.38 16.10
C PRO B 298 15.81 9.32 17.19
N SER B 299 14.52 9.27 17.51
CA SER B 299 13.95 10.15 18.53
C SER B 299 14.09 9.58 19.93
N ALA B 300 14.52 8.32 20.08
CA ALA B 300 14.66 7.73 21.40
C ALA B 300 15.66 8.53 22.24
N ASN B 301 15.44 8.52 23.56
CA ASN B 301 16.28 9.27 24.48
C ASN B 301 17.36 8.42 25.14
N GLU B 302 17.24 7.11 25.09
CA GLU B 302 18.23 6.24 25.73
C GLU B 302 19.61 6.47 25.14
N ARG B 303 20.62 6.49 26.00
CA ARG B 303 22.00 6.62 25.60
C ARG B 303 22.85 5.72 26.49
N ILE B 304 23.98 5.26 25.95
CA ILE B 304 25.00 4.59 26.73
C ILE B 304 26.27 5.43 26.63
N HIS B 305 26.69 6.00 27.74
CA HIS B 305 28.00 6.63 27.81
C HIS B 305 29.04 5.52 27.95
N TYR B 306 29.82 5.28 26.89
CA TYR B 306 30.59 4.04 26.86
C TYR B 306 31.57 3.96 28.03
N GLY B 307 32.29 5.05 28.32
CA GLY B 307 33.24 5.02 29.42
C GLY B 307 32.61 4.67 30.75
N GLU B 308 31.35 5.10 30.96
CA GLU B 308 30.64 4.74 32.18
C GLU B 308 30.38 3.23 32.24
N HIS B 309 29.97 2.64 31.10
CA HIS B 309 29.75 1.20 31.06
C HIS B 309 31.06 0.44 31.32
N PHE B 310 32.12 0.84 30.62
CA PHE B 310 33.42 0.20 30.83
C PHE B 310 33.82 0.22 32.30
N THR B 311 33.70 1.39 32.93
CA THR B 311 34.14 1.54 34.32
C THR B 311 33.31 0.69 35.25
N ASN B 312 31.98 0.70 35.08
CA ASN B 312 31.12 -0.12 35.94
C ASN B 312 31.43 -1.59 35.76
N MET B 313 31.76 -2.01 34.55
CA MET B 313 32.04 -3.43 34.31
C MET B 313 33.34 -3.85 34.97
N PHE B 314 34.40 -3.05 34.80
CA PHE B 314 35.68 -3.46 35.34
C PHE B 314 35.70 -3.35 36.86
N MET B 315 34.92 -2.44 37.44
CA MET B 315 34.79 -2.43 38.90
C MET B 315 34.10 -3.70 39.38
N ARG B 316 33.16 -4.25 38.60
CA ARG B 316 32.48 -5.47 39.03
C ARG B 316 33.34 -6.70 38.80
N CYS B 317 34.25 -6.65 37.81
CA CYS B 317 35.20 -7.75 37.59
C CYS B 317 36.20 -7.86 38.73
N TYR B 318 36.65 -6.71 39.25
CA TYR B 318 37.79 -6.62 40.15
C TYR B 318 37.43 -5.75 41.35
N PRO B 319 36.52 -6.22 42.19
CA PRO B 319 36.00 -5.35 43.27
C PRO B 319 37.04 -4.97 44.31
N ASP B 320 38.13 -5.73 44.44
CA ASP B 320 39.15 -5.45 45.45
C ASP B 320 40.45 -4.93 44.88
N ARG B 321 40.53 -4.70 43.57
CA ARG B 321 41.78 -4.26 42.96
C ARG B 321 42.07 -2.81 43.35
N ILE B 322 43.36 -2.47 43.46
CA ILE B 322 43.74 -1.11 43.83
C ILE B 322 43.15 -0.09 42.86
N THR B 323 42.94 -0.47 41.61
CA THR B 323 42.29 0.43 40.65
C THR B 323 40.88 0.78 41.12
N THR B 324 40.12 -0.24 41.53
CA THR B 324 38.76 -0.03 42.02
C THR B 324 38.76 0.78 43.31
N GLN B 325 39.69 0.47 44.22
CA GLN B 325 39.81 1.22 45.47
C GLN B 325 39.99 2.71 45.20
N ARG B 326 40.90 3.06 44.30
CA ARG B 326 41.19 4.47 44.08
C ARG B 326 40.02 5.18 43.42
N ILE B 327 39.30 4.49 42.53
CA ILE B 327 38.09 5.08 41.95
C ILE B 327 37.09 5.44 43.04
N ASN B 328 36.90 4.54 44.01
CA ASN B 328 35.96 4.81 45.10
C ASN B 328 36.47 5.93 46.00
N LYS B 329 37.73 5.83 46.44
CA LYS B 329 38.29 6.83 47.35
C LYS B 329 38.22 8.24 46.78
N GLU B 330 38.51 8.39 45.49
CA GLU B 330 38.52 9.68 44.83
C GLU B 330 37.21 9.97 44.09
N ASN B 331 36.21 9.11 44.24
CA ASN B 331 34.90 9.26 43.60
C ASN B 331 35.04 9.57 42.11
N ARG B 332 35.95 8.85 41.44
CA ARG B 332 36.21 9.10 40.03
C ARG B 332 34.99 8.75 39.17
N LEU B 333 34.20 7.76 39.58
CA LEU B 333 33.04 7.39 38.79
C LEU B 333 31.90 8.37 38.99
N ALA B 334 31.63 8.76 40.24
CA ALA B 334 30.62 9.77 40.51
C ALA B 334 30.94 11.08 39.81
N HIS B 335 32.23 11.40 39.68
CA HIS B 335 32.64 12.58 38.93
C HIS B 335 32.16 12.49 37.48
N LEU B 336 32.46 11.37 36.82
CA LEU B 336 31.97 11.18 35.45
C LEU B 336 30.45 11.15 35.40
N GLU B 337 29.80 10.68 36.46
CA GLU B 337 28.34 10.66 36.48
C GLU B 337 27.75 12.05 36.64
N ASP B 338 28.44 12.94 37.38
CA ASP B 338 27.99 14.32 37.53
C ASP B 338 28.48 15.22 36.41
N LEU B 339 29.56 14.84 35.71
CA LEU B 339 30.11 15.63 34.61
C LEU B 339 29.38 15.40 33.30
N LYS B 340 28.15 14.90 33.34
CA LYS B 340 27.36 14.69 32.12
C LYS B 340 26.08 15.52 32.15
N ASN C 3 7.73 18.24 -16.61
CA ASN C 3 6.41 17.62 -16.58
C ASN C 3 6.18 16.74 -17.81
N LEU C 4 6.14 15.43 -17.59
CA LEU C 4 5.93 14.50 -18.68
C LEU C 4 4.48 14.55 -19.15
N GLN C 5 4.27 14.14 -20.40
CA GLN C 5 2.92 14.02 -20.94
C GLN C 5 2.26 12.75 -20.43
N THR C 6 0.95 12.85 -20.15
CA THR C 6 0.19 11.77 -19.57
C THR C 6 -0.99 11.44 -20.47
N PHE C 7 -1.16 10.16 -20.79
CA PHE C 7 -2.22 9.71 -21.68
C PHE C 7 -3.10 8.68 -21.00
N GLU C 8 -4.35 8.63 -21.45
CA GLU C 8 -5.30 7.61 -21.03
C GLU C 8 -5.51 6.65 -22.20
N LEU C 9 -5.26 5.38 -21.96
CA LEU C 9 -5.41 4.44 -23.08
C LEU C 9 -6.83 3.87 -23.10
N PRO C 10 -7.37 3.62 -24.29
CA PRO C 10 -8.66 2.92 -24.38
C PRO C 10 -8.51 1.45 -24.05
N THR C 11 -9.57 0.85 -23.51
CA THR C 11 -9.52 -0.57 -23.17
C THR C 11 -9.21 -1.42 -24.39
N GLU C 12 -9.85 -1.13 -25.53
CA GLU C 12 -9.55 -1.81 -26.77
C GLU C 12 -9.22 -0.80 -27.86
N VAL C 13 -8.24 -1.15 -28.69
CA VAL C 13 -7.79 -0.32 -29.79
C VAL C 13 -8.39 -0.91 -31.06
N THR C 14 -9.27 -0.14 -31.72
CA THR C 14 -10.02 -0.63 -32.86
C THR C 14 -9.54 -0.08 -34.19
N GLY C 15 -8.77 1.00 -34.19
CA GLY C 15 -8.42 1.70 -35.41
C GLY C 15 -9.26 2.91 -35.70
N CYS C 16 -10.04 3.39 -34.74
CA CYS C 16 -10.87 4.56 -34.97
C CYS C 16 -10.00 5.80 -35.11
N ALA C 17 -10.65 6.91 -35.47
CA ALA C 17 -9.92 8.17 -35.64
C ALA C 17 -9.24 8.59 -34.35
N ALA C 18 -9.92 8.39 -33.21
CA ALA C 18 -9.32 8.76 -31.93
C ALA C 18 -8.11 7.89 -31.60
N ASP C 19 -8.15 6.62 -31.99
CA ASP C 19 -6.99 5.76 -31.80
C ASP C 19 -5.78 6.26 -32.58
N ILE C 20 -6.00 6.67 -33.83
CA ILE C 20 -4.90 7.12 -34.67
C ILE C 20 -4.29 8.40 -34.12
N SER C 21 -5.14 9.35 -33.70
CA SER C 21 -4.64 10.61 -33.15
C SER C 21 -3.89 10.37 -31.86
N LEU C 22 -4.41 9.51 -30.99
CA LEU C 22 -3.66 9.14 -29.78
C LEU C 22 -2.32 8.52 -30.15
N GLY C 23 -2.33 7.57 -31.09
CA GLY C 23 -1.09 6.92 -31.49
C GLY C 23 -0.05 7.89 -32.02
N ARG C 24 -0.48 8.86 -32.82
CA ARG C 24 0.45 9.88 -33.29
C ARG C 24 0.97 10.73 -32.15
N ALA C 25 0.13 11.00 -31.14
CA ALA C 25 0.55 11.78 -29.98
C ALA C 25 1.56 11.01 -29.13
N LEU C 26 1.39 9.70 -28.99
CA LEU C 26 2.36 8.90 -28.25
C LEU C 26 3.72 8.94 -28.93
N ILE C 27 3.73 8.78 -30.26
CA ILE C 27 4.99 8.81 -30.99
C ILE C 27 5.67 10.16 -30.83
N GLN C 28 4.90 11.25 -30.95
CA GLN C 28 5.50 12.57 -30.82
C GLN C 28 6.07 12.79 -29.43
N ALA C 29 5.41 12.28 -28.39
CA ALA C 29 5.92 12.41 -27.04
C ALA C 29 7.25 11.68 -26.89
N TRP C 30 7.35 10.46 -27.43
CA TRP C 30 8.63 9.74 -27.44
C TRP C 30 9.69 10.53 -28.20
N GLN C 31 9.34 11.07 -29.37
CA GLN C 31 10.31 11.76 -30.18
C GLN C 31 10.77 13.08 -29.55
N LYS C 32 9.95 13.67 -28.68
CA LYS C 32 10.32 14.90 -27.98
C LYS C 32 10.99 14.63 -26.64
N ASP C 33 10.37 13.80 -25.80
CA ASP C 33 10.80 13.60 -24.42
C ASP C 33 11.44 12.25 -24.15
N GLY C 34 11.29 11.27 -25.03
CA GLY C 34 11.83 9.95 -24.81
C GLY C 34 11.03 9.06 -23.89
N ILE C 35 9.86 9.54 -23.42
CA ILE C 35 9.08 8.85 -22.40
C ILE C 35 7.75 9.57 -22.26
N PHE C 36 6.70 8.86 -21.83
CA PHE C 36 5.46 9.47 -21.38
C PHE C 36 4.85 8.59 -20.30
N GLN C 37 3.81 9.12 -19.66
CA GLN C 37 3.09 8.43 -18.61
C GLN C 37 1.73 7.98 -19.12
N ILE C 38 1.23 6.87 -18.58
CA ILE C 38 -0.11 6.39 -18.86
C ILE C 38 -0.85 6.25 -17.54
N LYS C 39 -2.09 6.73 -17.50
CA LYS C 39 -2.89 6.65 -16.29
C LYS C 39 -3.28 5.22 -16.01
N THR C 40 -3.26 4.84 -14.73
CA THR C 40 -3.72 3.53 -14.30
C THR C 40 -5.11 3.66 -13.73
N ASP C 41 -5.94 2.63 -13.95
CA ASP C 41 -7.22 2.58 -13.26
C ASP C 41 -7.01 1.96 -11.87
N SER C 42 -8.11 1.80 -11.13
CA SER C 42 -7.99 1.33 -9.75
C SER C 42 -7.38 -0.07 -9.67
N GLU C 43 -7.72 -0.94 -10.62
CA GLU C 43 -7.22 -2.31 -10.58
C GLU C 43 -5.75 -2.37 -10.99
N GLN C 44 -5.37 -1.65 -12.04
CA GLN C 44 -3.96 -1.57 -12.40
C GLN C 44 -3.15 -1.03 -11.23
N ASP C 45 -3.68 -0.03 -10.51
CA ASP C 45 -2.96 0.53 -9.37
C ASP C 45 -2.88 -0.47 -8.22
N ARG C 46 -3.97 -1.17 -7.93
CA ARG C 46 -3.95 -2.15 -6.84
C ARG C 46 -2.94 -3.25 -7.09
N LYS C 47 -2.93 -3.79 -8.31
CA LYS C 47 -2.00 -4.86 -8.62
C LYS C 47 -0.55 -4.38 -8.59
N THR C 48 -0.32 -3.10 -8.92
CA THR C 48 1.01 -2.52 -8.76
C THR C 48 1.41 -2.49 -7.29
N GLN C 49 0.53 -1.96 -6.43
CA GLN C 49 0.88 -1.85 -5.01
C GLN C 49 1.09 -3.22 -4.37
N GLU C 50 0.30 -4.22 -4.78
CA GLU C 50 0.44 -5.54 -4.19
C GLU C 50 1.73 -6.21 -4.66
N ALA C 51 2.18 -5.94 -5.88
CA ALA C 51 3.47 -6.46 -6.31
C ALA C 51 4.61 -5.81 -5.53
N MET C 52 4.54 -4.49 -5.32
CA MET C 52 5.56 -3.81 -4.52
C MET C 52 5.61 -4.36 -3.10
N ALA C 53 4.44 -4.67 -2.53
CA ALA C 53 4.43 -5.22 -1.18
C ALA C 53 5.01 -6.63 -1.13
N ALA C 54 4.73 -7.46 -2.15
CA ALA C 54 5.35 -8.77 -2.20
C ALA C 54 6.86 -8.68 -2.30
N SER C 55 7.34 -7.71 -3.09
CA SER C 55 8.78 -7.48 -3.21
C SER C 55 9.40 -7.09 -1.87
N LYS C 56 8.72 -6.21 -1.13
CA LYS C 56 9.23 -5.80 0.17
C LYS C 56 9.28 -6.96 1.15
N GLN C 57 8.25 -7.82 1.13
CA GLN C 57 8.26 -9.02 1.96
C GLN C 57 9.42 -9.94 1.59
N PHE C 58 9.63 -10.16 0.29
CA PHE C 58 10.68 -11.08 -0.15
C PHE C 58 12.07 -10.58 0.26
N CYS C 59 12.30 -9.26 0.19
N CYS C 59 12.30 -9.27 0.20
CA CYS C 59 13.61 -8.70 0.52
CA CYS C 59 13.63 -8.77 0.50
C CYS C 59 13.98 -8.92 1.98
C CYS C 59 13.97 -8.84 1.99
N LYS C 60 12.99 -9.11 2.85
CA LYS C 60 13.27 -9.37 4.26
C LYS C 60 13.74 -10.80 4.51
N GLU C 61 13.65 -11.68 3.51
CA GLU C 61 14.15 -13.03 3.68
C GLU C 61 15.67 -13.03 3.76
N PRO C 62 16.26 -14.00 4.45
CA PRO C 62 17.72 -14.06 4.55
C PRO C 62 18.35 -14.38 3.21
N LEU C 63 19.60 -13.94 3.06
CA LEU C 63 20.33 -14.14 1.81
C LEU C 63 20.39 -15.61 1.42
N THR C 64 20.51 -16.51 2.40
CA THR C 64 20.56 -17.94 2.09
C THR C 64 19.32 -18.38 1.32
N PHE C 65 18.15 -17.88 1.70
CA PHE C 65 16.94 -18.23 0.98
C PHE C 65 16.87 -17.51 -0.36
N LYS C 66 17.17 -16.21 -0.37
CA LYS C 66 17.08 -15.45 -1.62
C LYS C 66 18.03 -16.04 -2.67
N SER C 67 19.26 -16.34 -2.28
CA SER C 67 20.22 -16.91 -3.22
C SER C 67 19.83 -18.31 -3.68
N SER C 68 18.89 -18.97 -3.01
CA SER C 68 18.43 -20.27 -3.48
C SER C 68 17.36 -20.16 -4.56
N CYS C 69 16.81 -18.97 -4.77
CA CYS C 69 15.82 -18.73 -5.81
C CYS C 69 16.52 -18.42 -7.13
N VAL C 70 17.28 -19.41 -7.62
CA VAL C 70 18.08 -19.29 -8.83
C VAL C 70 17.88 -20.55 -9.67
N SER C 71 18.19 -20.44 -10.96
CA SER C 71 18.00 -21.54 -11.89
C SER C 71 19.15 -21.53 -12.89
N ASP C 72 19.59 -22.72 -13.31
CA ASP C 72 20.57 -22.84 -14.38
C ASP C 72 19.92 -23.05 -15.74
N LEU C 73 18.58 -23.01 -15.81
CA LEU C 73 17.82 -23.08 -17.04
C LEU C 73 17.32 -21.73 -17.51
N THR C 74 16.76 -20.94 -16.59
CA THR C 74 16.23 -19.62 -16.88
C THR C 74 16.95 -18.60 -16.01
N TYR C 75 17.00 -17.35 -16.50
CA TYR C 75 17.55 -16.25 -15.73
C TYR C 75 16.57 -15.73 -14.67
N SER C 76 15.36 -16.29 -14.61
CA SER C 76 14.41 -15.88 -13.58
C SER C 76 14.97 -16.13 -12.18
N GLY C 77 14.62 -15.24 -11.25
CA GLY C 77 15.07 -15.39 -9.88
C GLY C 77 15.92 -14.26 -9.37
N TYR C 78 16.63 -14.50 -8.27
CA TYR C 78 17.26 -13.46 -7.47
C TYR C 78 18.60 -13.03 -8.03
N VAL C 79 18.86 -11.73 -7.95
CA VAL C 79 20.13 -11.12 -8.28
C VAL C 79 20.57 -10.34 -7.06
N ALA C 80 21.76 -10.64 -6.56
CA ALA C 80 22.25 -9.96 -5.36
C ALA C 80 22.80 -8.59 -5.72
N SER C 81 22.82 -7.70 -4.74
CA SER C 81 23.49 -6.42 -4.92
C SER C 81 24.93 -6.66 -5.35
N GLY C 82 25.31 -6.08 -6.49
CA GLY C 82 26.65 -6.24 -7.03
C GLY C 82 26.82 -7.40 -7.98
N GLU C 83 25.78 -8.21 -8.20
CA GLU C 83 25.90 -9.34 -9.11
C GLU C 83 25.81 -8.90 -10.57
N GLU C 84 24.88 -8.01 -10.89
CA GLU C 84 24.75 -7.53 -12.27
C GLU C 84 25.80 -6.47 -12.58
N VAL C 85 26.35 -6.54 -13.79
CA VAL C 85 27.31 -5.54 -14.26
C VAL C 85 26.67 -4.79 -15.42
N THR C 86 26.84 -3.48 -15.44
CA THR C 86 26.49 -2.64 -16.58
C THR C 86 27.77 -1.93 -17.01
N ALA C 87 28.18 -2.14 -18.27
CA ALA C 87 29.43 -1.60 -18.78
C ALA C 87 30.59 -1.98 -17.86
N GLY C 88 30.59 -3.24 -17.41
CA GLY C 88 31.65 -3.76 -16.57
C GLY C 88 31.65 -3.34 -15.12
N LYS C 89 30.71 -2.48 -14.70
CA LYS C 89 30.70 -2.00 -13.34
C LYS C 89 29.48 -2.54 -12.61
N PRO C 90 29.64 -3.12 -11.43
CA PRO C 90 28.50 -3.76 -10.75
C PRO C 90 27.44 -2.75 -10.32
N ASP C 91 26.18 -3.13 -10.50
CA ASP C 91 25.04 -2.32 -10.11
C ASP C 91 24.59 -2.66 -8.69
N PHE C 92 23.92 -1.70 -8.05
CA PHE C 92 23.56 -1.84 -6.63
C PHE C 92 22.27 -2.60 -6.28
N PRO C 93 21.25 -2.71 -7.13
CA PRO C 93 19.97 -3.25 -6.64
C PRO C 93 19.98 -4.75 -6.49
N GLU C 94 19.15 -5.22 -5.55
CA GLU C 94 18.67 -6.59 -5.59
C GLU C 94 17.55 -6.68 -6.61
N ILE C 95 17.48 -7.80 -7.34
CA ILE C 95 16.47 -7.97 -8.38
C ILE C 95 15.87 -9.36 -8.24
N PHE C 96 14.58 -9.48 -8.54
CA PHE C 96 13.98 -10.76 -8.89
C PHE C 96 13.48 -10.63 -10.32
N THR C 97 14.06 -11.42 -11.21
CA THR C 97 13.66 -11.41 -12.62
C THR C 97 12.58 -12.45 -12.83
N VAL C 98 11.50 -12.05 -13.51
CA VAL C 98 10.40 -12.94 -13.84
C VAL C 98 10.36 -13.05 -15.36
N CYS C 99 10.91 -14.14 -15.91
CA CYS C 99 10.75 -14.48 -17.31
C CYS C 99 9.57 -15.44 -17.46
N LYS C 100 9.28 -15.83 -18.70
CA LYS C 100 8.18 -16.74 -18.98
C LYS C 100 8.30 -18.02 -18.15
N ASP C 101 7.21 -18.34 -17.44
CA ASP C 101 7.23 -19.40 -16.43
C ASP C 101 6.89 -20.72 -17.11
N LEU C 102 7.93 -21.43 -17.56
CA LEU C 102 7.77 -22.66 -18.34
C LEU C 102 8.21 -23.85 -17.50
N SER C 103 7.30 -24.80 -17.30
CA SER C 103 7.66 -26.02 -16.60
C SER C 103 8.64 -26.84 -17.43
N VAL C 104 9.35 -27.76 -16.77
CA VAL C 104 10.28 -28.62 -17.46
C VAL C 104 9.59 -29.57 -18.43
N GLY C 105 8.26 -29.65 -18.39
CA GLY C 105 7.51 -30.41 -19.36
C GLY C 105 7.24 -29.68 -20.66
N ASP C 106 7.54 -28.38 -20.72
CA ASP C 106 7.40 -27.64 -21.96
C ASP C 106 8.47 -28.06 -22.95
N GLN C 107 8.07 -28.26 -24.21
CA GLN C 107 8.98 -28.83 -25.20
C GLN C 107 10.21 -27.95 -25.43
N ARG C 108 10.08 -26.64 -25.19
CA ARG C 108 11.24 -25.76 -25.34
C ARG C 108 12.27 -26.01 -24.25
N VAL C 109 11.82 -26.33 -23.04
CA VAL C 109 12.75 -26.68 -21.97
C VAL C 109 13.33 -28.07 -22.22
N LYS C 110 12.49 -29.02 -22.62
CA LYS C 110 12.98 -30.35 -22.97
C LYS C 110 14.07 -30.27 -24.03
N ALA C 111 13.88 -29.44 -25.05
CA ALA C 111 14.89 -29.26 -26.10
C ALA C 111 16.10 -28.49 -25.63
N GLY C 112 16.04 -27.85 -24.46
CA GLY C 112 17.18 -27.11 -23.97
C GLY C 112 17.41 -25.76 -24.61
N TRP C 113 16.35 -25.08 -25.05
CA TRP C 113 16.51 -23.74 -25.59
C TRP C 113 17.10 -22.84 -24.52
N PRO C 114 18.06 -21.97 -24.87
CA PRO C 114 18.64 -21.07 -23.86
C PRO C 114 17.56 -20.20 -23.24
N CYS C 115 17.67 -19.99 -21.93
CA CYS C 115 16.84 -19.08 -21.12
C CYS C 115 15.44 -19.59 -20.84
N HIS C 116 15.09 -20.81 -21.25
CA HIS C 116 13.75 -21.35 -21.04
C HIS C 116 13.76 -22.25 -19.82
N GLY C 117 12.92 -21.91 -18.82
CA GLY C 117 12.82 -22.69 -17.60
C GLY C 117 11.76 -22.17 -16.66
N PRO C 118 11.54 -22.88 -15.55
CA PRO C 118 10.54 -22.44 -14.57
C PRO C 118 11.08 -21.40 -13.59
N VAL C 119 10.24 -20.44 -13.26
CA VAL C 119 10.62 -19.40 -12.30
C VAL C 119 10.80 -20.03 -10.92
N PRO C 120 11.92 -19.80 -10.24
CA PRO C 120 12.08 -20.28 -8.85
C PRO C 120 11.36 -19.39 -7.85
N TRP C 121 10.03 -19.50 -7.83
CA TRP C 121 9.21 -18.61 -7.03
C TRP C 121 9.55 -18.74 -5.56
N PRO C 122 9.60 -17.65 -4.80
CA PRO C 122 9.84 -17.79 -3.35
C PRO C 122 8.65 -18.35 -2.61
N ASN C 123 7.43 -17.97 -3.01
CA ASN C 123 6.21 -18.51 -2.39
C ASN C 123 5.05 -18.25 -3.33
N ASN C 124 3.89 -18.80 -2.98
CA ASN C 124 2.72 -18.73 -3.85
C ASN C 124 2.17 -17.31 -3.96
N THR C 125 2.23 -16.54 -2.87
CA THR C 125 1.69 -15.19 -2.91
C THR C 125 2.51 -14.30 -3.84
N TYR C 126 3.84 -14.41 -3.75
CA TYR C 126 4.71 -13.70 -4.68
C TYR C 126 4.39 -14.07 -6.13
N GLN C 127 4.21 -15.37 -6.38
CA GLN C 127 3.89 -15.82 -7.74
C GLN C 127 2.58 -15.22 -8.24
N LYS C 128 1.54 -15.26 -7.41
CA LYS C 128 0.25 -14.73 -7.84
C LYS C 128 0.31 -13.21 -8.04
N SER C 129 1.00 -12.50 -7.14
CA SER C 129 1.07 -11.04 -7.27
C SER C 129 1.76 -10.63 -8.55
N MET C 130 2.88 -11.28 -8.88
CA MET C 130 3.63 -10.89 -10.07
C MET C 130 2.90 -11.29 -11.35
N LYS C 131 2.30 -12.49 -11.37
CA LYS C 131 1.63 -12.93 -12.59
C LYS C 131 0.42 -12.06 -12.90
N THR C 132 -0.36 -11.68 -11.87
N THR C 132 -0.37 -11.68 -11.88
CA THR C 132 -1.51 -10.82 -12.09
CA THR C 132 -1.52 -10.82 -12.14
C THR C 132 -1.07 -9.43 -12.53
C THR C 132 -1.08 -9.41 -12.53
N PHE C 133 0.03 -8.93 -11.96
CA PHE C 133 0.57 -7.64 -12.35
C PHE C 133 1.00 -7.66 -13.82
N MET C 134 1.72 -8.72 -14.22
CA MET C 134 2.22 -8.78 -15.59
C MET C 134 1.10 -9.03 -16.59
N GLU C 135 0.00 -9.64 -16.16
CA GLU C 135 -1.16 -9.76 -17.05
C GLU C 135 -1.69 -8.38 -17.44
N GLU C 136 -1.86 -7.49 -16.45
CA GLU C 136 -2.29 -6.14 -16.75
C GLU C 136 -1.24 -5.40 -17.57
N LEU C 137 0.03 -5.55 -17.22
CA LEU C 137 1.09 -4.89 -17.98
C LEU C 137 1.08 -5.33 -19.44
N GLY C 138 0.86 -6.63 -19.68
CA GLY C 138 0.79 -7.12 -21.05
C GLY C 138 -0.37 -6.53 -21.83
N LEU C 139 -1.54 -6.42 -21.20
CA LEU C 139 -2.67 -5.79 -21.87
C LEU C 139 -2.36 -4.35 -22.25
N ALA C 140 -1.71 -3.62 -21.35
CA ALA C 140 -1.27 -2.27 -21.68
C ALA C 140 -0.27 -2.29 -22.83
N GLY C 141 0.66 -3.25 -22.82
CA GLY C 141 1.65 -3.34 -23.89
C GLY C 141 1.02 -3.56 -25.25
N GLU C 142 -0.02 -4.42 -25.32
CA GLU C 142 -0.69 -4.66 -26.59
C GLU C 142 -1.42 -3.41 -27.08
N ARG C 143 -2.11 -2.70 -26.17
CA ARG C 143 -2.74 -1.44 -26.53
C ARG C 143 -1.72 -0.46 -27.11
N LEU C 144 -0.58 -0.29 -26.42
CA LEU C 144 0.44 0.64 -26.88
C LEU C 144 0.97 0.26 -28.27
N LEU C 145 1.16 -1.04 -28.52
CA LEU C 145 1.73 -1.45 -29.80
C LEU C 145 0.75 -1.22 -30.95
N LYS C 146 -0.53 -1.48 -30.72
CA LYS C 146 -1.52 -1.19 -31.77
C LYS C 146 -1.62 0.31 -32.02
N LEU C 147 -1.57 1.10 -30.94
CA LEU C 147 -1.59 2.55 -31.11
C LEU C 147 -0.37 3.05 -31.86
N THR C 148 0.80 2.49 -31.55
CA THR C 148 2.03 2.89 -32.22
C THR C 148 1.97 2.58 -33.72
N ALA C 149 1.47 1.40 -34.08
CA ALA C 149 1.34 1.06 -35.50
C ALA C 149 0.39 2.02 -36.19
N LEU C 150 -0.77 2.29 -35.59
CA LEU C 150 -1.71 3.24 -36.18
C LEU C 150 -1.09 4.63 -36.31
N GLY C 151 -0.27 5.03 -35.35
CA GLY C 151 0.38 6.33 -35.43
C GLY C 151 1.37 6.45 -36.58
N PHE C 152 1.94 5.33 -37.02
CA PHE C 152 2.84 5.30 -38.17
C PHE C 152 2.11 4.97 -39.46
N GLU C 153 0.78 4.94 -39.44
CA GLU C 153 -0.04 4.57 -40.60
C GLU C 153 0.31 3.18 -41.12
N LEU C 154 0.65 2.27 -40.21
CA LEU C 154 0.91 0.86 -40.48
C LEU C 154 -0.31 0.02 -40.13
N PRO C 155 -0.40 -1.21 -40.65
CA PRO C 155 -1.50 -2.10 -40.23
C PRO C 155 -1.52 -2.24 -38.72
N ILE C 156 -2.74 -2.32 -38.17
CA ILE C 156 -2.92 -2.26 -36.71
C ILE C 156 -2.12 -3.35 -36.01
N ASN C 157 -1.96 -4.52 -36.63
CA ASN C 157 -1.30 -5.65 -35.99
C ASN C 157 0.16 -5.80 -36.40
N THR C 158 0.80 -4.73 -36.86
CA THR C 158 2.19 -4.82 -37.30
C THR C 158 3.11 -5.32 -36.18
N PHE C 159 2.98 -4.72 -35.00
CA PHE C 159 3.85 -5.11 -33.89
C PHE C 159 3.29 -6.27 -33.08
N THR C 160 1.97 -6.34 -32.92
CA THR C 160 1.39 -7.41 -32.13
C THR C 160 1.49 -8.76 -32.82
N ASP C 161 1.68 -8.79 -34.14
CA ASP C 161 1.95 -10.05 -34.82
C ASP C 161 3.27 -10.67 -34.34
N LEU C 162 4.19 -9.85 -33.85
CA LEU C 162 5.47 -10.33 -33.36
C LEU C 162 5.43 -10.72 -31.88
N THR C 163 4.39 -10.31 -31.15
CA THR C 163 4.34 -10.51 -29.71
C THR C 163 3.42 -11.66 -29.28
N ARG C 164 2.96 -12.48 -30.22
CA ARG C 164 2.22 -13.68 -29.85
C ARG C 164 3.12 -14.60 -29.05
N ASP C 165 2.64 -15.00 -27.86
CA ASP C 165 3.47 -15.71 -26.88
C ASP C 165 4.80 -14.98 -26.69
N GLY C 166 4.73 -13.66 -26.60
CA GLY C 166 5.94 -12.85 -26.52
C GLY C 166 6.77 -13.17 -25.28
N TRP C 167 8.05 -12.86 -25.37
CA TRP C 167 9.00 -13.14 -24.31
C TRP C 167 8.93 -12.06 -23.23
N HIS C 168 7.74 -11.73 -22.77
CA HIS C 168 7.59 -10.66 -21.78
C HIS C 168 8.26 -11.07 -20.47
N HIS C 169 8.90 -10.10 -19.81
CA HIS C 169 9.54 -10.37 -18.52
C HIS C 169 9.56 -9.10 -17.69
N MET C 170 9.93 -9.25 -16.42
CA MET C 170 9.89 -8.12 -15.50
C MET C 170 11.05 -8.20 -14.52
N ARG C 171 11.62 -7.04 -14.21
CA ARG C 171 12.64 -6.91 -13.18
C ARG C 171 12.01 -6.24 -11.98
N VAL C 172 11.96 -6.95 -10.86
CA VAL C 172 11.43 -6.44 -9.60
C VAL C 172 12.63 -5.99 -8.78
N LEU C 173 12.77 -4.69 -8.55
CA LEU C 173 14.02 -4.12 -8.06
C LEU C 173 13.88 -3.53 -6.66
N ARG C 174 14.92 -3.68 -5.85
CA ARG C 174 15.05 -2.92 -4.60
C ARG C 174 16.45 -2.33 -4.54
N PHE C 175 16.52 -1.01 -4.57
CA PHE C 175 17.77 -0.30 -4.42
C PHE C 175 18.00 0.05 -2.96
N PRO C 176 19.19 -0.17 -2.43
CA PRO C 176 19.51 0.32 -1.11
C PRO C 176 19.56 1.83 -1.12
N PRO C 177 19.42 2.48 0.04
CA PRO C 177 19.73 3.91 0.11
C PRO C 177 21.21 4.13 -0.15
N GLN C 178 21.54 5.37 -0.49
CA GLN C 178 22.94 5.75 -0.63
C GLN C 178 23.62 5.67 0.74
N THR C 179 24.80 5.08 0.77
CA THR C 179 25.52 4.85 2.02
C THR C 179 26.94 5.41 2.01
N SER C 180 27.36 6.04 0.92
CA SER C 180 28.67 6.67 0.81
C SER C 180 28.57 7.73 -0.29
N THR C 181 29.72 8.15 -0.83
CA THR C 181 29.70 9.06 -1.97
C THR C 181 29.28 8.36 -3.26
N LEU C 182 29.22 7.03 -3.27
CA LEU C 182 28.80 6.30 -4.46
C LEU C 182 27.28 6.39 -4.61
N SER C 183 26.83 6.75 -5.82
CA SER C 183 25.40 6.90 -6.06
C SER C 183 24.89 6.19 -7.31
N ARG C 184 25.75 5.45 -8.02
CA ARG C 184 25.40 4.81 -9.29
C ARG C 184 24.63 3.53 -9.03
N GLY C 185 23.30 3.63 -8.97
CA GLY C 185 22.46 2.47 -8.74
C GLY C 185 22.47 1.49 -9.89
N ILE C 186 22.14 1.98 -11.10
CA ILE C 186 22.34 1.24 -12.34
C ILE C 186 22.93 2.22 -13.35
N GLY C 187 23.95 1.79 -14.08
CA GLY C 187 24.59 2.64 -15.06
C GLY C 187 23.67 2.92 -16.25
N ALA C 188 24.07 3.90 -17.05
CA ALA C 188 23.31 4.21 -18.26
C ALA C 188 23.24 3.00 -19.18
N HIS C 189 22.04 2.74 -19.72
CA HIS C 189 21.83 1.61 -20.60
C HIS C 189 20.55 1.83 -21.39
N THR C 190 20.30 0.91 -22.32
CA THR C 190 19.07 0.85 -23.02
C THR C 190 18.56 -0.61 -22.87
N ASP C 191 17.25 -0.78 -22.79
CA ASP C 191 16.71 -2.11 -22.76
C ASP C 191 16.47 -2.67 -24.16
N TYR C 192 16.11 -3.93 -24.18
CA TYR C 192 16.19 -4.71 -25.37
C TYR C 192 15.07 -5.09 -26.29
N GLY C 193 13.86 -4.84 -25.86
CA GLY C 193 12.68 -5.32 -26.57
C GLY C 193 11.93 -4.19 -27.27
N LEU C 194 10.60 -4.30 -27.27
CA LEU C 194 9.79 -3.29 -27.94
C LEU C 194 9.48 -2.11 -27.03
N LEU C 195 8.92 -2.39 -25.84
CA LEU C 195 8.48 -1.38 -24.90
C LEU C 195 8.99 -1.72 -23.52
N VAL C 196 9.25 -0.67 -22.72
CA VAL C 196 9.46 -0.79 -21.28
C VAL C 196 8.33 -0.04 -20.60
N ILE C 197 7.59 -0.74 -19.75
CA ILE C 197 6.56 -0.13 -18.89
C ILE C 197 7.07 -0.23 -17.46
N ALA C 198 7.17 0.90 -16.78
CA ALA C 198 7.84 0.96 -15.48
C ALA C 198 6.94 1.59 -14.43
N ALA C 199 7.08 1.08 -13.20
CA ALA C 199 6.39 1.61 -12.03
C ALA C 199 7.40 1.81 -10.91
N GLN C 200 7.13 2.77 -10.03
CA GLN C 200 8.05 3.02 -8.93
C GLN C 200 7.27 3.49 -7.72
N ASP C 201 7.89 3.39 -6.54
CA ASP C 201 7.28 3.95 -5.34
C ASP C 201 7.56 5.44 -5.29
N ASP C 202 7.43 6.06 -4.11
CA ASP C 202 7.50 7.51 -4.05
C ASP C 202 8.91 8.05 -3.85
N VAL C 203 9.93 7.19 -3.84
CA VAL C 203 11.28 7.62 -3.46
C VAL C 203 11.97 8.37 -4.59
N GLY C 204 12.08 7.75 -5.75
CA GLY C 204 12.64 8.45 -6.89
C GLY C 204 14.10 8.12 -7.14
N GLY C 205 14.49 8.10 -8.41
CA GLY C 205 15.87 7.84 -8.75
C GLY C 205 16.13 7.49 -10.21
N LEU C 206 15.06 7.32 -10.99
CA LEU C 206 15.20 6.96 -12.40
C LEU C 206 15.37 8.21 -13.25
N TYR C 207 16.38 8.20 -14.12
CA TYR C 207 16.65 9.26 -15.07
C TYR C 207 16.64 8.69 -16.49
N ILE C 208 16.12 9.47 -17.45
CA ILE C 208 16.07 9.05 -18.84
C ILE C 208 16.67 10.14 -19.71
N ARG C 209 17.13 9.74 -20.90
CA ARG C 209 17.72 10.69 -21.83
C ARG C 209 16.80 10.90 -23.02
N PRO C 210 16.31 12.12 -23.24
CA PRO C 210 15.46 12.38 -24.41
C PRO C 210 16.28 12.33 -25.69
N PRO C 211 15.62 12.25 -26.84
CA PRO C 211 16.33 12.45 -28.11
C PRO C 211 17.05 13.79 -28.09
N VAL C 212 18.25 13.81 -28.66
CA VAL C 212 19.09 15.02 -28.71
C VAL C 212 19.45 15.27 -30.16
N GLU C 213 19.10 16.46 -30.66
CA GLU C 213 19.33 16.77 -32.06
C GLU C 213 20.82 16.72 -32.39
N GLY C 214 21.18 15.92 -33.40
CA GLY C 214 22.55 15.77 -33.82
C GLY C 214 23.36 14.77 -33.02
N GLU C 215 22.77 14.12 -32.03
CA GLU C 215 23.46 13.14 -31.21
C GLU C 215 23.21 11.75 -31.77
N LYS C 216 24.26 11.14 -32.31
CA LYS C 216 24.17 9.77 -32.80
C LYS C 216 24.05 8.79 -31.63
N ARG C 217 23.30 7.72 -31.85
CA ARG C 217 23.03 6.72 -30.82
C ARG C 217 23.59 5.37 -31.25
N ASN C 218 24.32 4.72 -30.35
CA ASN C 218 24.77 3.36 -30.60
C ASN C 218 23.58 2.44 -30.82
N ARG C 219 23.78 1.43 -31.67
CA ARG C 219 22.76 0.43 -31.94
C ARG C 219 23.10 -0.80 -31.09
N ASN C 220 22.45 -0.89 -29.92
CA ASN C 220 22.86 -1.85 -28.89
C ASN C 220 22.72 -3.30 -29.34
N TRP C 221 22.00 -3.56 -30.44
CA TRP C 221 21.90 -4.92 -30.94
C TRP C 221 23.12 -5.36 -31.75
N LEU C 222 24.08 -4.45 -31.98
CA LEU C 222 25.30 -4.74 -32.72
C LEU C 222 26.48 -4.87 -31.76
N PRO C 223 27.40 -5.83 -32.01
CA PRO C 223 28.40 -6.17 -30.98
C PRO C 223 29.32 -5.02 -30.59
N GLY C 224 29.73 -4.19 -31.54
CA GLY C 224 30.63 -3.10 -31.25
C GLY C 224 29.98 -1.79 -30.87
N GLU C 225 28.65 -1.76 -30.68
CA GLU C 225 27.92 -0.53 -30.35
C GLU C 225 27.02 -0.75 -29.14
N SER C 226 27.58 -1.27 -28.04
CA SER C 226 26.79 -1.38 -26.83
C SER C 226 26.38 0.00 -26.32
N SER C 227 25.13 0.12 -25.89
CA SER C 227 24.68 1.38 -25.29
C SER C 227 25.03 1.47 -23.80
N ALA C 228 25.56 0.41 -23.21
CA ALA C 228 25.85 0.43 -21.78
C ALA C 228 26.92 1.47 -21.47
N GLY C 229 26.61 2.36 -20.53
CA GLY C 229 27.56 3.37 -20.08
C GLY C 229 27.60 4.63 -20.91
N MET C 230 26.96 4.66 -22.08
CA MET C 230 27.07 5.83 -22.95
C MET C 230 26.27 7.00 -22.39
N PHE C 231 26.88 8.19 -22.42
CA PHE C 231 26.32 9.46 -21.96
C PHE C 231 26.13 9.54 -20.45
N GLU C 232 26.69 8.58 -19.69
CA GLU C 232 26.33 8.46 -18.27
C GLU C 232 26.57 9.76 -17.50
N HIS C 233 27.63 10.49 -17.83
CA HIS C 233 28.00 11.69 -17.07
C HIS C 233 27.76 12.98 -17.86
N ASP C 234 26.96 12.92 -18.91
CA ASP C 234 26.71 14.08 -19.77
C ASP C 234 25.23 14.37 -19.83
N GLU C 235 24.87 15.65 -19.63
CA GLU C 235 23.51 16.09 -19.84
C GLU C 235 23.10 15.88 -21.30
N PRO C 236 21.78 15.84 -21.58
CA PRO C 236 20.68 15.97 -20.63
C PRO C 236 20.18 14.64 -20.06
N TRP C 237 19.80 14.65 -18.79
CA TRP C 237 19.14 13.53 -18.15
C TRP C 237 17.88 14.06 -17.48
N THR C 238 16.73 13.46 -17.81
CA THR C 238 15.45 13.88 -17.26
C THR C 238 15.11 13.02 -16.04
N PHE C 239 14.89 13.67 -14.91
CA PHE C 239 14.44 12.96 -13.72
C PHE C 239 12.97 12.56 -13.87
N VAL C 240 12.67 11.29 -13.64
CA VAL C 240 11.30 10.80 -13.75
C VAL C 240 10.65 10.95 -12.37
N THR C 241 9.93 12.04 -12.17
CA THR C 241 9.36 12.33 -10.87
C THR C 241 8.32 11.28 -10.49
N PRO C 242 8.43 10.67 -9.32
CA PRO C 242 7.38 9.74 -8.86
C PRO C 242 6.03 10.45 -8.84
N THR C 243 5.05 9.82 -9.47
CA THR C 243 3.74 10.40 -9.68
C THR C 243 2.68 9.34 -9.41
N PRO C 244 1.74 9.59 -8.49
CA PRO C 244 0.72 8.59 -8.19
C PRO C 244 -0.13 8.27 -9.41
N GLY C 245 -0.50 6.99 -9.52
CA GLY C 245 -1.49 6.58 -10.49
C GLY C 245 -1.05 6.63 -11.94
N VAL C 246 0.24 6.44 -12.21
CA VAL C 246 0.73 6.35 -13.57
C VAL C 246 1.80 5.26 -13.65
N TRP C 247 1.97 4.70 -14.84
CA TRP C 247 3.16 4.00 -15.26
C TRP C 247 3.89 4.84 -16.29
N THR C 248 5.19 4.60 -16.47
CA THR C 248 5.96 5.24 -17.54
C THR C 248 6.20 4.23 -18.66
N VAL C 249 6.40 4.74 -19.87
CA VAL C 249 6.57 3.92 -21.07
C VAL C 249 7.63 4.54 -21.95
N PHE C 250 8.60 3.74 -22.40
CA PHE C 250 9.58 4.21 -23.38
C PHE C 250 10.01 3.05 -24.26
N PRO C 251 10.58 3.34 -25.45
CA PRO C 251 10.91 2.26 -26.39
C PRO C 251 12.19 1.54 -26.01
N GLY C 252 12.27 0.29 -26.46
CA GLY C 252 13.48 -0.51 -26.37
C GLY C 252 14.18 -0.66 -27.71
N ASP C 253 15.23 -1.50 -27.70
CA ASP C 253 16.11 -1.63 -28.87
C ASP C 253 15.34 -2.03 -30.13
N ILE C 254 14.38 -2.95 -30.00
CA ILE C 254 13.70 -3.48 -31.18
C ILE C 254 12.90 -2.39 -31.88
N LEU C 255 12.29 -1.48 -31.11
CA LEU C 255 11.53 -0.40 -31.73
C LEU C 255 12.46 0.58 -32.44
N GLN C 256 13.64 0.83 -31.87
CA GLN C 256 14.61 1.69 -32.57
C GLN C 256 15.02 1.07 -33.90
N PHE C 257 15.30 -0.23 -33.90
CA PHE C 257 15.70 -0.91 -35.12
C PHE C 257 14.58 -0.90 -36.16
N MET C 258 13.38 -1.34 -35.76
CA MET C 258 12.31 -1.49 -36.75
C MET C 258 11.90 -0.15 -37.35
N THR C 259 11.96 0.93 -36.57
CA THR C 259 11.58 2.25 -37.07
C THR C 259 12.75 3.01 -37.65
N GLY C 260 13.92 2.38 -37.80
CA GLY C 260 15.07 3.05 -38.37
C GLY C 260 15.52 4.29 -37.62
N GLY C 261 15.29 4.34 -36.31
CA GLY C 261 15.69 5.47 -35.51
C GLY C 261 14.68 6.59 -35.40
N GLN C 262 13.53 6.50 -36.09
CA GLN C 262 12.47 7.47 -35.86
C GLN C 262 12.00 7.42 -34.41
N LEU C 263 12.04 6.24 -33.80
CA LEU C 263 12.02 6.11 -32.34
C LEU C 263 13.39 5.62 -31.89
N LEU C 264 13.81 6.09 -30.72
CA LEU C 264 15.09 5.69 -30.14
C LEU C 264 14.84 4.88 -28.87
N SER C 265 15.62 3.83 -28.68
CA SER C 265 15.64 3.13 -27.41
C SER C 265 16.14 4.09 -26.34
N THR C 266 15.30 4.38 -25.36
CA THR C 266 15.61 5.47 -24.44
C THR C 266 16.72 5.08 -23.48
N PRO C 267 17.85 5.79 -23.45
CA PRO C 267 18.86 5.52 -22.43
C PRO C 267 18.35 5.94 -21.05
N HIS C 268 18.71 5.17 -20.04
CA HIS C 268 18.25 5.50 -18.70
C HIS C 268 19.21 4.92 -17.68
N LYS C 269 19.16 5.49 -16.47
CA LYS C 269 20.04 5.10 -15.38
C LYS C 269 19.27 5.32 -14.07
N VAL C 270 19.80 4.79 -12.97
CA VAL C 270 19.18 4.97 -11.66
C VAL C 270 20.24 5.46 -10.68
N LYS C 271 19.93 6.53 -9.96
CA LYS C 271 20.76 7.03 -8.87
C LYS C 271 20.16 6.62 -7.52
N LEU C 272 21.03 6.27 -6.58
CA LEU C 272 20.56 5.96 -5.24
C LEU C 272 20.03 7.21 -4.55
N ASN C 273 19.11 7.01 -3.63
CA ASN C 273 18.46 8.09 -2.89
C ASN C 273 18.68 7.90 -1.39
N THR C 274 18.11 8.81 -0.61
CA THR C 274 18.30 8.76 0.85
C THR C 274 17.54 7.61 1.49
N ARG C 275 16.59 7.02 0.78
CA ARG C 275 15.83 5.87 1.26
C ARG C 275 15.95 4.74 0.26
N GLU C 276 15.71 3.51 0.73
CA GLU C 276 15.59 2.39 -0.19
C GLU C 276 14.44 2.65 -1.16
N ARG C 277 14.58 2.12 -2.38
CA ARG C 277 13.65 2.41 -3.47
C ARG C 277 13.18 1.12 -4.14
N PHE C 278 11.86 0.94 -4.21
CA PHE C 278 11.27 -0.19 -4.91
C PHE C 278 10.77 0.26 -6.27
N ALA C 279 11.08 -0.54 -7.29
CA ALA C 279 10.59 -0.28 -8.64
C ALA C 279 10.37 -1.60 -9.35
N CYS C 280 9.54 -1.57 -10.40
CA CYS C 280 9.37 -2.70 -11.31
C CYS C 280 9.50 -2.20 -12.74
N ALA C 281 10.31 -2.90 -13.53
CA ALA C 281 10.45 -2.60 -14.96
C ALA C 281 9.95 -3.80 -15.73
N TYR C 282 8.93 -3.59 -16.56
CA TYR C 282 8.31 -4.63 -17.35
C TYR C 282 8.68 -4.44 -18.82
N PHE C 283 8.99 -5.55 -19.48
CA PHE C 283 9.47 -5.52 -20.85
C PHE C 283 8.48 -6.28 -21.73
N HIS C 284 7.83 -5.56 -22.66
CA HIS C 284 6.91 -6.15 -23.61
C HIS C 284 7.71 -6.49 -24.87
N GLU C 285 7.92 -7.78 -25.11
CA GLU C 285 8.94 -8.26 -26.02
C GLU C 285 8.34 -9.04 -27.18
N PRO C 286 9.05 -9.16 -28.29
CA PRO C 286 8.66 -10.10 -29.34
C PRO C 286 8.72 -11.53 -28.82
N ASN C 287 8.11 -12.44 -29.58
CA ASN C 287 8.32 -13.86 -29.37
C ASN C 287 9.82 -14.18 -29.41
N PHE C 288 10.23 -15.15 -28.59
CA PHE C 288 11.64 -15.53 -28.55
C PHE C 288 12.17 -15.90 -29.93
N GLU C 289 11.32 -16.47 -30.79
CA GLU C 289 11.70 -16.88 -32.13
C GLU C 289 11.49 -15.81 -33.19
N ALA C 290 10.97 -14.65 -32.82
CA ALA C 290 10.63 -13.63 -33.79
C ALA C 290 11.87 -12.91 -34.31
N SER C 291 11.82 -12.52 -35.58
CA SER C 291 12.87 -11.74 -36.21
C SER C 291 12.31 -10.37 -36.56
N ALA C 292 12.82 -9.33 -35.90
CA ALA C 292 12.43 -7.98 -36.24
C ALA C 292 13.03 -7.56 -37.57
N TYR C 293 12.34 -6.66 -38.26
CA TYR C 293 12.72 -6.25 -39.61
C TYR C 293 12.49 -4.75 -39.76
N PRO C 294 13.22 -4.10 -40.67
CA PRO C 294 13.03 -2.66 -40.87
C PRO C 294 11.66 -2.39 -41.50
N LEU C 295 10.92 -1.47 -40.90
CA LEU C 295 9.57 -1.17 -41.36
C LEU C 295 9.58 -0.24 -42.57
N PHE C 296 10.53 0.70 -42.61
CA PHE C 296 10.51 1.78 -43.59
C PHE C 296 11.64 1.67 -44.62
N GLU C 297 12.36 0.55 -44.64
CA GLU C 297 13.43 0.31 -45.60
C GLU C 297 13.22 -1.05 -46.22
N PRO C 298 12.46 -1.12 -47.33
CA PRO C 298 12.14 -2.40 -47.98
C PRO C 298 13.24 -2.88 -48.93
N ALA C 300 16.28 -3.02 -47.16
CA ALA C 300 17.21 -3.66 -46.22
C ALA C 300 16.84 -5.12 -45.99
N ASN C 301 17.85 -5.97 -45.89
CA ASN C 301 17.68 -7.37 -45.56
C ASN C 301 18.07 -7.69 -44.12
N GLU C 302 18.45 -6.69 -43.34
CA GLU C 302 18.89 -6.92 -41.97
C GLU C 302 17.72 -7.34 -41.09
N ARG C 303 18.03 -8.18 -40.09
CA ARG C 303 17.04 -8.63 -39.13
C ARG C 303 17.67 -8.68 -37.74
N ILE C 304 16.82 -8.75 -36.72
CA ILE C 304 17.24 -9.01 -35.34
C ILE C 304 16.42 -10.19 -34.86
N HIS C 305 17.09 -11.31 -34.61
CA HIS C 305 16.44 -12.44 -33.94
C HIS C 305 16.35 -12.11 -32.45
N TYR C 306 15.14 -11.87 -31.96
CA TYR C 306 15.01 -11.29 -30.62
C TYR C 306 15.61 -12.21 -29.56
N GLY C 307 15.30 -13.51 -29.62
CA GLY C 307 15.83 -14.43 -28.62
C GLY C 307 17.34 -14.40 -28.53
N GLU C 308 18.02 -14.33 -29.67
CA GLU C 308 19.47 -14.20 -29.66
C GLU C 308 19.91 -12.91 -28.97
N HIS C 309 19.17 -11.82 -29.19
CA HIS C 309 19.50 -10.56 -28.55
C HIS C 309 19.29 -10.65 -27.04
N PHE C 310 18.14 -11.19 -26.61
CA PHE C 310 17.89 -11.38 -25.19
C PHE C 310 19.00 -12.20 -24.55
N THR C 311 19.37 -13.31 -25.17
CA THR C 311 20.37 -14.20 -24.59
C THR C 311 21.72 -13.50 -24.50
N ASN C 312 22.15 -12.84 -25.59
CA ASN C 312 23.41 -12.13 -25.58
C ASN C 312 23.47 -11.10 -24.45
N MET C 313 22.36 -10.39 -24.21
CA MET C 313 22.37 -9.34 -23.20
C MET C 313 22.45 -9.93 -21.80
N PHE C 314 21.63 -10.94 -21.51
CA PHE C 314 21.61 -11.47 -20.15
C PHE C 314 22.88 -12.24 -19.81
N MET C 315 23.58 -12.77 -20.81
CA MET C 315 24.90 -13.35 -20.55
C MET C 315 25.91 -12.27 -20.21
N ARG C 316 25.79 -11.09 -20.81
CA ARG C 316 26.69 -9.99 -20.46
C ARG C 316 26.32 -9.36 -19.12
N CYS C 317 25.03 -9.39 -18.74
CA CYS C 317 24.62 -8.90 -17.43
C CYS C 317 25.17 -9.76 -16.30
N TYR C 318 25.18 -11.08 -16.49
CA TYR C 318 25.47 -12.05 -15.43
C TYR C 318 26.50 -13.04 -15.94
N PRO C 319 27.75 -12.60 -16.13
CA PRO C 319 28.75 -13.48 -16.78
C PRO C 319 29.09 -14.72 -15.98
N ASP C 320 28.88 -14.73 -14.66
CA ASP C 320 29.26 -15.86 -13.82
C ASP C 320 28.09 -16.63 -13.25
N ARG C 321 26.85 -16.26 -13.58
CA ARG C 321 25.68 -16.95 -13.08
C ARG C 321 25.63 -18.37 -13.62
N ILE C 322 25.04 -19.28 -12.83
CA ILE C 322 24.95 -20.68 -13.26
C ILE C 322 24.19 -20.80 -14.58
N THR C 323 23.24 -19.90 -14.82
CA THR C 323 22.51 -19.90 -16.09
C THR C 323 23.46 -19.67 -17.25
N THR C 324 24.36 -18.69 -17.12
CA THR C 324 25.35 -18.42 -18.16
C THR C 324 26.31 -19.59 -18.32
N GLN C 325 26.73 -20.19 -17.20
CA GLN C 325 27.67 -21.32 -17.27
C GLN C 325 27.07 -22.48 -18.05
N ARG C 326 25.80 -22.81 -17.80
CA ARG C 326 25.20 -23.95 -18.49
C ARG C 326 24.97 -23.66 -19.97
N ILE C 327 24.68 -22.41 -20.33
CA ILE C 327 24.59 -22.06 -21.75
C ILE C 327 25.91 -22.34 -22.44
N ASN C 328 27.03 -21.96 -21.80
CA ASN C 328 28.33 -22.18 -22.40
C ASN C 328 28.71 -23.65 -22.39
N LYS C 329 28.42 -24.36 -21.29
CA LYS C 329 28.84 -25.75 -21.16
C LYS C 329 28.13 -26.63 -22.19
N GLU C 330 26.83 -26.45 -22.36
CA GLU C 330 26.06 -27.26 -23.30
C GLU C 330 25.95 -26.63 -24.68
N ASN C 331 26.64 -25.51 -24.92
CA ASN C 331 26.61 -24.84 -26.22
C ASN C 331 25.18 -24.52 -26.65
N ARG C 332 24.38 -24.03 -25.71
CA ARG C 332 22.96 -23.78 -25.97
C ARG C 332 22.76 -22.70 -27.03
N LEU C 333 23.74 -21.83 -27.24
CA LEU C 333 23.65 -20.83 -28.30
C LEU C 333 23.58 -21.50 -29.67
N ALA C 334 24.28 -22.62 -29.84
CA ALA C 334 24.23 -23.34 -31.10
C ALA C 334 22.84 -23.84 -31.42
N HIS C 335 22.07 -24.23 -30.41
CA HIS C 335 20.71 -24.69 -30.64
C HIS C 335 19.84 -23.57 -31.18
N LEU C 336 20.15 -22.31 -30.85
CA LEU C 336 19.38 -21.19 -31.37
C LEU C 336 19.43 -21.14 -32.89
N GLU C 337 20.65 -21.13 -33.45
CA GLU C 337 20.82 -21.02 -34.89
C GLU C 337 20.12 -22.15 -35.63
N ASP C 338 20.28 -23.38 -35.13
CA ASP C 338 19.65 -24.53 -35.79
C ASP C 338 18.13 -24.39 -35.82
N LEU C 339 17.54 -23.76 -34.80
CA LEU C 339 16.09 -23.60 -34.76
C LEU C 339 15.62 -22.44 -35.63
N LYS C 340 16.49 -21.46 -35.89
CA LYS C 340 16.09 -20.32 -36.71
C LYS C 340 15.63 -20.76 -38.09
N LYS C 341 16.27 -21.79 -38.65
CA LYS C 341 15.95 -22.24 -40.00
C LYS C 341 14.52 -22.75 -40.13
N TYR C 342 13.87 -23.09 -39.02
CA TYR C 342 12.52 -23.66 -39.07
C TYR C 342 11.57 -22.92 -38.14
N ASN D 3 -6.49 -17.95 16.97
CA ASN D 3 -7.60 -17.86 17.92
C ASN D 3 -7.27 -16.86 19.04
N LEU D 4 -8.02 -15.77 19.08
CA LEU D 4 -7.77 -14.74 20.07
C LEU D 4 -8.13 -15.23 21.48
N GLN D 5 -7.46 -14.65 22.47
CA GLN D 5 -7.72 -15.02 23.85
C GLN D 5 -8.97 -14.30 24.37
N THR D 6 -9.70 -14.99 25.24
CA THR D 6 -10.95 -14.47 25.79
C THR D 6 -10.86 -14.51 27.31
N PHE D 7 -11.25 -13.41 27.95
CA PHE D 7 -11.19 -13.30 29.40
C PHE D 7 -12.57 -12.91 29.93
N GLU D 8 -12.81 -13.23 31.20
CA GLU D 8 -13.99 -12.77 31.93
C GLU D 8 -13.54 -11.77 32.97
N LEU D 9 -14.09 -10.56 32.91
CA LEU D 9 -13.64 -9.59 33.89
C LEU D 9 -14.52 -9.67 35.15
N PRO D 10 -13.94 -9.46 36.33
CA PRO D 10 -14.75 -9.38 37.54
C PRO D 10 -15.56 -8.08 37.53
N THR D 11 -16.72 -8.12 38.18
CA THR D 11 -17.58 -6.94 38.20
C THR D 11 -16.88 -5.77 38.88
N GLU D 12 -16.19 -6.02 39.99
CA GLU D 12 -15.39 -5.00 40.66
C GLU D 12 -13.94 -5.44 40.66
N VAL D 13 -13.04 -4.53 40.29
CA VAL D 13 -11.61 -4.76 40.39
C VAL D 13 -11.14 -4.15 41.70
N THR D 14 -10.72 -4.99 42.63
CA THR D 14 -10.35 -4.55 43.97
C THR D 14 -8.85 -4.40 44.17
N GLY D 15 -8.03 -5.01 43.31
CA GLY D 15 -6.61 -5.08 43.56
C GLY D 15 -6.18 -6.32 44.32
N CYS D 16 -7.08 -7.27 44.53
CA CYS D 16 -6.71 -8.54 45.14
C CYS D 16 -5.65 -9.23 44.30
N ALA D 17 -5.02 -10.25 44.89
CA ALA D 17 -3.91 -10.92 44.23
C ALA D 17 -4.31 -11.50 42.88
N ALA D 18 -5.52 -12.08 42.79
CA ALA D 18 -5.97 -12.64 41.52
C ALA D 18 -6.15 -11.56 40.46
N ASP D 19 -6.49 -10.32 40.87
CA ASP D 19 -6.60 -9.23 39.91
C ASP D 19 -5.24 -8.91 39.30
N ILE D 20 -4.16 -9.05 40.07
CA ILE D 20 -2.84 -8.77 39.54
C ILE D 20 -2.47 -9.81 38.49
N SER D 21 -2.81 -11.08 38.73
CA SER D 21 -2.50 -12.11 37.74
C SER D 21 -3.33 -11.91 36.47
N LEU D 22 -4.60 -11.52 36.62
CA LEU D 22 -5.41 -11.25 35.42
C LEU D 22 -4.84 -10.08 34.63
N GLY D 23 -4.48 -8.99 35.33
CA GLY D 23 -3.89 -7.84 34.64
C GLY D 23 -2.60 -8.18 33.92
N ARG D 24 -1.77 -9.04 34.53
CA ARG D 24 -0.58 -9.52 33.83
C ARG D 24 -0.97 -10.29 32.56
N ALA D 25 -1.99 -11.14 32.65
CA ALA D 25 -2.44 -11.89 31.47
C ALA D 25 -2.98 -10.97 30.38
N LEU D 26 -3.71 -9.93 30.76
CA LEU D 26 -4.28 -9.01 29.76
C LEU D 26 -3.18 -8.23 29.04
N ILE D 27 -2.22 -7.69 29.80
CA ILE D 27 -1.10 -6.97 29.20
C ILE D 27 -0.34 -7.88 28.25
N GLN D 28 -0.05 -9.10 28.68
CA GLN D 28 0.74 -10.00 27.85
C GLN D 28 -0.04 -10.49 26.62
N ALA D 29 -1.37 -10.54 26.69
CA ALA D 29 -2.15 -10.83 25.49
C ALA D 29 -2.06 -9.68 24.48
N TRP D 30 -2.08 -8.43 24.96
CA TRP D 30 -1.86 -7.31 24.07
C TRP D 30 -0.46 -7.36 23.47
N GLN D 31 0.54 -7.71 24.28
CA GLN D 31 1.91 -7.71 23.79
C GLN D 31 2.16 -8.82 22.77
N LYS D 32 1.39 -9.90 22.81
CA LYS D 32 1.53 -10.99 21.86
C LYS D 32 0.63 -10.83 20.64
N ASP D 33 -0.66 -10.57 20.85
CA ASP D 33 -1.65 -10.57 19.79
C ASP D 33 -2.14 -9.18 19.40
N GLY D 34 -1.90 -8.15 20.20
CA GLY D 34 -2.41 -6.83 19.91
C GLY D 34 -3.87 -6.62 20.26
N ILE D 35 -4.52 -7.62 20.85
CA ILE D 35 -5.97 -7.60 21.06
C ILE D 35 -6.36 -8.78 21.94
N PHE D 36 -7.47 -8.65 22.67
CA PHE D 36 -8.13 -9.81 23.25
C PHE D 36 -9.63 -9.56 23.30
N GLN D 37 -10.37 -10.60 23.65
CA GLN D 37 -11.82 -10.53 23.79
C GLN D 37 -12.19 -10.60 25.25
N ILE D 38 -13.33 -9.99 25.61
CA ILE D 38 -13.89 -10.12 26.94
C ILE D 38 -15.33 -10.60 26.81
N LYS D 39 -15.70 -11.58 27.62
CA LYS D 39 -17.05 -12.13 27.59
C LYS D 39 -18.05 -11.10 28.10
N THR D 40 -19.20 -11.04 27.44
CA THR D 40 -20.29 -10.18 27.87
C THR D 40 -21.28 -10.99 28.68
N ASP D 41 -21.90 -10.35 29.67
CA ASP D 41 -23.00 -10.98 30.38
C ASP D 41 -24.30 -10.69 29.63
N SER D 42 -25.44 -11.07 30.23
CA SER D 42 -26.72 -10.94 29.54
C SER D 42 -27.09 -9.48 29.29
N GLU D 43 -26.84 -8.61 30.27
CA GLU D 43 -27.18 -7.21 30.12
C GLU D 43 -26.25 -6.51 29.14
N GLN D 44 -24.96 -6.80 29.21
CA GLN D 44 -24.03 -6.23 28.24
C GLN D 44 -24.40 -6.64 26.83
N ASP D 45 -24.73 -7.92 26.63
CA ASP D 45 -25.09 -8.39 25.30
C ASP D 45 -26.39 -7.76 24.83
N ARG D 46 -27.38 -7.65 25.72
CA ARG D 46 -28.66 -7.07 25.33
C ARG D 46 -28.50 -5.62 24.89
N LYS D 47 -27.72 -4.85 25.63
CA LYS D 47 -27.53 -3.45 25.25
C LYS D 47 -26.72 -3.33 23.97
N THR D 48 -25.82 -4.28 23.71
CA THR D 48 -25.13 -4.30 22.43
C THR D 48 -26.12 -4.51 21.29
N GLN D 49 -26.99 -5.50 21.43
CA GLN D 49 -27.96 -5.81 20.37
C GLN D 49 -28.90 -4.63 20.14
N GLU D 50 -29.35 -3.97 21.21
CA GLU D 50 -30.28 -2.86 21.06
C GLU D 50 -29.63 -1.70 20.31
N ALA D 51 -28.34 -1.45 20.56
CA ALA D 51 -27.63 -0.40 19.84
C ALA D 51 -27.48 -0.76 18.37
N MET D 52 -27.17 -2.02 18.08
CA MET D 52 -27.06 -2.47 16.69
C MET D 52 -28.41 -2.33 15.97
N ALA D 53 -29.50 -2.69 16.64
CA ALA D 53 -30.81 -2.56 16.04
C ALA D 53 -31.17 -1.11 15.78
N ALA D 54 -30.83 -0.21 16.71
CA ALA D 54 -31.10 1.20 16.51
C ALA D 54 -30.28 1.75 15.35
N SER D 55 -29.02 1.32 15.25
CA SER D 55 -28.17 1.71 14.13
C SER D 55 -28.81 1.30 12.80
N LYS D 56 -29.23 0.04 12.70
CA LYS D 56 -29.80 -0.45 11.44
C LYS D 56 -31.07 0.31 11.09
N GLN D 57 -31.90 0.60 12.08
CA GLN D 57 -33.11 1.39 11.85
C GLN D 57 -32.78 2.80 11.38
N PHE D 58 -31.79 3.44 12.01
CA PHE D 58 -31.43 4.80 11.62
C PHE D 58 -30.89 4.86 10.20
N CYS D 59 -30.09 3.87 9.80
CA CYS D 59 -29.52 3.87 8.46
C CYS D 59 -30.59 3.79 7.37
N LYS D 60 -31.78 3.28 7.72
CA LYS D 60 -32.87 3.22 6.75
C LYS D 60 -33.49 4.58 6.46
N GLU D 61 -33.20 5.60 7.27
CA GLU D 61 -33.75 6.92 7.06
C GLU D 61 -33.22 7.51 5.75
N PRO D 62 -33.95 8.47 5.16
CA PRO D 62 -33.46 9.12 3.94
C PRO D 62 -32.17 9.86 4.21
N LEU D 63 -31.30 9.89 3.19
CA LEU D 63 -30.01 10.53 3.33
C LEU D 63 -30.13 12.00 3.70
N THR D 64 -31.17 12.67 3.22
CA THR D 64 -31.35 14.08 3.57
C THR D 64 -31.60 14.26 5.07
N PHE D 65 -32.27 13.31 5.72
CA PHE D 65 -32.45 13.41 7.16
C PHE D 65 -31.15 13.08 7.91
N LYS D 66 -30.50 11.99 7.52
CA LYS D 66 -29.25 11.61 8.19
C LYS D 66 -28.24 12.74 8.10
N SER D 67 -28.11 13.37 6.92
CA SER D 67 -27.15 14.45 6.74
CA SER D 67 -27.14 14.44 6.75
C SER D 67 -27.50 15.68 7.55
N SER D 68 -28.75 15.82 8.00
CA SER D 68 -29.10 16.95 8.87
C SER D 68 -28.65 16.75 10.31
N CYS D 69 -28.26 15.54 10.69
CA CYS D 69 -27.80 15.26 12.05
C CYS D 69 -26.32 15.62 12.16
N VAL D 70 -26.06 16.94 12.15
CA VAL D 70 -24.68 17.46 12.18
C VAL D 70 -24.68 18.69 13.08
N SER D 71 -23.48 19.07 13.53
CA SER D 71 -23.27 20.19 14.43
C SER D 71 -21.98 20.90 14.03
N ASP D 72 -21.96 22.23 14.16
CA ASP D 72 -20.74 22.99 13.98
C ASP D 72 -20.01 23.25 15.29
N LEU D 73 -20.51 22.70 16.39
CA LEU D 73 -19.86 22.78 17.69
C LEU D 73 -19.13 21.50 18.07
N THR D 74 -19.71 20.34 17.76
CA THR D 74 -19.16 19.04 18.15
C THR D 74 -19.06 18.15 16.91
N TYR D 75 -18.16 17.17 16.98
CA TYR D 75 -18.06 16.20 15.89
C TYR D 75 -19.12 15.09 16.00
N SER D 76 -19.92 15.09 17.06
CA SER D 76 -21.03 14.14 17.13
C SER D 76 -21.99 14.36 15.95
N GLY D 77 -22.58 13.26 15.47
CA GLY D 77 -23.48 13.37 14.35
C GLY D 77 -23.09 12.44 13.21
N TYR D 78 -23.71 12.67 12.05
CA TYR D 78 -23.64 11.74 10.94
C TYR D 78 -22.44 12.02 10.05
N VAL D 79 -21.85 10.94 9.53
CA VAL D 79 -20.79 10.98 8.54
C VAL D 79 -21.22 10.09 7.39
N ALA D 80 -21.36 10.66 6.19
CA ALA D 80 -21.81 9.88 5.06
C ALA D 80 -20.70 8.93 4.59
N SER D 81 -21.10 7.82 3.97
CA SER D 81 -20.14 6.92 3.36
C SER D 81 -19.34 7.66 2.31
N GLY D 82 -18.02 7.63 2.43
CA GLY D 82 -17.15 8.34 1.52
C GLY D 82 -16.67 9.69 1.99
N GLU D 83 -17.14 10.16 3.16
CA GLU D 83 -16.80 11.49 3.64
C GLU D 83 -15.50 11.51 4.45
N GLU D 84 -15.33 10.57 5.38
CA GLU D 84 -14.13 10.56 6.19
C GLU D 84 -12.91 10.20 5.35
N VAL D 85 -11.77 10.79 5.70
CA VAL D 85 -10.51 10.59 4.99
CA VAL D 85 -10.52 10.57 4.99
C VAL D 85 -9.52 9.93 5.94
N THR D 86 -8.85 8.88 5.45
CA THR D 86 -7.74 8.23 6.16
C THR D 86 -6.59 8.13 5.18
N ALA D 87 -5.45 8.75 5.52
CA ALA D 87 -4.26 8.76 4.67
C ALA D 87 -4.61 9.26 3.26
N GLY D 88 -5.43 10.31 3.20
CA GLY D 88 -5.79 10.92 1.94
C GLY D 88 -6.77 10.13 1.10
N LYS D 89 -7.32 9.03 1.61
CA LYS D 89 -8.27 8.22 0.86
C LYS D 89 -9.61 8.18 1.58
N PRO D 90 -10.72 8.12 0.84
CA PRO D 90 -12.04 8.10 1.48
C PRO D 90 -12.33 6.75 2.14
N ASP D 91 -12.89 6.82 3.34
CA ASP D 91 -13.41 5.65 4.05
C ASP D 91 -14.88 5.46 3.70
N PHE D 92 -15.32 4.21 3.67
CA PHE D 92 -16.67 4.03 3.16
C PHE D 92 -17.79 3.63 4.14
N PRO D 93 -17.62 3.62 5.46
CA PRO D 93 -18.80 3.42 6.29
C PRO D 93 -19.58 4.72 6.41
N GLU D 94 -20.89 4.59 6.62
CA GLU D 94 -21.66 5.68 7.20
C GLU D 94 -21.61 5.53 8.72
N ILE D 95 -21.48 6.65 9.41
CA ILE D 95 -21.17 6.66 10.84
C ILE D 95 -22.10 7.62 11.56
N PHE D 96 -22.45 7.29 12.80
CA PHE D 96 -22.95 8.27 13.75
C PHE D 96 -21.99 8.30 14.92
N THR D 97 -21.39 9.46 15.17
CA THR D 97 -20.43 9.63 16.25
C THR D 97 -21.14 10.22 17.46
N VAL D 98 -20.92 9.63 18.63
CA VAL D 98 -21.49 10.11 19.89
C VAL D 98 -20.33 10.56 20.76
N CYS D 99 -20.14 11.87 20.89
CA CYS D 99 -19.21 12.44 21.85
C CYS D 99 -19.98 12.86 23.11
N LYS D 100 -19.26 13.43 24.07
CA LYS D 100 -19.90 13.91 25.31
C LYS D 100 -21.04 14.86 24.99
N ASP D 101 -22.23 14.56 25.51
CA ASP D 101 -23.45 15.27 25.15
C ASP D 101 -23.63 16.45 26.09
N LEU D 102 -23.16 17.62 25.66
CA LEU D 102 -23.12 18.82 26.49
C LEU D 102 -24.14 19.84 26.01
N SER D 103 -24.99 20.32 26.92
CA SER D 103 -25.95 21.34 26.59
C SER D 103 -25.25 22.66 26.23
N VAL D 104 -26.00 23.56 25.61
CA VAL D 104 -25.45 24.88 25.31
C VAL D 104 -25.23 25.68 26.58
N GLY D 105 -25.94 25.36 27.65
CA GLY D 105 -25.74 26.00 28.94
C GLY D 105 -24.56 25.49 29.73
N ASP D 106 -23.88 24.45 29.24
CA ASP D 106 -22.66 24.00 29.88
C ASP D 106 -21.58 25.08 29.72
N GLN D 107 -20.83 25.30 30.80
CA GLN D 107 -19.85 26.40 30.82
C GLN D 107 -18.80 26.22 29.73
N ARG D 108 -18.41 24.97 29.44
CA ARG D 108 -17.41 24.75 28.42
C ARG D 108 -17.92 25.14 27.04
N VAL D 109 -19.21 24.92 26.78
CA VAL D 109 -19.78 25.29 25.48
C VAL D 109 -19.92 26.80 25.37
N LYS D 110 -20.41 27.45 26.43
CA LYS D 110 -20.54 28.91 26.42
C LYS D 110 -19.19 29.59 26.18
N ALA D 111 -18.10 28.97 26.63
CA ALA D 111 -16.77 29.52 26.40
C ALA D 111 -16.21 29.16 25.03
N GLY D 112 -16.90 28.33 24.26
CA GLY D 112 -16.44 28.02 22.92
C GLY D 112 -15.30 27.03 22.85
N TRP D 113 -15.22 26.09 23.79
CA TRP D 113 -14.17 25.07 23.75
C TRP D 113 -14.34 24.22 22.50
N PRO D 114 -13.25 23.89 21.81
CA PRO D 114 -13.38 23.11 20.57
C PRO D 114 -13.93 21.73 20.87
N CYS D 115 -14.81 21.26 19.99
CA CYS D 115 -15.40 19.93 19.99
C CYS D 115 -16.48 19.75 21.06
N HIS D 116 -16.79 20.78 21.84
CA HIS D 116 -17.77 20.70 22.92
C HIS D 116 -19.13 21.19 22.42
N GLY D 117 -20.14 20.33 22.53
CA GLY D 117 -21.49 20.69 22.13
C GLY D 117 -22.47 19.54 22.26
N PRO D 118 -23.76 19.81 22.04
CA PRO D 118 -24.77 18.77 22.16
C PRO D 118 -24.82 17.87 20.93
N VAL D 119 -25.08 16.59 21.19
CA VAL D 119 -25.22 15.61 20.10
C VAL D 119 -26.48 15.92 19.30
N PRO D 120 -26.41 15.97 17.96
CA PRO D 120 -27.62 16.10 17.13
C PRO D 120 -28.34 14.78 16.95
N TRP D 121 -28.98 14.30 18.02
CA TRP D 121 -29.60 12.99 18.01
C TRP D 121 -30.66 12.91 16.92
N PRO D 122 -30.82 11.76 16.24
CA PRO D 122 -31.94 11.62 15.30
C PRO D 122 -33.29 11.61 15.99
N ASN D 123 -33.35 11.05 17.20
CA ASN D 123 -34.56 11.00 18.00
C ASN D 123 -34.15 10.55 19.39
N ASN D 124 -35.11 10.60 20.33
CA ASN D 124 -34.80 10.29 21.72
C ASN D 124 -34.68 8.79 21.98
N THR D 125 -35.37 7.97 21.19
CA THR D 125 -35.27 6.52 21.35
C THR D 125 -33.87 6.04 20.98
N TYR D 126 -33.36 6.51 19.85
CA TYR D 126 -31.97 6.27 19.47
C TYR D 126 -31.02 6.73 20.56
N GLN D 127 -31.24 7.93 21.10
CA GLN D 127 -30.35 8.48 22.12
C GLN D 127 -30.29 7.58 23.35
N LYS D 128 -31.45 7.10 23.80
CA LYS D 128 -31.48 6.24 24.99
C LYS D 128 -30.71 4.95 24.75
N SER D 129 -30.87 4.35 23.57
CA SER D 129 -30.17 3.09 23.28
C SER D 129 -28.65 3.28 23.29
N MET D 130 -28.16 4.38 22.71
CA MET D 130 -26.71 4.58 22.66
C MET D 130 -26.16 5.01 24.01
N LYS D 131 -26.90 5.84 24.74
CA LYS D 131 -26.40 6.26 26.06
C LYS D 131 -26.34 5.08 27.02
N THR D 132 -27.36 4.21 27.01
CA THR D 132 -27.35 3.01 27.85
C THR D 132 -26.17 2.10 27.49
N PHE D 133 -25.91 1.93 26.20
CA PHE D 133 -24.78 1.12 25.74
C PHE D 133 -23.45 1.70 26.22
N MET D 134 -23.28 3.03 26.08
CA MET D 134 -22.01 3.65 26.45
C MET D 134 -21.78 3.64 27.95
N GLU D 135 -22.85 3.66 28.76
CA GLU D 135 -22.67 3.53 30.20
C GLU D 135 -22.08 2.17 30.55
N GLU D 136 -22.61 1.11 29.91
CA GLU D 136 -22.09 -0.22 30.17
C GLU D 136 -20.66 -0.36 29.65
N LEU D 137 -20.39 0.17 28.46
CA LEU D 137 -19.02 0.11 27.92
C LEU D 137 -18.05 0.86 28.82
N GLY D 138 -18.49 1.96 29.42
CA GLY D 138 -17.62 2.73 30.31
C GLY D 138 -17.24 1.97 31.56
N LEU D 139 -18.19 1.22 32.14
CA LEU D 139 -17.87 0.40 33.30
C LEU D 139 -16.81 -0.64 32.96
N ALA D 140 -16.90 -1.23 31.77
CA ALA D 140 -15.88 -2.17 31.34
C ALA D 140 -14.54 -1.46 31.13
N GLY D 141 -14.56 -0.26 30.53
CA GLY D 141 -13.34 0.51 30.39
C GLY D 141 -12.63 0.76 31.70
N GLU D 142 -13.40 1.09 32.75
CA GLU D 142 -12.77 1.34 34.05
C GLU D 142 -12.21 0.06 34.66
N ARG D 143 -12.90 -1.07 34.49
CA ARG D 143 -12.34 -2.34 34.95
C ARG D 143 -11.02 -2.62 34.24
N LEU D 144 -10.99 -2.44 32.92
CA LEU D 144 -9.78 -2.72 32.14
C LEU D 144 -8.64 -1.80 32.54
N LEU D 145 -8.93 -0.53 32.82
CA LEU D 145 -7.87 0.40 33.20
C LEU D 145 -7.29 0.07 34.56
N LYS D 146 -8.14 -0.36 35.50
CA LYS D 146 -7.61 -0.77 36.81
C LYS D 146 -6.75 -2.02 36.67
N LEU D 147 -7.22 -3.00 35.89
CA LEU D 147 -6.44 -4.21 35.69
C LEU D 147 -5.12 -3.92 34.97
N THR D 148 -5.14 -2.98 34.02
CA THR D 148 -3.89 -2.63 33.32
C THR D 148 -2.89 -2.01 34.28
N ALA D 149 -3.34 -1.09 35.13
CA ALA D 149 -2.45 -0.52 36.15
C ALA D 149 -1.90 -1.62 37.06
N LEU D 150 -2.76 -2.53 37.53
CA LEU D 150 -2.31 -3.59 38.42
C LEU D 150 -1.30 -4.51 37.74
N GLY D 151 -1.53 -4.81 36.46
CA GLY D 151 -0.61 -5.68 35.73
C GLY D 151 0.79 -5.10 35.60
N PHE D 152 0.89 -3.78 35.52
CA PHE D 152 2.18 -3.09 35.51
C PHE D 152 2.66 -2.79 36.93
N GLU D 153 1.95 -3.28 37.95
CA GLU D 153 2.32 -3.08 39.36
C GLU D 153 2.36 -1.59 39.71
N LEU D 154 1.46 -0.84 39.10
CA LEU D 154 1.22 0.58 39.36
C LEU D 154 0.04 0.74 40.30
N PRO D 155 -0.07 1.89 40.98
CA PRO D 155 -1.27 2.16 41.77
C PRO D 155 -2.54 1.94 40.96
N ILE D 156 -3.54 1.34 41.60
CA ILE D 156 -4.71 0.83 40.90
C ILE D 156 -5.44 1.92 40.14
N ASN D 157 -5.39 3.17 40.61
CA ASN D 157 -6.10 4.27 39.98
C ASN D 157 -5.20 5.11 39.07
N THR D 158 -4.06 4.57 38.62
CA THR D 158 -3.15 5.37 37.81
C THR D 158 -3.82 5.88 36.53
N PHE D 159 -4.58 5.02 35.84
CA PHE D 159 -5.25 5.42 34.61
C PHE D 159 -6.63 6.00 34.86
N THR D 160 -7.38 5.43 35.80
CA THR D 160 -8.73 5.95 36.07
C THR D 160 -8.68 7.36 36.65
N ASP D 161 -7.55 7.77 37.24
CA ASP D 161 -7.43 9.15 37.69
C ASP D 161 -7.50 10.12 36.51
N LEU D 162 -7.12 9.67 35.32
CA LEU D 162 -7.14 10.51 34.12
C LEU D 162 -8.47 10.50 33.39
N THR D 163 -9.38 9.58 33.74
CA THR D 163 -10.63 9.44 33.00
C THR D 163 -11.85 9.96 33.75
N ARG D 164 -11.65 10.72 34.83
CA ARG D 164 -12.77 11.38 35.48
C ARG D 164 -13.40 12.38 34.51
N ASP D 165 -14.71 12.22 34.26
CA ASP D 165 -15.40 12.95 33.21
C ASP D 165 -14.66 12.82 31.89
N GLY D 166 -14.21 11.60 31.59
CA GLY D 166 -13.40 11.38 30.42
C GLY D 166 -14.15 11.65 29.13
N TRP D 167 -13.38 11.92 28.09
CA TRP D 167 -13.92 12.24 26.77
C TRP D 167 -14.32 10.98 26.01
N HIS D 168 -15.06 10.08 26.67
CA HIS D 168 -15.49 8.86 26.03
C HIS D 168 -16.40 9.16 24.84
N HIS D 169 -16.24 8.40 23.76
CA HIS D 169 -17.08 8.61 22.60
C HIS D 169 -17.21 7.29 21.84
N MET D 170 -18.13 7.27 20.88
CA MET D 170 -18.44 6.03 20.17
C MET D 170 -18.70 6.32 18.71
N ARG D 171 -18.23 5.43 17.85
CA ARG D 171 -18.52 5.45 16.42
C ARG D 171 -19.45 4.29 16.09
N VAL D 172 -20.66 4.60 15.63
CA VAL D 172 -21.66 3.61 15.26
C VAL D 172 -21.62 3.48 13.74
N LEU D 173 -21.24 2.30 13.24
CA LEU D 173 -20.81 2.15 11.85
C LEU D 173 -21.69 1.19 11.06
N ARG D 174 -21.92 1.52 9.80
CA ARG D 174 -22.49 0.58 8.84
C ARG D 174 -21.63 0.59 7.60
N PHE D 175 -21.07 -0.57 7.25
CA PHE D 175 -20.22 -0.71 6.07
C PHE D 175 -21.04 -1.25 4.91
N PRO D 176 -21.05 -0.60 3.75
CA PRO D 176 -21.77 -1.13 2.59
C PRO D 176 -21.09 -2.37 2.05
N PRO D 177 -21.75 -3.14 1.19
CA PRO D 177 -21.09 -4.27 0.54
C PRO D 177 -20.04 -3.81 -0.45
N GLN D 178 -19.10 -4.71 -0.75
CA GLN D 178 -18.00 -4.39 -1.64
C GLN D 178 -18.45 -4.36 -3.09
N THR D 179 -17.61 -3.78 -3.94
CA THR D 179 -17.69 -3.94 -5.40
C THR D 179 -16.51 -4.79 -5.85
N SER D 180 -16.52 -5.16 -7.13
CA SER D 180 -15.45 -6.00 -7.65
C SER D 180 -14.11 -5.29 -7.61
N THR D 181 -14.10 -3.96 -7.52
CA THR D 181 -12.85 -3.20 -7.56
C THR D 181 -12.64 -2.33 -6.34
N LEU D 182 -13.56 -2.33 -5.38
CA LEU D 182 -13.39 -1.57 -4.15
C LEU D 182 -13.69 -2.45 -2.96
N SER D 183 -12.70 -2.62 -2.09
CA SER D 183 -12.84 -3.43 -0.90
C SER D 183 -12.49 -2.67 0.38
N ARG D 184 -12.07 -1.40 0.27
N ARG D 184 -12.06 -1.41 0.28
CA ARG D 184 -11.59 -0.64 1.42
CA ARG D 184 -11.58 -0.67 1.44
C ARG D 184 -12.78 -0.11 2.23
C ARG D 184 -12.77 -0.13 2.23
N GLY D 185 -12.85 -0.49 3.50
CA GLY D 185 -13.85 0.05 4.40
C GLY D 185 -13.26 1.23 5.13
N ILE D 186 -12.29 0.96 6.00
CA ILE D 186 -11.47 2.00 6.62
C ILE D 186 -10.01 1.61 6.39
N GLY D 187 -9.18 2.60 6.05
CA GLY D 187 -7.76 2.36 5.90
C GLY D 187 -7.10 2.02 7.22
N ALA D 188 -5.88 1.51 7.13
CA ALA D 188 -5.12 1.19 8.33
C ALA D 188 -4.91 2.44 9.17
N HIS D 189 -5.08 2.30 10.49
CA HIS D 189 -4.98 3.44 11.39
C HIS D 189 -4.85 2.93 12.81
N THR D 190 -4.47 3.83 13.71
CA THR D 190 -4.61 3.61 15.14
C THR D 190 -5.56 4.65 15.70
N ASP D 191 -6.22 4.29 16.80
CA ASP D 191 -7.12 5.22 17.47
C ASP D 191 -6.39 5.88 18.64
N TYR D 192 -7.03 6.91 19.13
CA TYR D 192 -6.38 7.91 19.91
C TYR D 192 -6.32 7.96 21.41
N GLY D 193 -7.15 7.20 22.07
CA GLY D 193 -7.18 7.31 23.49
C GLY D 193 -6.50 6.20 24.25
N LEU D 194 -7.12 5.77 25.32
CA LEU D 194 -6.52 4.70 26.13
C LEU D 194 -6.91 3.32 25.61
N LEU D 195 -8.22 3.05 25.50
CA LEU D 195 -8.73 1.75 25.09
C LEU D 195 -9.74 1.91 23.96
N VAL D 196 -9.79 0.89 23.10
CA VAL D 196 -10.88 0.74 22.13
C VAL D 196 -11.61 -0.54 22.49
N ILE D 197 -12.91 -0.44 22.76
CA ILE D 197 -13.78 -1.59 23.00
C ILE D 197 -14.78 -1.63 21.86
N ALA D 198 -14.87 -2.78 21.17
CA ALA D 198 -15.58 -2.85 19.91
C ALA D 198 -16.48 -4.07 19.86
N ALA D 199 -17.60 -3.93 19.14
CA ALA D 199 -18.53 -5.02 18.91
C ALA D 199 -18.87 -5.07 17.43
N GLN D 200 -19.30 -6.24 16.96
CA GLN D 200 -19.62 -6.39 15.54
C GLN D 200 -20.68 -7.44 15.36
N ASP D 201 -21.36 -7.40 14.21
CA ASP D 201 -22.30 -8.45 13.84
C ASP D 201 -21.52 -9.64 13.28
N ASP D 202 -22.22 -10.59 12.66
CA ASP D 202 -21.59 -11.84 12.26
C ASP D 202 -21.01 -11.82 10.85
N VAL D 203 -20.94 -10.64 10.22
CA VAL D 203 -20.54 -10.60 8.81
C VAL D 203 -19.03 -10.71 8.67
N GLY D 204 -18.28 -9.88 9.40
CA GLY D 204 -16.83 -9.99 9.38
C GLY D 204 -16.17 -8.97 8.48
N GLY D 205 -15.06 -8.41 8.94
CA GLY D 205 -14.33 -7.44 8.14
C GLY D 205 -13.20 -6.71 8.83
N LEU D 206 -13.07 -6.85 10.16
CA LEU D 206 -12.05 -6.14 10.91
C LEU D 206 -10.75 -6.94 10.95
N TYR D 207 -9.63 -6.27 10.68
CA TYR D 207 -8.29 -6.84 10.76
C TYR D 207 -7.45 -5.98 11.68
N ILE D 208 -6.59 -6.62 12.48
CA ILE D 208 -5.70 -5.91 13.38
C ILE D 208 -4.28 -6.42 13.17
N ARG D 209 -3.31 -5.56 13.49
CA ARG D 209 -1.91 -5.91 13.34
C ARG D 209 -1.29 -6.16 14.71
N PRO D 210 -0.78 -7.36 14.98
CA PRO D 210 -0.12 -7.63 16.26
C PRO D 210 1.21 -6.90 16.34
N PRO D 211 1.79 -6.81 17.53
CA PRO D 211 3.19 -6.37 17.62
C PRO D 211 4.08 -7.25 16.76
N VAL D 212 5.00 -6.62 16.04
CA VAL D 212 5.93 -7.31 15.15
C VAL D 212 7.35 -7.00 15.61
N GLU D 213 8.12 -8.06 15.87
CA GLU D 213 9.50 -7.89 16.33
C GLU D 213 10.31 -7.13 15.29
N GLY D 214 11.01 -6.09 15.75
CA GLY D 214 11.83 -5.30 14.88
C GLY D 214 11.10 -4.26 14.04
N GLU D 215 9.78 -4.18 14.16
CA GLU D 215 8.99 -3.24 13.36
C GLU D 215 8.85 -1.93 14.12
N LYS D 216 9.40 -0.86 13.55
CA LYS D 216 9.22 0.46 14.13
C LYS D 216 7.78 0.94 13.94
N ARG D 217 7.20 1.50 15.00
CA ARG D 217 5.82 1.95 14.97
C ARG D 217 5.78 3.47 15.11
N ASN D 218 5.04 4.12 14.22
CA ASN D 218 4.91 5.57 14.29
C ASN D 218 4.17 6.00 15.56
N ARG D 219 4.50 7.19 16.03
CA ARG D 219 3.84 7.80 17.17
C ARG D 219 2.81 8.78 16.62
N ASN D 220 1.55 8.32 16.55
CA ASN D 220 0.50 9.05 15.86
C ASN D 220 0.15 10.39 16.49
N TRP D 221 0.64 10.66 17.71
CA TRP D 221 0.41 11.96 18.32
C TRP D 221 1.43 13.01 17.87
N LEU D 222 2.41 12.63 17.05
CA LEU D 222 3.35 13.61 16.53
C LEU D 222 2.98 13.98 15.10
N PRO D 223 3.10 15.27 14.76
CA PRO D 223 2.69 15.72 13.42
C PRO D 223 3.32 14.94 12.27
N GLY D 224 4.60 14.59 12.37
CA GLY D 224 5.27 13.91 11.28
C GLY D 224 5.26 12.40 11.33
N GLU D 225 4.46 11.78 12.21
CA GLU D 225 4.45 10.34 12.37
C GLU D 225 3.02 9.82 12.47
N SER D 226 2.17 10.18 11.51
CA SER D 226 0.81 9.67 11.53
C SER D 226 0.79 8.18 11.27
N SER D 227 -0.12 7.49 11.95
CA SER D 227 -0.29 6.05 11.76
C SER D 227 -1.19 5.70 10.59
N ALA D 228 -1.89 6.68 10.02
CA ALA D 228 -2.85 6.40 8.96
C ALA D 228 -2.16 5.80 7.75
N GLY D 229 -2.70 4.68 7.26
CA GLY D 229 -2.21 4.03 6.06
C GLY D 229 -0.99 3.15 6.24
N MET D 230 -0.34 3.17 7.41
CA MET D 230 0.89 2.42 7.60
C MET D 230 0.61 0.91 7.66
N PHE D 231 1.41 0.15 6.91
CA PHE D 231 1.35 -1.32 6.82
C PHE D 231 0.10 -1.82 6.12
N GLU D 232 -0.62 -0.94 5.42
CA GLU D 232 -1.87 -1.32 4.78
C GLU D 232 -1.73 -2.57 3.92
N HIS D 233 -0.66 -2.64 3.13
CA HIS D 233 -0.46 -3.73 2.17
C HIS D 233 0.52 -4.79 2.66
N ASP D 234 1.00 -4.69 3.90
CA ASP D 234 2.07 -5.54 4.41
C ASP D 234 1.53 -6.52 5.45
N GLU D 235 1.89 -7.78 5.31
CA GLU D 235 1.64 -8.76 6.36
C GLU D 235 2.39 -8.36 7.63
N PRO D 236 1.94 -8.79 8.82
CA PRO D 236 0.76 -9.62 9.08
C PRO D 236 -0.48 -8.83 9.49
N TRP D 237 -1.65 -9.34 9.12
CA TRP D 237 -2.94 -8.79 9.56
C TRP D 237 -3.78 -9.95 10.07
N THR D 238 -4.21 -9.86 11.33
CA THR D 238 -5.05 -10.86 11.96
C THR D 238 -6.52 -10.55 11.73
N PHE D 239 -7.26 -11.51 11.17
CA PHE D 239 -8.70 -11.34 11.01
C PHE D 239 -9.40 -11.56 12.35
N VAL D 240 -10.23 -10.60 12.76
CA VAL D 240 -10.97 -10.69 14.02
C VAL D 240 -12.28 -11.40 13.70
N THR D 241 -12.27 -12.73 13.82
CA THR D 241 -13.43 -13.55 13.50
C THR D 241 -14.62 -13.13 14.37
N PRO D 242 -15.78 -12.82 13.77
CA PRO D 242 -16.97 -12.57 14.58
C PRO D 242 -17.25 -13.74 15.52
N THR D 243 -17.37 -13.44 16.81
CA THR D 243 -17.56 -14.43 17.86
C THR D 243 -18.73 -14.00 18.73
N PRO D 244 -19.74 -14.84 18.94
CA PRO D 244 -20.88 -14.43 19.76
C PRO D 244 -20.47 -14.18 21.20
N GLY D 245 -21.10 -13.15 21.80
CA GLY D 245 -20.98 -12.92 23.23
C GLY D 245 -19.64 -12.40 23.71
N VAL D 246 -18.92 -11.63 22.88
CA VAL D 246 -17.69 -10.97 23.32
C VAL D 246 -17.63 -9.56 22.75
N TRP D 247 -16.85 -8.71 23.43
CA TRP D 247 -16.33 -7.47 22.90
C TRP D 247 -14.82 -7.63 22.72
N THR D 248 -14.26 -6.91 21.75
CA THR D 248 -12.80 -6.86 21.58
C THR D 248 -12.24 -5.63 22.29
N VAL D 249 -10.97 -5.71 22.69
CA VAL D 249 -10.29 -4.62 23.40
C VAL D 249 -8.87 -4.51 22.86
N PHE D 250 -8.44 -3.29 22.51
CA PHE D 250 -7.03 -3.08 22.19
C PHE D 250 -6.64 -1.66 22.55
N PRO D 251 -5.35 -1.38 22.71
CA PRO D 251 -4.91 -0.07 23.19
C PRO D 251 -4.96 0.99 22.09
N GLY D 252 -5.09 2.25 22.54
CA GLY D 252 -4.96 3.40 21.70
C GLY D 252 -3.68 4.16 21.94
N ASP D 253 -3.57 5.32 21.27
CA ASP D 253 -2.32 6.07 21.25
C ASP D 253 -1.82 6.42 22.66
N ILE D 254 -2.75 6.78 23.56
CA ILE D 254 -2.33 7.29 24.87
C ILE D 254 -1.68 6.17 25.68
N LEU D 255 -2.18 4.94 25.57
CA LEU D 255 -1.56 3.83 26.28
C LEU D 255 -0.16 3.55 25.73
N GLN D 256 0.02 3.66 24.41
CA GLN D 256 1.35 3.46 23.83
C GLN D 256 2.33 4.49 24.37
N PHE D 257 1.91 5.76 24.42
CA PHE D 257 2.79 6.81 24.93
C PHE D 257 3.09 6.63 26.41
N MET D 258 2.05 6.41 27.23
CA MET D 258 2.24 6.37 28.68
C MET D 258 3.10 5.17 29.10
N THR D 259 3.01 4.05 28.38
CA THR D 259 3.82 2.88 28.70
C THR D 259 5.15 2.87 27.96
N GLY D 260 5.46 3.93 27.21
CA GLY D 260 6.72 3.97 26.49
C GLY D 260 6.87 2.88 25.46
N GLY D 261 5.77 2.45 24.85
CA GLY D 261 5.82 1.41 23.85
C GLY D 261 5.75 -0.01 24.37
N GLN D 262 5.69 -0.22 25.69
CA GLN D 262 5.50 -1.58 26.20
C GLN D 262 4.13 -2.12 25.81
N LEU D 263 3.14 -1.22 25.65
CA LEU D 263 1.94 -1.50 24.89
C LEU D 263 1.98 -0.68 23.62
N LEU D 264 1.40 -1.22 22.55
CA LEU D 264 1.38 -0.53 21.26
C LEU D 264 -0.05 -0.23 20.87
N SER D 265 -0.25 0.97 20.30
CA SER D 265 -1.55 1.33 19.73
C SER D 265 -1.82 0.44 18.53
N THR D 266 -2.81 -0.44 18.65
CA THR D 266 -2.99 -1.51 17.67
C THR D 266 -3.47 -0.97 16.33
N PRO D 267 -2.68 -1.10 15.27
CA PRO D 267 -3.19 -0.70 13.95
C PRO D 267 -4.27 -1.66 13.50
N HIS D 268 -5.28 -1.12 12.82
CA HIS D 268 -6.39 -1.94 12.38
C HIS D 268 -7.04 -1.33 11.16
N LYS D 269 -7.83 -2.14 10.46
CA LYS D 269 -8.47 -1.72 9.21
C LYS D 269 -9.71 -2.56 9.00
N VAL D 270 -10.61 -2.08 8.13
CA VAL D 270 -11.85 -2.79 7.83
C VAL D 270 -11.95 -3.00 6.32
N LYS D 271 -12.28 -4.22 5.93
CA LYS D 271 -12.52 -4.56 4.54
C LYS D 271 -14.01 -4.76 4.32
N LEU D 272 -14.53 -4.20 3.22
CA LEU D 272 -15.92 -4.44 2.87
C LEU D 272 -16.13 -5.91 2.56
N ASN D 273 -17.27 -6.44 2.98
CA ASN D 273 -17.62 -7.83 2.72
C ASN D 273 -18.69 -7.89 1.62
N THR D 274 -19.22 -9.08 1.38
CA THR D 274 -20.23 -9.27 0.34
C THR D 274 -21.62 -8.81 0.77
N ARG D 275 -21.83 -8.56 2.06
CA ARG D 275 -23.04 -7.93 2.54
C ARG D 275 -22.65 -6.81 3.50
N GLU D 276 -23.63 -5.96 3.81
CA GLU D 276 -23.40 -4.85 4.73
C GLU D 276 -22.98 -5.38 6.10
N ARG D 277 -22.21 -4.57 6.82
CA ARG D 277 -21.67 -4.97 8.11
C ARG D 277 -21.90 -3.88 9.14
N PHE D 278 -22.47 -4.25 10.28
CA PHE D 278 -22.71 -3.33 11.38
C PHE D 278 -21.68 -3.54 12.47
N ALA D 279 -21.16 -2.45 13.03
CA ALA D 279 -20.17 -2.51 14.10
C ALA D 279 -20.25 -1.23 14.92
N CYS D 280 -19.83 -1.32 16.19
CA CYS D 280 -19.69 -0.14 17.05
C CYS D 280 -18.30 -0.16 17.66
N ALA D 281 -17.61 0.98 17.59
CA ALA D 281 -16.31 1.15 18.21
C ALA D 281 -16.44 2.17 19.34
N TYR D 282 -16.03 1.78 20.55
CA TYR D 282 -16.14 2.65 21.71
C TYR D 282 -14.74 3.05 22.18
N PHE D 283 -14.58 4.31 22.54
CA PHE D 283 -13.26 4.85 22.87
C PHE D 283 -13.28 5.35 24.31
N HIS D 284 -12.54 4.66 25.18
CA HIS D 284 -12.44 5.04 26.58
C HIS D 284 -11.23 5.96 26.71
N GLU D 285 -11.49 7.24 26.96
CA GLU D 285 -10.54 8.32 26.75
C GLU D 285 -10.25 9.06 28.05
N PRO D 286 -9.09 9.70 28.14
CA PRO D 286 -8.84 10.63 29.25
C PRO D 286 -9.79 11.82 29.17
N ASN D 287 -9.84 12.56 30.27
CA ASN D 287 -10.48 13.87 30.27
C ASN D 287 -9.89 14.73 29.15
N PHE D 288 -10.76 15.57 28.55
CA PHE D 288 -10.31 16.44 27.47
C PHE D 288 -9.13 17.29 27.88
N GLU D 289 -9.05 17.66 29.16
CA GLU D 289 -7.96 18.47 29.67
C GLU D 289 -6.83 17.66 30.28
N ALA D 290 -6.92 16.33 30.29
CA ALA D 290 -5.91 15.52 30.93
C ALA D 290 -4.58 15.61 30.18
N SER D 291 -3.50 15.53 30.94
CA SER D 291 -2.14 15.56 30.40
C SER D 291 -1.52 14.19 30.63
N ALA D 292 -1.39 13.40 29.57
CA ALA D 292 -0.76 12.09 29.67
C ALA D 292 0.75 12.24 29.80
N TYR D 293 1.35 11.36 30.59
CA TYR D 293 2.76 11.45 30.93
C TYR D 293 3.39 10.06 30.87
N PRO D 294 4.68 9.96 30.58
CA PRO D 294 5.34 8.65 30.56
C PRO D 294 5.45 8.06 31.96
N LEU D 295 5.00 6.81 32.09
CA LEU D 295 4.91 6.19 33.41
C LEU D 295 6.26 5.65 33.88
N PHE D 296 7.10 5.19 32.97
CA PHE D 296 8.36 4.53 33.32
C PHE D 296 9.57 5.38 32.99
N GLU D 297 9.40 6.70 32.92
CA GLU D 297 10.51 7.62 32.72
C GLU D 297 10.18 8.93 33.42
N PRO D 298 10.28 8.95 34.75
CA PRO D 298 9.83 10.13 35.51
C PRO D 298 10.66 11.38 35.24
N SER D 299 11.84 11.25 34.65
CA SER D 299 12.62 12.42 34.27
C SER D 299 12.12 13.04 32.98
N ALA D 300 11.40 12.29 32.14
CA ALA D 300 11.00 12.79 30.84
C ALA D 300 10.00 13.94 30.98
N ASN D 301 10.15 14.94 30.12
CA ASN D 301 9.29 16.12 30.13
C ASN D 301 8.16 16.05 29.10
N GLU D 302 8.15 15.03 28.26
CA GLU D 302 7.14 14.95 27.19
C GLU D 302 5.76 14.70 27.78
N ARG D 303 4.75 15.36 27.20
CA ARG D 303 3.37 15.20 27.61
C ARG D 303 2.48 15.13 26.38
N ILE D 304 1.29 14.58 26.56
CA ILE D 304 0.23 14.64 25.54
C ILE D 304 -1.01 15.22 26.20
N HIS D 305 -1.42 16.41 25.77
CA HIS D 305 -2.71 16.95 26.16
C HIS D 305 -3.77 16.26 25.30
N TYR D 306 -4.62 15.44 25.94
CA TYR D 306 -5.48 14.56 25.16
C TYR D 306 -6.43 15.35 24.26
N GLY D 307 -7.06 16.38 24.80
CA GLY D 307 -8.01 17.16 24.00
C GLY D 307 -7.37 17.76 22.76
N GLU D 308 -6.10 18.16 22.86
CA GLU D 308 -5.39 18.64 21.69
C GLU D 308 -5.21 17.53 20.67
N HIS D 309 -4.92 16.32 21.13
CA HIS D 309 -4.77 15.20 20.20
C HIS D 309 -6.10 14.84 19.55
N PHE D 310 -7.19 14.77 20.35
CA PHE D 310 -8.50 14.49 19.78
C PHE D 310 -8.84 15.49 18.68
N THR D 311 -8.68 16.78 18.98
CA THR D 311 -9.09 17.81 18.03
C THR D 311 -8.29 17.72 16.74
N ASN D 312 -6.96 17.60 16.84
CA ASN D 312 -6.13 17.48 15.65
C ASN D 312 -6.55 16.28 14.80
N MET D 313 -6.90 15.17 15.45
CA MET D 313 -7.26 13.96 14.70
C MET D 313 -8.58 14.13 13.97
N PHE D 314 -9.59 14.68 14.65
CA PHE D 314 -10.89 14.81 14.01
C PHE D 314 -10.91 15.90 12.96
N MET D 315 -10.07 16.93 13.10
CA MET D 315 -9.92 17.90 12.03
C MET D 315 -9.30 17.26 10.79
N ARG D 316 -8.36 16.32 10.98
CA ARG D 316 -7.77 15.64 9.84
C ARG D 316 -8.73 14.61 9.24
N CYS D 317 -9.62 14.01 10.05
CA CYS D 317 -10.61 13.10 9.50
C CYS D 317 -11.62 13.83 8.63
N TYR D 318 -12.01 15.04 9.04
CA TYR D 318 -13.12 15.77 8.43
C TYR D 318 -12.67 17.20 8.14
N PRO D 319 -11.80 17.39 7.15
CA PRO D 319 -11.25 18.73 6.91
C PRO D 319 -12.27 19.73 6.41
N ASP D 320 -13.35 19.29 5.76
CA ASP D 320 -14.34 20.19 5.19
C ASP D 320 -15.66 20.19 5.96
N ARG D 321 -15.72 19.50 7.09
CA ARG D 321 -16.94 19.49 7.89
C ARG D 321 -17.16 20.87 8.51
N ILE D 322 -18.43 21.24 8.69
CA ILE D 322 -18.74 22.53 9.29
C ILE D 322 -18.08 22.66 10.65
N THR D 323 -17.94 21.55 11.39
CA THR D 323 -17.28 21.59 12.69
C THR D 323 -15.84 22.05 12.57
N THR D 324 -15.12 21.53 11.56
CA THR D 324 -13.75 21.96 11.33
C THR D 324 -13.71 23.40 10.82
N GLN D 325 -14.66 23.76 9.94
CA GLN D 325 -14.69 25.12 9.40
C GLN D 325 -14.82 26.14 10.53
N ARG D 326 -15.68 25.89 11.51
CA ARG D 326 -15.87 26.84 12.59
C ARG D 326 -14.66 26.88 13.52
N ILE D 327 -14.01 25.73 13.72
CA ILE D 327 -12.81 25.71 14.56
C ILE D 327 -11.74 26.63 13.98
N ASN D 328 -11.57 26.61 12.66
CA ASN D 328 -10.58 27.47 12.02
C ASN D 328 -11.07 28.92 11.97
N LYS D 329 -12.33 29.13 11.56
CA LYS D 329 -12.84 30.49 11.40
C LYS D 329 -12.84 31.24 12.72
N GLU D 330 -13.30 30.60 13.79
CA GLU D 330 -13.27 31.21 15.12
C GLU D 330 -11.96 31.00 15.83
N ASN D 331 -10.98 30.36 15.19
CA ASN D 331 -9.66 30.09 15.77
C ASN D 331 -9.79 29.44 17.15
N ARG D 332 -10.71 28.47 17.25
CA ARG D 332 -10.92 27.78 18.52
C ARG D 332 -9.68 27.04 19.01
N LEU D 333 -8.77 26.68 18.10
CA LEU D 333 -7.54 26.02 18.48
C LEU D 333 -6.69 26.92 19.36
FE FE E . -41.29 11.82 -23.08
C1 AKG F . -40.67 12.66 -25.82
O1 AKG F . -40.90 11.68 -25.12
O2 AKG F . -40.59 12.59 -27.05
C2 AKG F . -40.54 13.81 -25.23
O5 AKG F . -40.84 13.88 -24.04
C3 AKG F . -40.04 15.07 -25.90
C4 AKG F . -38.82 15.68 -25.25
C5 AKG F . -38.40 17.02 -25.83
O3 AKG F . -37.39 17.58 -25.37
O4 AKG F . -39.09 17.50 -26.75
N ARG G . -48.38 9.79 -25.97
CA ARG G . -47.56 9.25 -24.88
C ARG G . -48.45 8.51 -23.86
O ARG G . -47.98 7.77 -22.99
CB ARG G . -46.76 10.35 -24.19
CG ARG G . -45.73 11.04 -25.08
CD ARG G . -44.47 10.18 -25.25
NE ARG G . -44.66 9.12 -26.25
CZ ARG G . -43.88 8.06 -26.37
NH1 ARG G . -44.14 7.15 -27.31
NH2 ARG G . -42.83 7.91 -25.57
OXT ARG G . -49.67 8.62 -23.90
FE FE H . 34.47 -12.32 26.89
C1 AKG I . 37.27 -12.87 27.39
O1 AKG I . 38.41 -12.66 27.79
O2 AKG I . 36.40 -11.99 27.37
C2 AKG I . 36.94 -14.06 26.98
O5 AKG I . 35.75 -14.28 26.74
C3 AKG I . 37.92 -15.20 26.79
C4 AKG I . 38.07 -15.67 25.36
C5 AKG I . 38.82 -16.99 25.19
O3 AKG I . 39.31 -17.53 26.20
O4 AKG I . 38.92 -17.45 24.04
N ARG J . 33.96 -10.96 34.62
CA ARG J . 33.25 -10.36 33.49
C ARG J . 31.89 -9.83 33.96
O ARG J . 31.48 -10.12 35.08
CB ARG J . 33.07 -11.37 32.36
CG ARG J . 34.38 -11.88 31.75
CD ARG J . 34.96 -10.86 30.75
NE ARG J . 35.64 -9.76 31.42
CZ ARG J . 36.00 -8.62 30.82
NH1 ARG J . 35.72 -8.44 29.53
NH2 ARG J . 36.62 -7.67 31.50
OXT ARG J . 31.20 -9.13 33.23
FE FE K . 16.43 -0.62 -17.95
C1 AKG L . 15.82 -1.75 -15.32
O1 AKG L . 15.60 -2.61 -14.46
O2 AKG L . 16.02 -2.03 -16.50
C2 AKG L . 15.82 -0.49 -14.98
O5 AKG L . 16.16 0.32 -15.84
C3 AKG L . 15.44 0.03 -13.62
C4 AKG L . 14.26 0.98 -13.66
C5 AKG L . 13.92 1.66 -12.34
O3 AKG L . 14.62 1.39 -11.33
O4 AKG L . 12.95 2.44 -12.30
N ARG M . 23.27 -4.62 -17.20
CA ARG M . 22.48 -4.25 -18.37
C ARG M . 23.37 -4.22 -19.62
O ARG M . 24.59 -4.28 -19.53
CB ARG M . 21.79 -2.91 -18.15
CG ARG M . 20.72 -2.92 -17.07
CD ARG M . 19.43 -3.58 -17.56
NE ARG M . 19.46 -5.03 -17.43
CZ ARG M . 18.58 -5.85 -17.98
NH1 ARG M . 17.58 -5.37 -18.72
NH2 ARG M . 18.69 -7.17 -17.80
OXT ARG M . 22.89 -4.12 -20.75
FE FE N . -10.37 2.56 14.67
C1 AKG O . -13.20 2.68 14.03
O1 AKG O . -12.31 3.40 14.47
O2 AKG O . -14.36 3.08 13.90
C2 AKG O . -12.91 1.46 13.66
O5 AKG O . -11.73 1.11 13.75
C3 AKG O . -13.92 0.48 13.11
C4 AKG O . -13.98 -0.84 13.84
C5 AKG O . -14.85 -1.91 13.19
O3 AKG O . -14.91 -3.03 13.72
O4 AKG O . -15.48 -1.62 12.15
N ARG P . -9.61 8.72 9.59
CA ARG P . -8.87 8.39 10.79
C ARG P . -7.46 8.98 10.77
O ARG P . -6.72 8.90 11.74
CB ARG P . -8.79 6.86 10.97
CG ARG P . -10.14 6.18 11.13
CD ARG P . -10.66 6.31 12.55
NE ARG P . -11.31 7.60 12.79
CZ ARG P . -11.62 8.06 14.00
NH1 ARG P . -12.20 9.25 14.13
NH2 ARG P . -11.32 7.34 15.08
OXT ARG P . -7.04 9.54 9.75
C1 B3P Q . -28.88 0.75 1.31
C2 B3P Q . -28.18 -0.45 0.75
C3 B3P Q . -28.14 2.05 1.09
N1 B3P Q . -29.01 3.17 1.45
C4 B3P Q . -28.36 4.50 1.63
C5 B3P Q . -27.62 4.87 0.34
C6 B3P Q . -29.42 5.55 1.97
C7 B3P Q . -27.37 4.39 2.80
N2 B3P Q . -28.90 -1.66 1.10
C8 B3P Q . -28.53 -2.92 0.39
C9 B3P Q . -28.87 -2.76 -1.09
C10 B3P Q . -29.33 -4.08 0.98
C11 B3P Q . -27.03 -3.17 0.54
O1 B3P Q . -30.23 -2.38 -1.28
O2 B3P Q . -29.10 -5.29 0.29
O3 B3P Q . -26.61 -3.09 1.89
O4 B3P Q . -28.45 4.66 -0.79
O5 B3P Q . -28.82 6.78 2.33
O6 B3P Q . -27.96 3.81 3.95
#